data_4PJ7
#
_entry.id   4PJ7
#
_cell.length_a   216.586
_cell.length_b   70.427
_cell.length_c   142.614
_cell.angle_alpha   90.00
_cell.angle_beta   104.00
_cell.angle_gamma   90.00
#
_symmetry.space_group_name_H-M   'C 1 2 1'
#
loop_
_entity.id
_entity.type
_entity.pdbx_description
1 polymer 'Major histocompatibility complex class I-related gene protein'
2 polymer Beta-2-microglobulin
3 polymer TCR-alpha
4 polymer TCR-beta
5 non-polymer 1-deoxy-1-({2,6-dioxo-5-[(E)-propylideneamino]-1,2,3,6-tetrahydropyrimidin-4-yl}amino)-D-ribitol
6 water water
#
loop_
_entity_poly.entity_id
_entity_poly.type
_entity_poly.pdbx_seq_one_letter_code
_entity_poly.pdbx_strand_id
1 'polypeptide(L)'
;MRTHSLRYFRLGVSDPIHGVPEFISVGYVDSHPITTYDSVTRQKEPRAPWMAENLAPDHWERYTQLLRGWQQMFKVELKR
LQRHYNHSGSHTYQRMIGCELLEDGSTTGFLQYAYDGQDFLIFNKDTLSWLAVDNVAHTIKQAWEANQHELLYQKNWLEE
ECIAWLKRFLEYGKDTLQRTEPPLVRVNRKETFPGVTALFCKAHGFYPPEIYMTWMKNGEEIVQEIDYGDILPSGDGTYQ
AWASIELDPQSSNLYSCHVEHSGVHMVLQVP
;
A,C
2 'polypeptide(L)'
;IQRTPKIQVYSRHPAENGKSNFLNCYVSGFHPSDIEVDLLKNGERIEKVEHSDLSFSKDWSFYLLYYTEFTPTEKDEYAC
RVNHVTLSQPKIVKWDRDM
;
B,D
3 'polypeptide(L)'
;GQNIDQPTEMTATEGAIVQINCTYQTSGFNGLFWYQQHAGEAPTFLSYNVLDGLEEKGRFSSFLSRSKGYSYLLLKELQM
KDSASYLCAVMDSNYQLIWGAGTKLIIKPDIQNPDPAVYQLRDSKSSDKSVCLFTDFDSQTNVSQSKDSDVYITDKCVLD
MRSMDFKSNSAVAWSNKSDFACANAFNNSIIPEDTFFPSPESS
;
E,G
4 'polypeptide(L)'
;MIAGITQAPTSQILAAGRRMTLRCTQDMRHNAMYWYRQDLGLGLRLIHYSNTAGTTGKGEVPDGYSVSRANTDDFPLTLA
SAVPSQTSVYFCASSGGTNNEQFFGPGTRLTVLEDLKNVFPPEVAVFEPSEAEISHTQKATLVCLATGFYPDHVELSWWV
NGKEVHSGVCTDPQPLKEQPALNDSRYALSSRLRVSATFWQNPRNHFRCQVQFYGLSENDEWTQDRAKPVTQIVSAEAWG
RAD
;
F,H
#
loop_
_chem_comp.id
_chem_comp.type
_chem_comp.name
_chem_comp.formula
2LJ non-polymer 1-deoxy-1-({2,6-dioxo-5-[(E)-propylideneamino]-1,2,3,6-tetrahydropyrimidin-4-yl}amino)-D-ribitol 'C12 H20 N4 O6'
#
# COMPACT_ATOMS: atom_id res chain seq x y z
N MET A 1 17.38 -16.78 -24.89
CA MET A 1 16.20 -16.48 -24.08
C MET A 1 16.32 -15.11 -23.42
N ARG A 2 15.19 -14.37 -23.44
CA ARG A 2 15.02 -13.07 -22.81
C ARG A 2 14.50 -13.31 -21.36
N THR A 3 14.06 -12.25 -20.67
CA THR A 3 13.55 -12.36 -19.30
C THR A 3 12.17 -13.05 -19.25
N HIS A 4 12.03 -14.10 -18.46
CA HIS A 4 10.76 -14.81 -18.29
C HIS A 4 10.38 -14.96 -16.80
N SER A 5 9.09 -15.02 -16.50
CA SER A 5 8.59 -15.12 -15.13
C SER A 5 7.43 -16.10 -14.98
N LEU A 6 7.31 -16.70 -13.78
CA LEU A 6 6.24 -17.59 -13.36
C LEU A 6 5.68 -16.97 -12.09
N ARG A 7 4.34 -16.81 -12.02
CA ARG A 7 3.67 -16.25 -10.83
C ARG A 7 2.36 -16.97 -10.60
N TYR A 8 1.98 -17.07 -9.35
CA TYR A 8 0.70 -17.59 -8.92
C TYR A 8 0.10 -16.61 -7.96
N PHE A 9 -1.15 -16.31 -8.17
CA PHE A 9 -1.92 -15.43 -7.35
C PHE A 9 -3.05 -16.21 -6.70
N ARG A 10 -3.44 -15.77 -5.52
CA ARG A 10 -4.55 -16.26 -4.72
C ARG A 10 -5.34 -15.04 -4.29
N LEU A 11 -6.68 -15.11 -4.48
CA LEU A 11 -7.61 -14.09 -4.06
C LEU A 11 -8.65 -14.73 -3.16
N GLY A 12 -8.83 -14.16 -1.97
CA GLY A 12 -9.81 -14.55 -0.97
C GLY A 12 -10.76 -13.40 -0.69
N VAL A 13 -12.09 -13.64 -0.79
CA VAL A 13 -13.10 -12.63 -0.49
C VAL A 13 -14.01 -13.12 0.63
N SER A 14 -14.08 -12.36 1.75
CA SER A 14 -15.01 -12.71 2.83
C SER A 14 -16.39 -12.23 2.41
N ASP A 15 -17.43 -13.02 2.72
CA ASP A 15 -18.84 -12.79 2.34
C ASP A 15 -19.06 -12.15 0.92
N PRO A 16 -18.73 -12.93 -0.14
CA PRO A 16 -18.88 -12.41 -1.51
C PRO A 16 -20.33 -12.16 -1.94
N ILE A 17 -20.51 -11.33 -3.01
CA ILE A 17 -21.81 -11.02 -3.63
C ILE A 17 -22.38 -12.27 -4.32
N HIS A 18 -23.51 -12.12 -5.06
CA HIS A 18 -24.20 -13.22 -5.75
C HIS A 18 -23.36 -14.19 -6.61
N GLY A 19 -22.67 -13.65 -7.63
CA GLY A 19 -21.84 -14.44 -8.53
C GLY A 19 -20.53 -14.90 -7.90
N VAL A 20 -19.60 -13.94 -7.75
CA VAL A 20 -18.24 -14.03 -7.21
C VAL A 20 -17.86 -15.21 -6.25
N PRO A 21 -16.75 -15.97 -6.55
CA PRO A 21 -16.32 -17.04 -5.63
C PRO A 21 -15.56 -16.47 -4.44
N GLU A 22 -15.53 -17.23 -3.37
CA GLU A 22 -14.86 -16.92 -2.12
C GLU A 22 -13.33 -16.98 -2.32
N PHE A 23 -12.86 -17.87 -3.22
CA PHE A 23 -11.44 -18.11 -3.49
C PHE A 23 -11.18 -18.32 -4.96
N ILE A 24 -10.10 -17.74 -5.46
CA ILE A 24 -9.59 -17.87 -6.84
C ILE A 24 -8.05 -17.96 -6.80
N SER A 25 -7.49 -18.83 -7.64
CA SER A 25 -6.04 -18.95 -7.82
C SER A 25 -5.74 -19.16 -9.29
N VAL A 26 -4.90 -18.27 -9.84
CA VAL A 26 -4.46 -18.26 -11.24
C VAL A 26 -2.93 -18.19 -11.31
N GLY A 27 -2.35 -18.90 -12.28
CA GLY A 27 -0.93 -18.91 -12.61
C GLY A 27 -0.68 -18.24 -13.95
N TYR A 28 0.50 -17.62 -14.10
CA TYR A 28 0.94 -16.90 -15.30
C TYR A 28 2.35 -17.20 -15.64
N VAL A 29 2.63 -17.40 -16.92
CA VAL A 29 4.00 -17.48 -17.43
C VAL A 29 4.04 -16.21 -18.28
N ASP A 30 4.83 -15.20 -17.86
CA ASP A 30 4.87 -13.86 -18.48
C ASP A 30 3.46 -13.21 -18.41
N SER A 31 2.89 -12.82 -19.52
CA SER A 31 1.55 -12.19 -19.53
C SER A 31 0.47 -13.24 -19.75
N HIS A 32 0.84 -14.51 -19.97
CA HIS A 32 -0.10 -15.59 -20.26
C HIS A 32 -0.67 -16.36 -19.08
N PRO A 33 -2.03 -16.39 -18.92
CA PRO A 33 -2.63 -17.27 -17.89
C PRO A 33 -2.31 -18.74 -18.24
N ILE A 34 -1.94 -19.56 -17.23
CA ILE A 34 -1.59 -20.98 -17.46
C ILE A 34 -2.51 -21.99 -16.76
N THR A 35 -2.99 -21.64 -15.58
CA THR A 35 -3.82 -22.51 -14.75
C THR A 35 -4.86 -21.70 -14.03
N THR A 36 -5.98 -22.34 -13.67
CA THR A 36 -7.05 -21.69 -12.90
C THR A 36 -7.76 -22.61 -11.89
N TYR A 37 -8.17 -22.06 -10.76
CA TYR A 37 -8.88 -22.78 -9.72
C TYR A 37 -9.76 -21.78 -9.00
N ASP A 38 -10.94 -22.22 -8.58
CA ASP A 38 -11.85 -21.43 -7.75
C ASP A 38 -12.71 -22.30 -6.87
N SER A 39 -13.30 -21.71 -5.85
CA SER A 39 -14.17 -22.38 -4.89
C SER A 39 -15.53 -22.83 -5.48
N VAL A 40 -15.85 -22.48 -6.74
CA VAL A 40 -17.08 -22.94 -7.39
C VAL A 40 -16.79 -24.28 -8.14
N THR A 41 -15.86 -24.24 -9.15
CA THR A 41 -15.44 -25.41 -9.93
C THR A 41 -14.77 -26.46 -9.03
N ARG A 42 -13.91 -25.98 -8.07
CA ARG A 42 -13.12 -26.79 -7.14
C ARG A 42 -12.15 -27.69 -7.88
N GLN A 43 -11.74 -27.26 -9.08
CA GLN A 43 -10.81 -27.99 -9.96
C GLN A 43 -9.73 -27.10 -10.51
N LYS A 44 -8.48 -27.59 -10.51
CA LYS A 44 -7.37 -26.91 -11.16
C LYS A 44 -7.47 -27.28 -12.65
N GLU A 45 -7.62 -26.27 -13.51
CA GLU A 45 -7.80 -26.45 -14.94
C GLU A 45 -6.73 -25.69 -15.71
N PRO A 46 -6.36 -26.16 -16.93
CA PRO A 46 -5.43 -25.37 -17.76
C PRO A 46 -6.13 -24.14 -18.35
N ARG A 47 -5.35 -23.08 -18.63
CA ARG A 47 -5.84 -21.85 -19.24
C ARG A 47 -5.03 -21.54 -20.51
N ALA A 48 -4.08 -22.45 -20.85
CA ALA A 48 -3.23 -22.44 -22.07
C ALA A 48 -3.27 -23.86 -22.72
N PRO A 49 -3.34 -23.97 -24.06
CA PRO A 49 -3.39 -25.30 -24.70
C PRO A 49 -2.11 -26.09 -24.47
N TRP A 50 -0.97 -25.41 -24.43
CA TRP A 50 0.32 -26.05 -24.22
C TRP A 50 0.56 -26.59 -22.82
N MET A 51 -0.33 -26.21 -21.87
CA MET A 51 -0.31 -26.73 -20.50
C MET A 51 -1.15 -28.04 -20.47
N ALA A 52 -2.35 -27.99 -21.10
CA ALA A 52 -3.30 -29.09 -21.20
C ALA A 52 -2.68 -30.35 -21.86
N GLU A 53 -1.89 -30.13 -22.92
CA GLU A 53 -1.23 -31.17 -23.71
C GLU A 53 0.07 -31.73 -23.12
N ASN A 54 0.69 -31.04 -22.15
CA ASN A 54 1.98 -31.46 -21.59
C ASN A 54 1.99 -31.93 -20.13
N LEU A 55 0.91 -31.67 -19.41
CA LEU A 55 0.79 -32.10 -18.03
C LEU A 55 -0.35 -33.12 -17.98
N ALA A 56 0.00 -34.36 -17.60
CA ALA A 56 -0.86 -35.53 -17.50
C ALA A 56 -1.97 -35.34 -16.44
N PRO A 57 -3.07 -36.11 -16.46
CA PRO A 57 -4.14 -35.89 -15.46
C PRO A 57 -3.73 -35.95 -14.00
N ASP A 58 -2.73 -36.76 -13.67
CA ASP A 58 -2.20 -36.90 -12.31
C ASP A 58 -1.79 -35.53 -11.72
N HIS A 59 -1.23 -34.64 -12.58
CA HIS A 59 -0.82 -33.31 -12.19
C HIS A 59 -2.04 -32.50 -11.75
N TRP A 60 -3.12 -32.55 -12.57
CA TRP A 60 -4.34 -31.80 -12.32
C TRP A 60 -5.07 -32.32 -11.09
N GLU A 61 -5.03 -33.67 -10.84
CA GLU A 61 -5.60 -34.35 -9.68
C GLU A 61 -4.92 -33.93 -8.36
N ARG A 62 -3.59 -34.05 -8.32
CA ARG A 62 -2.76 -33.72 -7.17
C ARG A 62 -2.90 -32.25 -6.81
N TYR A 63 -2.75 -31.36 -7.79
CA TYR A 63 -2.88 -29.92 -7.53
C TYR A 63 -4.26 -29.48 -7.16
N THR A 64 -5.30 -30.12 -7.64
CA THR A 64 -6.68 -29.85 -7.20
C THR A 64 -6.79 -30.10 -5.68
N GLN A 65 -6.30 -31.25 -5.19
CA GLN A 65 -6.28 -31.61 -3.76
C GLN A 65 -5.52 -30.58 -2.91
N LEU A 66 -4.34 -30.15 -3.41
CA LEU A 66 -3.54 -29.11 -2.81
C LEU A 66 -4.29 -27.78 -2.75
N LEU A 67 -4.95 -27.38 -3.86
CA LEU A 67 -5.69 -26.12 -3.91
C LEU A 67 -6.90 -26.06 -3.01
N ARG A 68 -7.55 -27.20 -2.77
CA ARG A 68 -8.67 -27.33 -1.83
C ARG A 68 -8.21 -27.07 -0.37
N GLY A 69 -7.02 -27.52 -0.03
CA GLY A 69 -6.41 -27.26 1.26
C GLY A 69 -6.05 -25.80 1.40
N TRP A 70 -5.45 -25.22 0.36
CA TRP A 70 -5.04 -23.82 0.32
C TRP A 70 -6.21 -22.88 0.39
N GLN A 71 -7.31 -23.23 -0.27
CA GLN A 71 -8.57 -22.54 -0.24
C GLN A 71 -9.05 -22.42 1.20
N GLN A 72 -9.06 -23.54 1.95
CA GLN A 72 -9.49 -23.55 3.33
C GLN A 72 -8.64 -22.72 4.28
N MET A 73 -7.30 -22.80 4.12
CA MET A 73 -6.33 -22.04 4.90
C MET A 73 -6.43 -20.53 4.67
N PHE A 74 -6.81 -20.12 3.45
CA PHE A 74 -7.00 -18.73 3.03
C PHE A 74 -8.24 -18.11 3.70
N LYS A 75 -9.35 -18.90 3.81
CA LYS A 75 -10.58 -18.49 4.48
C LYS A 75 -10.35 -18.21 5.99
N VAL A 76 -9.53 -19.06 6.64
CA VAL A 76 -9.15 -18.97 8.05
C VAL A 76 -8.24 -17.74 8.30
N GLU A 77 -7.22 -17.54 7.46
CA GLU A 77 -6.28 -16.41 7.51
C GLU A 77 -6.94 -15.08 7.36
N LEU A 78 -7.92 -14.96 6.45
CA LEU A 78 -8.70 -13.73 6.29
C LEU A 78 -9.65 -13.46 7.50
N LYS A 79 -10.19 -14.50 8.13
CA LYS A 79 -11.01 -14.39 9.36
C LYS A 79 -10.15 -13.85 10.51
N ARG A 80 -8.95 -14.39 10.70
CA ARG A 80 -8.00 -13.90 11.70
C ARG A 80 -7.61 -12.44 11.42
N LEU A 81 -7.29 -12.09 10.13
CA LEU A 81 -6.94 -10.71 9.72
C LEU A 81 -8.02 -9.70 10.05
N GLN A 82 -9.26 -9.97 9.62
CA GLN A 82 -10.44 -9.16 9.91
C GLN A 82 -10.67 -8.98 11.39
N ARG A 83 -10.42 -10.05 12.18
CA ARG A 83 -10.55 -10.00 13.62
C ARG A 83 -9.49 -9.05 14.22
N HIS A 84 -8.22 -9.15 13.76
CA HIS A 84 -7.14 -8.27 14.22
C HIS A 84 -7.41 -6.77 13.97
N TYR A 85 -7.93 -6.43 12.78
CA TYR A 85 -8.22 -5.06 12.39
C TYR A 85 -9.54 -4.59 12.99
N ASN A 86 -10.33 -5.51 13.59
CA ASN A 86 -11.68 -5.28 14.12
C ASN A 86 -12.57 -4.84 12.94
N HIS A 87 -12.51 -5.62 11.84
CA HIS A 87 -13.24 -5.36 10.58
C HIS A 87 -14.41 -6.31 10.31
N SER A 88 -15.51 -5.72 9.86
CA SER A 88 -16.74 -6.43 9.49
C SER A 88 -17.06 -6.10 8.02
N GLY A 89 -17.85 -6.96 7.38
CA GLY A 89 -18.21 -6.76 5.98
C GLY A 89 -17.31 -7.57 5.08
N SER A 90 -17.28 -7.19 3.81
CA SER A 90 -16.47 -7.88 2.82
C SER A 90 -15.09 -7.27 2.70
N HIS A 91 -14.06 -8.12 2.84
CA HIS A 91 -12.65 -7.74 2.78
C HIS A 91 -11.92 -8.74 1.92
N THR A 92 -10.80 -8.31 1.31
CA THR A 92 -10.01 -9.19 0.46
C THR A 92 -8.66 -9.54 1.09
N TYR A 93 -8.14 -10.69 0.67
CA TYR A 93 -6.86 -11.21 1.07
C TYR A 93 -6.25 -11.75 -0.23
N GLN A 94 -5.03 -11.35 -0.52
CA GLN A 94 -4.33 -11.73 -1.74
C GLN A 94 -2.89 -12.17 -1.42
N ARG A 95 -2.39 -13.06 -2.25
CA ARG A 95 -1.05 -13.57 -2.21
C ARG A 95 -0.50 -13.57 -3.64
N MET A 96 0.79 -13.36 -3.78
CA MET A 96 1.51 -13.52 -5.03
C MET A 96 2.89 -14.13 -4.74
N ILE A 97 3.15 -15.24 -5.40
CA ILE A 97 4.41 -15.95 -5.36
C ILE A 97 4.98 -16.04 -6.78
N GLY A 98 6.28 -15.96 -6.90
CA GLY A 98 6.85 -16.07 -8.23
C GLY A 98 8.33 -16.05 -8.34
N CYS A 99 8.72 -15.95 -9.61
CA CYS A 99 9.97 -16.23 -10.32
C CYS A 99 10.36 -15.30 -11.30
N GLU A 100 11.64 -15.14 -11.52
CA GLU A 100 12.14 -14.55 -12.77
C GLU A 100 13.45 -15.19 -13.14
N LEU A 101 13.57 -15.58 -14.39
CA LEU A 101 14.81 -16.09 -14.97
C LEU A 101 15.24 -14.98 -15.93
N LEU A 102 16.29 -14.27 -15.58
CA LEU A 102 16.76 -13.14 -16.33
C LEU A 102 17.58 -13.51 -17.55
N GLU A 103 17.74 -12.58 -18.50
CA GLU A 103 18.51 -12.78 -19.74
C GLU A 103 19.96 -13.25 -19.45
N ASP A 104 20.63 -12.63 -18.45
CA ASP A 104 22.00 -12.98 -18.00
C ASP A 104 22.10 -14.33 -17.25
N GLY A 105 20.98 -15.01 -17.02
CA GLY A 105 20.94 -16.30 -16.34
C GLY A 105 20.70 -16.21 -14.83
N SER A 106 20.73 -14.98 -14.26
CA SER A 106 20.46 -14.79 -12.84
C SER A 106 18.93 -14.96 -12.55
N THR A 107 18.55 -15.14 -11.27
CA THR A 107 17.15 -15.36 -10.88
C THR A 107 16.67 -14.42 -9.80
N THR A 108 15.37 -14.23 -9.70
CA THR A 108 14.66 -13.43 -8.70
C THR A 108 13.53 -14.33 -8.16
N GLY A 109 13.13 -14.10 -6.94
CA GLY A 109 12.06 -14.79 -6.27
C GLY A 109 11.32 -13.81 -5.39
N PHE A 110 10.02 -13.93 -5.33
CA PHE A 110 9.17 -13.04 -4.54
C PHE A 110 7.96 -13.76 -3.98
N LEU A 111 7.57 -13.38 -2.77
CA LEU A 111 6.43 -13.89 -2.04
C LEU A 111 5.86 -12.74 -1.23
N GLN A 112 4.61 -12.36 -1.53
CA GLN A 112 3.94 -11.20 -0.95
C GLN A 112 2.49 -11.46 -0.67
N TYR A 113 1.97 -10.76 0.35
CA TYR A 113 0.57 -10.78 0.76
C TYR A 113 0.04 -9.37 0.81
N ALA A 114 -1.26 -9.25 0.53
CA ALA A 114 -2.03 -8.01 0.58
C ALA A 114 -3.37 -8.21 1.30
N TYR A 115 -3.80 -7.17 2.07
CA TYR A 115 -5.09 -7.11 2.75
C TYR A 115 -5.80 -5.88 2.21
N ASP A 116 -7.01 -6.06 1.64
CA ASP A 116 -7.78 -4.99 0.99
C ASP A 116 -7.04 -4.29 -0.19
N GLY A 117 -6.16 -5.03 -0.88
CA GLY A 117 -5.38 -4.58 -2.03
C GLY A 117 -4.14 -3.78 -1.70
N GLN A 118 -3.77 -3.72 -0.42
CA GLN A 118 -2.58 -3.00 -0.01
C GLN A 118 -1.55 -3.97 0.50
N ASP A 119 -0.24 -3.67 0.35
CA ASP A 119 0.83 -4.55 0.85
C ASP A 119 0.63 -4.87 2.31
N PHE A 120 0.89 -6.12 2.68
CA PHE A 120 0.67 -6.55 4.06
C PHE A 120 1.95 -7.11 4.64
N LEU A 121 2.47 -8.18 4.02
CA LEU A 121 3.69 -8.91 4.39
C LEU A 121 4.49 -9.19 3.12
N ILE A 122 5.80 -8.92 3.16
CA ILE A 122 6.71 -9.10 2.03
C ILE A 122 7.85 -9.98 2.51
N PHE A 123 8.02 -11.16 1.90
CA PHE A 123 9.09 -12.10 2.26
C PHE A 123 10.41 -11.65 1.71
N ASN A 124 11.47 -11.77 2.51
CA ASN A 124 12.88 -11.51 2.12
C ASN A 124 13.57 -12.87 2.21
N LYS A 125 13.76 -13.54 1.07
CA LYS A 125 14.39 -14.88 1.06
C LYS A 125 15.91 -14.87 1.40
N ASP A 126 16.52 -13.68 1.38
CA ASP A 126 17.95 -13.52 1.62
C ASP A 126 18.30 -13.41 3.09
N THR A 127 17.39 -12.82 3.89
CA THR A 127 17.56 -12.69 5.35
C THR A 127 16.60 -13.64 6.08
N LEU A 128 15.72 -14.35 5.32
CA LEU A 128 14.68 -15.28 5.80
C LEU A 128 13.76 -14.59 6.80
N SER A 129 13.14 -13.52 6.34
CA SER A 129 12.32 -12.65 7.18
C SER A 129 11.10 -12.13 6.46
N TRP A 130 10.12 -11.69 7.22
CA TRP A 130 8.92 -11.03 6.69
C TRP A 130 8.94 -9.56 7.07
N LEU A 131 8.62 -8.71 6.11
CA LEU A 131 8.54 -7.29 6.32
C LEU A 131 7.08 -6.99 6.50
N ALA A 132 6.75 -6.43 7.69
CA ALA A 132 5.42 -6.07 8.14
C ALA A 132 5.14 -4.55 7.92
N VAL A 133 3.94 -4.21 7.40
CA VAL A 133 3.53 -2.81 7.14
C VAL A 133 2.99 -2.12 8.37
N ASP A 134 2.28 -2.86 9.23
CA ASP A 134 1.66 -2.32 10.44
C ASP A 134 1.81 -3.30 11.58
N ASN A 135 1.08 -3.07 12.69
CA ASN A 135 1.14 -3.95 13.86
C ASN A 135 0.38 -5.25 13.72
N VAL A 136 -0.69 -5.28 12.92
CA VAL A 136 -1.43 -6.52 12.65
C VAL A 136 -0.41 -7.45 11.89
N ALA A 137 0.20 -6.90 10.82
CA ALA A 137 1.21 -7.59 10.03
C ALA A 137 2.38 -8.01 10.92
N HIS A 138 2.76 -7.15 11.90
CA HIS A 138 3.81 -7.47 12.86
C HIS A 138 3.46 -8.70 13.74
N THR A 139 2.20 -8.83 14.14
CA THR A 139 1.73 -9.96 14.94
C THR A 139 1.81 -11.29 14.13
N ILE A 140 1.43 -11.25 12.83
CA ILE A 140 1.46 -12.40 11.91
C ILE A 140 2.90 -12.82 11.59
N LYS A 141 3.76 -11.84 11.32
CA LYS A 141 5.20 -11.97 11.08
C LYS A 141 5.85 -12.84 12.16
N GLN A 142 5.59 -12.49 13.45
CA GLN A 142 6.16 -13.18 14.61
C GLN A 142 5.82 -14.66 14.66
N ALA A 143 4.59 -15.01 14.33
CA ALA A 143 4.10 -16.38 14.25
C ALA A 143 4.82 -17.15 13.11
N TRP A 144 4.89 -16.53 11.94
CA TRP A 144 5.51 -17.08 10.74
C TRP A 144 7.03 -17.27 10.83
N GLU A 145 7.72 -16.35 11.52
CA GLU A 145 9.17 -16.38 11.71
C GLU A 145 9.65 -17.40 12.75
N ALA A 146 8.71 -17.91 13.57
CA ALA A 146 8.93 -18.91 14.62
C ALA A 146 9.12 -20.31 13.99
N ASN A 147 8.59 -20.51 12.77
CA ASN A 147 8.66 -21.75 12.01
C ASN A 147 9.83 -21.64 11.03
N GLN A 148 11.04 -21.94 11.52
CA GLN A 148 12.27 -21.86 10.73
C GLN A 148 12.25 -22.80 9.51
N HIS A 149 11.66 -23.98 9.67
CA HIS A 149 11.52 -24.98 8.62
C HIS A 149 10.69 -24.47 7.46
N GLU A 150 9.60 -23.77 7.74
CA GLU A 150 8.76 -23.23 6.67
C GLU A 150 9.50 -22.13 5.88
N LEU A 151 10.28 -21.26 6.58
CA LEU A 151 11.08 -20.19 5.96
C LEU A 151 12.10 -20.81 4.98
N LEU A 152 12.80 -21.85 5.42
CA LEU A 152 13.78 -22.57 4.63
C LEU A 152 13.15 -23.23 3.43
N TYR A 153 11.98 -23.86 3.64
CA TYR A 153 11.18 -24.49 2.59
C TYR A 153 10.82 -23.43 1.56
N GLN A 154 10.42 -22.23 2.01
CA GLN A 154 10.04 -21.15 1.12
C GLN A 154 11.20 -20.60 0.27
N LYS A 155 12.41 -20.51 0.85
CA LYS A 155 13.63 -20.12 0.15
C LYS A 155 13.96 -21.16 -0.91
N ASN A 156 13.92 -22.47 -0.56
CA ASN A 156 14.18 -23.52 -1.55
C ASN A 156 13.14 -23.53 -2.68
N TRP A 157 11.85 -23.33 -2.38
CA TRP A 157 10.83 -23.32 -3.41
C TRP A 157 11.06 -22.17 -4.39
N LEU A 158 11.33 -20.97 -3.85
CA LEU A 158 11.57 -19.77 -4.63
C LEU A 158 12.80 -19.82 -5.54
N GLU A 159 13.93 -20.26 -5.00
CA GLU A 159 15.22 -20.31 -5.71
C GLU A 159 15.38 -21.50 -6.65
N GLU A 160 14.83 -22.65 -6.24
CA GLU A 160 15.02 -23.88 -6.98
C GLU A 160 13.84 -24.42 -7.72
N GLU A 161 12.76 -24.69 -7.00
CA GLU A 161 11.53 -25.29 -7.55
C GLU A 161 10.83 -24.41 -8.54
N CYS A 162 10.65 -23.15 -8.20
CA CYS A 162 9.97 -22.24 -9.09
C CYS A 162 10.67 -22.10 -10.45
N ILE A 163 12.02 -21.96 -10.45
CA ILE A 163 12.84 -21.84 -11.66
C ILE A 163 12.71 -23.09 -12.52
N ALA A 164 12.75 -24.28 -11.89
CA ALA A 164 12.59 -25.54 -12.59
C ALA A 164 11.18 -25.65 -13.26
N TRP A 165 10.10 -25.17 -12.60
CA TRP A 165 8.76 -25.20 -13.22
C TRP A 165 8.75 -24.21 -14.38
N LEU A 166 9.31 -23.00 -14.16
CA LEU A 166 9.40 -21.99 -15.19
C LEU A 166 10.11 -22.53 -16.46
N LYS A 167 11.30 -23.14 -16.29
CA LYS A 167 12.05 -23.72 -17.39
C LYS A 167 11.26 -24.83 -18.10
N ARG A 168 10.48 -25.59 -17.35
CA ARG A 168 9.62 -26.67 -17.85
C ARG A 168 8.50 -26.10 -18.75
N PHE A 169 7.72 -25.12 -18.24
CA PHE A 169 6.62 -24.45 -18.95
C PHE A 169 7.06 -23.64 -20.14
N LEU A 170 8.28 -23.04 -20.09
CA LEU A 170 8.85 -22.28 -21.21
C LEU A 170 9.07 -23.18 -22.38
N GLU A 171 9.51 -24.43 -22.12
CA GLU A 171 9.68 -25.45 -23.14
C GLU A 171 8.33 -25.85 -23.73
N TYR A 172 7.32 -26.15 -22.91
CA TYR A 172 5.98 -26.48 -23.42
C TYR A 172 5.36 -25.35 -24.27
N GLY A 173 5.51 -24.11 -23.80
CA GLY A 173 4.95 -22.94 -24.48
C GLY A 173 5.85 -22.21 -25.46
N LYS A 174 6.99 -22.83 -25.84
CA LYS A 174 8.01 -22.22 -26.71
C LYS A 174 7.54 -21.53 -27.97
N ASP A 175 6.54 -22.10 -28.66
CA ASP A 175 6.01 -21.49 -29.88
C ASP A 175 5.24 -20.20 -29.66
N THR A 176 4.72 -19.99 -28.45
CA THR A 176 4.00 -18.79 -28.06
C THR A 176 4.98 -17.82 -27.40
N LEU A 177 5.56 -18.25 -26.28
CA LEU A 177 6.44 -17.51 -25.38
C LEU A 177 7.74 -16.99 -25.95
N GLN A 178 8.37 -17.77 -26.82
CA GLN A 178 9.68 -17.41 -27.34
C GLN A 178 9.70 -16.76 -28.73
N ARG A 179 8.51 -16.50 -29.28
CA ARG A 179 8.28 -15.89 -30.58
C ARG A 179 8.52 -14.37 -30.54
N THR A 180 8.71 -13.77 -31.71
CA THR A 180 8.81 -12.32 -31.85
C THR A 180 7.93 -11.93 -33.01
N GLU A 181 7.03 -10.97 -32.79
CA GLU A 181 6.18 -10.35 -33.80
C GLU A 181 6.65 -8.88 -33.78
N PRO A 182 7.38 -8.42 -34.81
CA PRO A 182 7.91 -7.03 -34.81
C PRO A 182 6.80 -5.98 -34.88
N PRO A 183 7.03 -4.77 -34.32
CA PRO A 183 5.96 -3.76 -34.38
C PRO A 183 5.83 -3.05 -35.73
N LEU A 184 4.61 -2.58 -36.01
CA LEU A 184 4.28 -1.76 -37.17
C LEU A 184 4.20 -0.37 -36.60
N VAL A 185 5.21 0.45 -36.88
CA VAL A 185 5.27 1.81 -36.34
C VAL A 185 4.96 2.87 -37.38
N ARG A 186 4.19 3.88 -37.00
CA ARG A 186 3.85 5.02 -37.85
C ARG A 186 3.88 6.34 -37.06
N VAL A 187 4.11 7.47 -37.76
CA VAL A 187 4.09 8.80 -37.17
C VAL A 187 2.95 9.57 -37.83
N ASN A 188 2.10 10.21 -37.01
CA ASN A 188 0.96 11.02 -37.42
C ASN A 188 1.18 12.41 -36.83
N ARG A 189 1.12 13.42 -37.70
CA ARG A 189 1.34 14.83 -37.40
C ARG A 189 -0.01 15.54 -37.55
N LYS A 190 -0.30 16.49 -36.65
CA LYS A 190 -1.54 17.26 -36.71
C LYS A 190 -1.43 18.64 -36.06
N GLU A 191 -1.96 19.67 -36.75
CA GLU A 191 -2.14 21.03 -36.25
C GLU A 191 -3.38 20.90 -35.32
N THR A 192 -3.16 20.97 -33.99
CA THR A 192 -4.18 20.74 -32.96
C THR A 192 -4.93 22.05 -32.53
N PHE A 193 -4.60 22.59 -31.34
CA PHE A 193 -5.06 23.86 -30.84
C PHE A 193 -4.35 24.89 -31.75
N PRO A 194 -5.09 25.86 -32.36
CA PRO A 194 -4.51 26.80 -33.34
C PRO A 194 -2.99 26.99 -33.59
N GLY A 195 -2.18 27.05 -32.53
CA GLY A 195 -0.74 27.28 -32.68
C GLY A 195 0.18 26.07 -32.65
N VAL A 196 -0.18 25.03 -31.89
CA VAL A 196 0.62 23.81 -31.72
C VAL A 196 0.34 22.65 -32.67
N THR A 197 1.41 21.89 -32.96
CA THR A 197 1.36 20.66 -33.76
C THR A 197 1.75 19.48 -32.84
N ALA A 198 0.87 18.50 -32.76
CA ALA A 198 1.09 17.29 -31.97
C ALA A 198 1.61 16.20 -32.88
N LEU A 199 2.55 15.39 -32.37
CA LEU A 199 3.14 14.27 -33.10
C LEU A 199 2.86 13.01 -32.31
N PHE A 200 2.37 11.99 -32.99
CA PHE A 200 2.04 10.72 -32.37
C PHE A 200 2.83 9.61 -32.98
N CYS A 201 3.50 8.84 -32.15
CA CYS A 201 4.26 7.70 -32.60
C CYS A 201 3.47 6.51 -32.16
N LYS A 202 2.94 5.73 -33.11
CA LYS A 202 2.05 4.59 -32.80
C LYS A 202 2.58 3.25 -33.29
N ALA A 203 2.57 2.25 -32.39
CA ALA A 203 3.07 0.90 -32.69
C ALA A 203 1.99 -0.11 -32.42
N HIS A 204 1.92 -1.13 -33.25
CA HIS A 204 0.96 -2.20 -33.08
C HIS A 204 1.46 -3.51 -33.71
N GLY A 205 0.80 -4.61 -33.37
CA GLY A 205 1.12 -5.94 -33.87
C GLY A 205 2.37 -6.56 -33.27
N PHE A 206 2.81 -6.07 -32.11
CA PHE A 206 4.03 -6.61 -31.53
C PHE A 206 3.80 -7.59 -30.39
N TYR A 207 4.75 -8.51 -30.29
CA TYR A 207 4.87 -9.50 -29.24
C TYR A 207 6.39 -9.77 -29.15
N PRO A 208 7.00 -9.81 -27.95
CA PRO A 208 6.40 -9.70 -26.60
C PRO A 208 5.90 -8.29 -26.27
N PRO A 209 5.08 -8.07 -25.21
CA PRO A 209 4.62 -6.69 -24.90
C PRO A 209 5.71 -5.67 -24.52
N GLU A 210 6.93 -6.11 -24.24
CA GLU A 210 8.00 -5.17 -23.89
C GLU A 210 8.49 -4.39 -25.12
N ILE A 211 8.27 -3.06 -25.10
CA ILE A 211 8.69 -2.14 -26.17
C ILE A 211 9.22 -0.89 -25.52
N TYR A 212 10.25 -0.28 -26.10
CA TYR A 212 10.85 0.98 -25.66
C TYR A 212 10.53 2.01 -26.75
N MET A 213 9.84 3.10 -26.41
CA MET A 213 9.50 4.15 -27.38
C MET A 213 9.88 5.50 -26.80
N THR A 214 10.59 6.29 -27.58
CA THR A 214 10.95 7.65 -27.17
C THR A 214 11.00 8.61 -28.36
N TRP A 215 11.00 9.92 -28.06
CA TRP A 215 11.14 10.98 -29.05
C TRP A 215 12.48 11.65 -28.79
N MET A 216 13.20 11.98 -29.84
CA MET A 216 14.49 12.67 -29.74
C MET A 216 14.52 13.92 -30.64
N LYS A 217 15.06 15.03 -30.15
CA LYS A 217 15.19 16.25 -30.96
C LYS A 217 16.67 16.38 -31.28
N ASN A 218 17.06 16.31 -32.59
CA ASN A 218 18.45 16.38 -33.07
C ASN A 218 19.41 15.27 -32.55
N GLY A 219 18.90 14.11 -32.17
CA GLY A 219 19.72 12.99 -31.68
C GLY A 219 19.80 12.91 -30.17
N GLU A 220 19.44 14.02 -29.48
CA GLU A 220 19.41 14.16 -28.02
C GLU A 220 17.98 14.04 -27.49
N GLU A 221 17.84 13.61 -26.22
CA GLU A 221 16.56 13.37 -25.53
C GLU A 221 15.61 14.56 -25.51
N ILE A 222 14.30 14.31 -25.41
CA ILE A 222 13.32 15.39 -25.33
C ILE A 222 13.18 15.93 -23.90
N VAL A 223 13.57 17.22 -23.68
CA VAL A 223 13.43 17.89 -22.38
C VAL A 223 11.94 18.19 -22.11
N GLN A 224 11.16 18.45 -23.19
CA GLN A 224 9.72 18.72 -23.20
C GLN A 224 8.87 17.52 -22.67
N GLU A 225 7.55 17.71 -22.51
CA GLU A 225 6.69 16.66 -21.96
C GLU A 225 6.22 15.57 -22.94
N ILE A 226 6.74 14.32 -22.77
CA ILE A 226 6.32 13.18 -23.60
C ILE A 226 5.15 12.44 -22.94
N ASP A 227 4.03 12.30 -23.69
CA ASP A 227 2.84 11.56 -23.26
C ASP A 227 3.00 10.09 -23.69
N TYR A 228 2.77 9.15 -22.76
CA TYR A 228 2.90 7.73 -23.05
C TYR A 228 1.57 7.05 -22.96
N GLY A 229 1.29 6.22 -23.96
CA GLY A 229 0.10 5.39 -24.00
C GLY A 229 0.48 4.05 -23.40
N ASP A 230 -0.48 3.42 -22.71
CA ASP A 230 -0.28 2.12 -22.07
C ASP A 230 -0.03 1.06 -23.11
N ILE A 231 0.74 0.00 -22.76
CA ILE A 231 0.93 -1.13 -23.67
C ILE A 231 -0.34 -1.96 -23.49
N LEU A 232 -1.18 -1.98 -24.52
CA LEU A 232 -2.50 -2.61 -24.45
C LEU A 232 -2.64 -3.89 -25.25
N PRO A 233 -3.41 -4.87 -24.74
CA PRO A 233 -3.60 -6.11 -25.52
C PRO A 233 -4.56 -5.88 -26.68
N SER A 234 -4.20 -6.33 -27.90
CA SER A 234 -5.04 -6.18 -29.09
C SER A 234 -6.15 -7.27 -29.24
N GLY A 235 -6.00 -8.39 -28.55
CA GLY A 235 -6.99 -9.47 -28.55
C GLY A 235 -6.64 -10.66 -29.42
N ASP A 236 -5.49 -10.62 -30.08
CA ASP A 236 -5.00 -11.66 -31.00
C ASP A 236 -3.58 -12.18 -30.59
N GLY A 237 -3.16 -11.84 -29.37
CA GLY A 237 -1.87 -12.23 -28.85
C GLY A 237 -0.80 -11.18 -29.03
N THR A 238 -1.14 -10.04 -29.66
CA THR A 238 -0.24 -8.93 -29.94
C THR A 238 -0.65 -7.66 -29.17
N TYR A 239 0.23 -6.68 -29.15
CA TYR A 239 0.02 -5.47 -28.37
C TYR A 239 0.17 -4.19 -29.15
N GLN A 240 -0.29 -3.10 -28.55
CA GLN A 240 -0.18 -1.76 -29.12
C GLN A 240 0.19 -0.76 -28.05
N ALA A 241 0.83 0.32 -28.46
CA ALA A 241 1.27 1.42 -27.61
C ALA A 241 1.60 2.64 -28.48
N TRP A 242 1.77 3.79 -27.82
CA TRP A 242 2.08 5.06 -28.45
C TRP A 242 2.84 5.98 -27.49
N ALA A 243 3.42 7.03 -28.06
CA ALA A 243 4.14 8.08 -27.34
C ALA A 243 3.84 9.39 -28.07
N SER A 244 3.61 10.49 -27.34
CA SER A 244 3.33 11.76 -28.03
C SER A 244 4.04 13.01 -27.50
N ILE A 245 4.26 13.99 -28.39
CA ILE A 245 4.92 15.27 -28.10
C ILE A 245 4.24 16.42 -28.85
N GLU A 246 4.45 17.66 -28.36
CA GLU A 246 4.07 18.92 -29.01
C GLU A 246 5.35 19.67 -29.45
N LEU A 247 5.25 20.59 -30.43
CA LEU A 247 6.41 21.32 -30.96
C LEU A 247 6.49 22.78 -30.49
N LEU A 254 13.73 19.18 -36.36
CA LEU A 254 14.28 17.82 -36.50
C LEU A 254 13.97 16.84 -35.33
N TYR A 255 12.72 16.35 -35.30
CA TYR A 255 12.24 15.38 -34.31
C TYR A 255 12.22 14.01 -34.92
N SER A 256 12.43 12.97 -34.10
CA SER A 256 12.41 11.59 -34.57
C SER A 256 11.95 10.61 -33.52
N CYS A 257 11.08 9.67 -33.90
CA CYS A 257 10.62 8.63 -32.98
C CYS A 257 11.62 7.47 -32.96
N HIS A 258 11.97 6.99 -31.77
CA HIS A 258 12.89 5.85 -31.55
C HIS A 258 12.11 4.73 -30.94
N VAL A 259 12.21 3.53 -31.56
CA VAL A 259 11.51 2.37 -31.05
C VAL A 259 12.49 1.22 -30.89
N GLU A 260 12.50 0.57 -29.73
CA GLU A 260 13.32 -0.62 -29.50
C GLU A 260 12.41 -1.75 -29.14
N HIS A 261 12.57 -2.88 -29.84
CA HIS A 261 11.79 -4.11 -29.61
C HIS A 261 12.63 -5.31 -30.02
N SER A 262 12.80 -6.25 -29.09
CA SER A 262 13.56 -7.51 -29.23
C SER A 262 14.90 -7.42 -29.99
N GLY A 263 15.76 -6.50 -29.55
CA GLY A 263 17.09 -6.31 -30.15
C GLY A 263 17.09 -5.58 -31.50
N VAL A 264 15.99 -4.89 -31.84
CA VAL A 264 15.92 -4.13 -33.10
C VAL A 264 15.55 -2.72 -32.76
N HIS A 265 16.35 -1.76 -33.22
CA HIS A 265 16.13 -0.33 -33.04
C HIS A 265 15.61 0.26 -34.37
N MET A 266 14.59 1.06 -34.26
CA MET A 266 13.89 1.68 -35.37
C MET A 266 13.83 3.20 -35.15
N VAL A 267 14.11 3.95 -36.19
CA VAL A 267 14.02 5.41 -36.13
C VAL A 267 13.04 5.87 -37.20
N LEU A 268 12.11 6.75 -36.84
CA LEU A 268 11.17 7.40 -37.75
C LEU A 268 11.36 8.88 -37.63
N GLN A 269 12.10 9.46 -38.58
CA GLN A 269 12.42 10.88 -38.73
C GLN A 269 11.18 11.61 -39.25
N VAL A 270 10.92 12.81 -38.71
CA VAL A 270 9.80 13.68 -39.12
C VAL A 270 10.35 14.80 -40.02
N ILE B 1 -9.10 1.40 1.02
CA ILE B 1 -8.84 2.08 -0.26
C ILE B 1 -9.47 1.30 -1.45
N GLN B 2 -10.43 1.94 -2.13
CA GLN B 2 -11.12 1.38 -3.30
C GLN B 2 -10.64 2.09 -4.54
N ARG B 3 -10.25 1.31 -5.55
CA ARG B 3 -9.72 1.85 -6.80
C ARG B 3 -10.69 1.70 -7.94
N THR B 4 -11.03 2.81 -8.59
CA THR B 4 -11.99 2.86 -9.70
C THR B 4 -11.36 2.35 -11.01
N PRO B 5 -12.11 1.65 -11.89
CA PRO B 5 -11.50 1.16 -13.14
C PRO B 5 -11.17 2.22 -14.17
N LYS B 6 -10.07 1.96 -14.91
CA LYS B 6 -9.56 2.72 -16.03
C LYS B 6 -10.19 2.03 -17.23
N ILE B 7 -10.96 2.76 -18.04
CA ILE B 7 -11.66 2.16 -19.18
C ILE B 7 -11.05 2.67 -20.47
N GLN B 8 -10.58 1.72 -21.30
CA GLN B 8 -9.94 2.04 -22.56
C GLN B 8 -10.63 1.30 -23.68
N VAL B 9 -11.18 2.06 -24.63
CA VAL B 9 -11.87 1.54 -25.79
C VAL B 9 -10.99 1.84 -27.00
N TYR B 10 -10.71 0.84 -27.83
CA TYR B 10 -9.83 0.95 -28.98
C TYR B 10 -10.03 -0.20 -29.92
N SER B 11 -9.61 -0.02 -31.16
CA SER B 11 -9.68 -1.07 -32.17
C SER B 11 -8.37 -1.86 -32.22
N ARG B 12 -8.47 -3.15 -32.62
CA ARG B 12 -7.35 -4.06 -32.79
C ARG B 12 -6.34 -3.51 -33.81
N HIS B 13 -6.85 -3.08 -34.96
CA HIS B 13 -6.06 -2.51 -36.07
C HIS B 13 -6.47 -1.05 -36.28
N PRO B 14 -5.57 -0.18 -36.85
CA PRO B 14 -5.97 1.21 -37.12
C PRO B 14 -7.23 1.27 -38.00
N ALA B 15 -8.35 1.61 -37.38
CA ALA B 15 -9.67 1.65 -38.01
C ALA B 15 -9.81 2.46 -39.30
N GLU B 16 -10.64 1.92 -40.20
CA GLU B 16 -11.04 2.53 -41.46
C GLU B 16 -12.53 2.20 -41.60
N ASN B 17 -13.34 3.18 -41.99
CA ASN B 17 -14.78 2.96 -42.15
C ASN B 17 -15.08 2.04 -43.33
N GLY B 18 -15.68 0.90 -43.03
CA GLY B 18 -16.04 -0.09 -44.05
C GLY B 18 -15.24 -1.38 -43.99
N LYS B 19 -14.14 -1.41 -43.19
CA LYS B 19 -13.24 -2.57 -43.03
C LYS B 19 -13.40 -3.28 -41.67
N SER B 20 -13.73 -4.59 -41.72
CA SER B 20 -13.91 -5.49 -40.58
C SER B 20 -12.73 -5.40 -39.62
N ASN B 21 -13.04 -5.20 -38.32
CA ASN B 21 -12.09 -5.03 -37.22
C ASN B 21 -12.64 -5.70 -35.94
N PHE B 22 -12.02 -5.34 -34.81
CA PHE B 22 -12.36 -5.79 -33.47
C PHE B 22 -12.32 -4.62 -32.52
N LEU B 23 -13.44 -4.39 -31.82
CA LEU B 23 -13.49 -3.34 -30.82
C LEU B 23 -13.13 -3.97 -29.49
N ASN B 24 -12.08 -3.43 -28.86
CA ASN B 24 -11.63 -3.89 -27.55
C ASN B 24 -12.03 -2.90 -26.44
N CYS B 25 -12.31 -3.42 -25.25
CA CYS B 25 -12.55 -2.64 -24.03
C CYS B 25 -11.68 -3.20 -22.92
N TYR B 26 -10.60 -2.50 -22.60
CA TYR B 26 -9.68 -2.89 -21.55
C TYR B 26 -10.05 -2.12 -20.26
N VAL B 27 -10.42 -2.88 -19.22
CA VAL B 27 -10.85 -2.37 -17.92
C VAL B 27 -9.77 -2.80 -16.96
N SER B 28 -9.12 -1.82 -16.32
CA SER B 28 -7.98 -2.12 -15.45
C SER B 28 -7.88 -1.23 -14.22
N GLY B 29 -7.00 -1.63 -13.30
CA GLY B 29 -6.67 -0.91 -12.08
C GLY B 29 -7.75 -0.85 -11.02
N PHE B 30 -8.77 -1.72 -11.11
CA PHE B 30 -9.86 -1.70 -10.14
C PHE B 30 -9.65 -2.66 -8.96
N HIS B 31 -10.27 -2.31 -7.84
CA HIS B 31 -10.27 -3.04 -6.60
C HIS B 31 -11.48 -2.61 -5.78
N PRO B 32 -12.35 -3.53 -5.26
CA PRO B 32 -12.30 -5.01 -5.34
C PRO B 32 -12.63 -5.62 -6.74
N SER B 33 -12.63 -6.96 -6.85
CA SER B 33 -12.80 -7.76 -8.07
C SER B 33 -14.13 -7.67 -8.82
N ASP B 34 -15.26 -7.59 -8.13
CA ASP B 34 -16.53 -7.54 -8.86
C ASP B 34 -16.76 -6.31 -9.73
N ILE B 35 -17.07 -6.59 -11.00
CA ILE B 35 -17.24 -5.62 -12.08
C ILE B 35 -18.22 -6.17 -13.13
N GLU B 36 -19.00 -5.26 -13.70
CA GLU B 36 -19.95 -5.57 -14.77
C GLU B 36 -19.48 -4.80 -15.99
N VAL B 37 -19.32 -5.47 -17.15
CA VAL B 37 -18.88 -4.82 -18.39
C VAL B 37 -19.77 -5.24 -19.57
N ASP B 38 -20.18 -4.26 -20.38
CA ASP B 38 -20.97 -4.47 -21.58
C ASP B 38 -20.46 -3.62 -22.74
N LEU B 39 -20.55 -4.16 -23.95
CA LEU B 39 -20.21 -3.42 -25.18
C LEU B 39 -21.52 -3.05 -25.88
N LEU B 40 -21.65 -1.77 -26.25
CA LEU B 40 -22.88 -1.27 -26.88
C LEU B 40 -22.66 -0.74 -28.29
N LYS B 41 -23.66 -0.95 -29.15
CA LYS B 41 -23.72 -0.44 -30.51
C LYS B 41 -25.00 0.43 -30.54
N ASN B 42 -24.82 1.76 -30.52
CA ASN B 42 -25.84 2.81 -30.53
C ASN B 42 -26.68 2.86 -29.24
N GLY B 43 -26.16 2.23 -28.18
CA GLY B 43 -26.82 2.20 -26.87
C GLY B 43 -27.36 0.85 -26.47
N GLU B 44 -27.48 -0.07 -27.46
CA GLU B 44 -28.00 -1.42 -27.25
C GLU B 44 -26.86 -2.43 -27.04
N ARG B 45 -26.98 -3.28 -25.99
CA ARG B 45 -25.98 -4.29 -25.63
C ARG B 45 -25.72 -5.29 -26.78
N ILE B 46 -24.44 -5.51 -27.13
CA ILE B 46 -24.05 -6.46 -28.17
C ILE B 46 -24.07 -7.85 -27.52
N GLU B 47 -24.70 -8.84 -28.18
CA GLU B 47 -24.82 -10.20 -27.67
C GLU B 47 -23.51 -10.99 -27.82
N LYS B 48 -22.93 -11.01 -29.06
CA LYS B 48 -21.71 -11.76 -29.38
C LYS B 48 -20.43 -11.09 -28.86
N VAL B 49 -20.23 -11.12 -27.52
CA VAL B 49 -19.04 -10.49 -26.90
C VAL B 49 -18.14 -11.49 -26.19
N GLU B 50 -16.90 -11.62 -26.65
CA GLU B 50 -15.91 -12.46 -25.99
C GLU B 50 -15.20 -11.65 -24.86
N HIS B 51 -14.67 -12.36 -23.85
CA HIS B 51 -13.94 -11.76 -22.74
C HIS B 51 -12.93 -12.68 -22.08
N SER B 52 -11.91 -12.06 -21.51
CA SER B 52 -10.87 -12.76 -20.78
C SER B 52 -11.41 -13.07 -19.37
N ASP B 53 -10.74 -13.93 -18.63
CA ASP B 53 -11.07 -14.25 -17.25
C ASP B 53 -10.47 -13.11 -16.44
N LEU B 54 -10.93 -12.92 -15.21
CA LEU B 54 -10.38 -11.86 -14.35
C LEU B 54 -8.87 -12.07 -14.23
N SER B 55 -8.10 -11.00 -14.40
CA SER B 55 -6.64 -11.12 -14.34
C SER B 55 -6.09 -10.32 -13.20
N PHE B 56 -4.88 -10.67 -12.76
CA PHE B 56 -4.24 -10.05 -11.61
C PHE B 56 -3.00 -9.28 -11.94
N SER B 57 -2.86 -8.09 -11.34
CA SER B 57 -1.68 -7.23 -11.47
C SER B 57 -0.86 -7.29 -10.18
N LYS B 58 0.45 -7.02 -10.30
CA LYS B 58 1.41 -7.05 -9.18
C LYS B 58 1.07 -6.02 -8.10
N ASP B 59 0.37 -4.92 -8.45
CA ASP B 59 -0.06 -3.83 -7.56
C ASP B 59 -1.38 -4.18 -6.82
N TRP B 60 -1.81 -5.44 -6.93
CA TRP B 60 -2.98 -6.06 -6.29
C TRP B 60 -4.33 -5.72 -6.96
N SER B 61 -4.32 -4.94 -8.04
CA SER B 61 -5.55 -4.58 -8.71
C SER B 61 -5.86 -5.62 -9.79
N PHE B 62 -7.01 -5.42 -10.46
CA PHE B 62 -7.49 -6.36 -11.46
C PHE B 62 -7.69 -5.72 -12.82
N TYR B 63 -7.67 -6.58 -13.86
CA TYR B 63 -7.89 -6.18 -15.25
C TYR B 63 -8.64 -7.27 -16.03
N LEU B 64 -9.30 -6.84 -17.12
CA LEU B 64 -10.13 -7.63 -18.05
C LEU B 64 -10.13 -6.98 -19.44
N LEU B 65 -10.34 -7.82 -20.48
CA LEU B 65 -10.48 -7.44 -21.88
C LEU B 65 -11.77 -8.06 -22.42
N TYR B 66 -12.64 -7.22 -22.94
CA TYR B 66 -13.89 -7.55 -23.57
C TYR B 66 -13.71 -7.07 -25.00
N TYR B 67 -13.98 -7.92 -25.99
CA TYR B 67 -13.89 -7.52 -27.39
C TYR B 67 -15.04 -8.08 -28.23
N THR B 68 -15.25 -7.49 -29.41
CA THR B 68 -16.29 -7.88 -30.36
C THR B 68 -15.87 -7.58 -31.78
N GLU B 69 -16.30 -8.43 -32.74
CA GLU B 69 -16.01 -8.20 -34.15
C GLU B 69 -17.02 -7.16 -34.63
N PHE B 70 -16.53 -6.16 -35.39
CA PHE B 70 -17.38 -5.10 -35.93
C PHE B 70 -16.86 -4.51 -37.23
N THR B 71 -17.72 -3.75 -37.92
CA THR B 71 -17.34 -2.95 -39.08
C THR B 71 -17.64 -1.49 -38.73
N PRO B 72 -16.57 -0.69 -38.44
CA PRO B 72 -16.78 0.73 -38.13
C PRO B 72 -17.49 1.51 -39.24
N THR B 73 -18.64 2.15 -38.89
CA THR B 73 -19.44 2.99 -39.80
C THR B 73 -19.34 4.46 -39.32
N GLU B 74 -19.42 5.41 -40.26
CA GLU B 74 -19.44 6.85 -39.96
C GLU B 74 -20.65 7.19 -39.08
N LYS B 75 -21.78 6.47 -39.26
CA LYS B 75 -23.04 6.61 -38.54
C LYS B 75 -23.02 5.92 -37.15
N ASP B 76 -22.28 4.81 -37.05
CA ASP B 76 -22.22 3.99 -35.85
C ASP B 76 -21.35 4.49 -34.67
N GLU B 77 -22.01 4.60 -33.49
CA GLU B 77 -21.43 4.99 -32.21
C GLU B 77 -21.31 3.77 -31.28
N TYR B 78 -20.06 3.44 -30.93
CA TYR B 78 -19.72 2.32 -30.07
C TYR B 78 -19.25 2.81 -28.72
N ALA B 79 -19.63 2.08 -27.67
CA ALA B 79 -19.27 2.40 -26.29
C ALA B 79 -19.01 1.14 -25.44
N CYS B 80 -18.51 1.35 -24.22
CA CYS B 80 -18.27 0.31 -23.22
C CYS B 80 -18.97 0.78 -21.93
N ARG B 81 -19.85 -0.06 -21.37
CA ARG B 81 -20.58 0.27 -20.15
C ARG B 81 -20.02 -0.55 -19.01
N VAL B 82 -19.54 0.13 -17.96
CA VAL B 82 -18.92 -0.50 -16.81
C VAL B 82 -19.55 -0.06 -15.49
N ASN B 83 -19.80 -1.02 -14.60
CA ASN B 83 -20.25 -0.79 -13.23
C ASN B 83 -19.31 -1.55 -12.31
N HIS B 84 -19.03 -0.95 -11.15
CA HIS B 84 -18.12 -1.34 -10.08
C HIS B 84 -18.63 -0.60 -8.83
N VAL B 85 -18.22 -1.02 -7.63
CA VAL B 85 -18.60 -0.45 -6.32
C VAL B 85 -18.19 1.02 -6.14
N THR B 86 -17.18 1.46 -6.85
CA THR B 86 -16.74 2.86 -6.74
C THR B 86 -17.66 3.79 -7.54
N LEU B 87 -18.49 3.22 -8.42
CA LEU B 87 -19.42 3.93 -9.30
C LEU B 87 -20.84 3.86 -8.78
N SER B 88 -21.43 5.02 -8.54
CA SER B 88 -22.81 5.18 -8.09
C SER B 88 -23.83 4.81 -9.20
N GLN B 89 -23.41 4.98 -10.47
CA GLN B 89 -24.19 4.63 -11.66
C GLN B 89 -23.21 4.05 -12.68
N PRO B 90 -23.65 3.24 -13.70
CA PRO B 90 -22.65 2.72 -14.66
C PRO B 90 -22.07 3.82 -15.52
N LYS B 91 -20.78 3.70 -15.82
CA LYS B 91 -20.02 4.62 -16.66
C LYS B 91 -20.02 4.12 -18.09
N ILE B 92 -20.52 4.95 -19.01
CA ILE B 92 -20.56 4.66 -20.45
C ILE B 92 -19.34 5.38 -21.05
N VAL B 93 -18.38 4.60 -21.61
CA VAL B 93 -17.20 5.15 -22.24
C VAL B 93 -17.28 4.93 -23.75
N LYS B 94 -17.46 6.03 -24.49
CA LYS B 94 -17.58 5.99 -25.94
C LYS B 94 -16.22 5.87 -26.61
N TRP B 95 -16.18 5.21 -27.78
CA TRP B 95 -14.98 5.02 -28.60
C TRP B 95 -14.71 6.28 -29.44
N ASP B 96 -13.44 6.76 -29.42
CA ASP B 96 -12.92 7.95 -30.12
C ASP B 96 -13.19 7.98 -31.64
N MET C 1 -38.46 30.84 3.33
CA MET C 1 -37.74 30.72 2.07
C MET C 1 -37.97 29.35 1.41
N ARG C 2 -38.14 29.36 0.07
CA ARG C 2 -38.25 28.18 -0.78
C ARG C 2 -36.82 27.79 -1.24
N THR C 3 -36.69 26.88 -2.21
CA THR C 3 -35.37 26.45 -2.71
C THR C 3 -34.71 27.55 -3.57
N HIS C 4 -33.47 27.91 -3.23
CA HIS C 4 -32.72 28.91 -3.98
C HIS C 4 -31.31 28.38 -4.34
N SER C 5 -30.74 28.87 -5.46
CA SER C 5 -29.44 28.44 -5.94
C SER C 5 -28.57 29.60 -6.45
N LEU C 6 -27.25 29.43 -6.34
CA LEU C 6 -26.22 30.33 -6.85
C LEU C 6 -25.36 29.46 -7.78
N ARG C 7 -25.17 29.90 -9.02
CA ARG C 7 -24.40 29.20 -10.06
C ARG C 7 -23.50 30.17 -10.86
N TYR C 8 -22.25 29.76 -11.17
CA TYR C 8 -21.34 30.51 -12.03
C TYR C 8 -20.88 29.56 -13.11
N PHE C 9 -20.92 30.04 -14.34
CA PHE C 9 -20.50 29.34 -15.52
C PHE C 9 -19.32 30.07 -16.14
N ARG C 10 -18.45 29.30 -16.78
CA ARG C 10 -17.30 29.73 -17.55
C ARG C 10 -17.38 29.01 -18.88
N LEU C 11 -17.22 29.78 -19.98
CA LEU C 11 -17.16 29.26 -21.34
C LEU C 11 -15.86 29.70 -21.99
N GLY C 12 -15.14 28.72 -22.53
CA GLY C 12 -13.88 28.91 -23.25
C GLY C 12 -14.00 28.36 -24.65
N VAL C 13 -13.62 29.17 -25.64
CA VAL C 13 -13.67 28.77 -27.06
C VAL C 13 -12.26 28.90 -27.67
N SER C 14 -11.71 27.79 -28.23
CA SER C 14 -10.42 27.83 -28.95
C SER C 14 -10.72 28.35 -30.35
N ASP C 15 -9.81 29.13 -30.94
CA ASP C 15 -10.06 29.76 -32.24
C ASP C 15 -11.52 30.30 -32.46
N PRO C 16 -11.98 31.34 -31.73
CA PRO C 16 -13.35 31.85 -32.01
C PRO C 16 -13.45 32.58 -33.34
N ILE C 17 -14.69 32.71 -33.87
CA ILE C 17 -15.03 33.43 -35.10
C ILE C 17 -14.79 34.94 -34.91
N HIS C 18 -15.18 35.79 -35.91
CA HIS C 18 -14.99 37.25 -35.91
C HIS C 18 -15.39 38.01 -34.63
N GLY C 19 -16.68 37.94 -34.25
CA GLY C 19 -17.19 38.62 -33.07
C GLY C 19 -16.80 37.98 -31.76
N VAL C 20 -17.44 36.82 -31.48
CA VAL C 20 -17.31 35.93 -30.31
C VAL C 20 -16.02 36.02 -29.43
N PRO C 21 -16.19 36.20 -28.08
CA PRO C 21 -15.00 36.21 -27.20
C PRO C 21 -14.47 34.81 -26.93
N GLU C 22 -13.17 34.71 -26.62
CA GLU C 22 -12.59 33.41 -26.29
C GLU C 22 -12.95 32.93 -24.87
N PHE C 23 -13.44 33.85 -24.00
CA PHE C 23 -13.82 33.54 -22.64
C PHE C 23 -14.99 34.37 -22.19
N ILE C 24 -15.96 33.72 -21.51
CA ILE C 24 -17.15 34.32 -20.91
C ILE C 24 -17.40 33.66 -19.55
N SER C 25 -17.81 34.46 -18.54
CA SER C 25 -18.22 33.98 -17.23
C SER C 25 -19.42 34.77 -16.73
N VAL C 26 -20.50 34.06 -16.40
CA VAL C 26 -21.79 34.60 -15.95
C VAL C 26 -22.23 33.87 -14.67
N GLY C 27 -22.82 34.64 -13.75
CA GLY C 27 -23.39 34.17 -12.48
C GLY C 27 -24.90 34.29 -12.48
N TYR C 28 -25.59 33.39 -11.77
CA TYR C 28 -27.06 33.35 -11.65
C TYR C 28 -27.48 33.08 -10.24
N VAL C 29 -28.50 33.78 -9.80
CA VAL C 29 -29.18 33.48 -8.55
C VAL C 29 -30.55 33.02 -9.07
N ASP C 30 -30.86 31.70 -8.95
CA ASP C 30 -32.06 31.07 -9.52
C ASP C 30 -32.03 31.23 -11.05
N SER C 31 -33.05 31.83 -11.67
CA SER C 31 -33.10 32.01 -13.13
C SER C 31 -32.51 33.36 -13.55
N HIS C 32 -32.14 34.20 -12.58
CA HIS C 32 -31.64 35.56 -12.82
C HIS C 32 -30.14 35.70 -13.02
N PRO C 33 -29.71 36.28 -14.18
CA PRO C 33 -28.26 36.62 -14.34
C PRO C 33 -27.89 37.69 -13.29
N ILE C 34 -26.73 37.56 -12.62
CA ILE C 34 -26.30 38.52 -11.61
C ILE C 34 -25.01 39.28 -11.95
N THR C 35 -24.08 38.63 -12.63
CA THR C 35 -22.76 39.19 -12.97
C THR C 35 -22.35 38.70 -14.35
N THR C 36 -21.47 39.44 -15.02
CA THR C 36 -20.93 39.08 -16.34
C THR C 36 -19.47 39.51 -16.53
N TYR C 37 -18.72 38.72 -17.27
CA TYR C 37 -17.32 39.00 -17.60
C TYR C 37 -17.02 38.31 -18.91
N ASP C 38 -16.21 38.96 -19.76
CA ASP C 38 -15.70 38.37 -20.99
C ASP C 38 -14.31 38.91 -21.35
N SER C 39 -13.61 38.21 -22.25
CA SER C 39 -12.29 38.57 -22.73
C SER C 39 -12.28 39.85 -23.63
N VAL C 40 -13.45 40.41 -23.97
CA VAL C 40 -13.52 41.65 -24.75
C VAL C 40 -13.56 42.87 -23.78
N THR C 41 -14.60 42.96 -22.93
CA THR C 41 -14.79 44.02 -21.92
C THR C 41 -13.65 43.96 -20.89
N ARG C 42 -13.26 42.71 -20.46
CA ARG C 42 -12.25 42.41 -19.45
C ARG C 42 -12.63 42.98 -18.10
N GLN C 43 -13.96 43.14 -17.88
CA GLN C 43 -14.52 43.69 -16.65
C GLN C 43 -15.65 42.86 -16.12
N LYS C 44 -15.67 42.64 -14.78
CA LYS C 44 -16.79 42.00 -14.11
C LYS C 44 -17.85 43.09 -13.90
N GLU C 45 -19.04 42.91 -14.47
CA GLU C 45 -20.13 43.87 -14.42
C GLU C 45 -21.37 43.27 -13.82
N PRO C 46 -22.24 44.07 -13.16
CA PRO C 46 -23.53 43.53 -12.68
C PRO C 46 -24.49 43.30 -13.86
N ARG C 47 -25.41 42.35 -13.70
CA ARG C 47 -26.44 42.02 -14.70
C ARG C 47 -27.82 42.13 -14.08
N ALA C 48 -27.86 42.52 -12.81
CA ALA C 48 -29.08 42.72 -12.03
C ALA C 48 -28.88 44.04 -11.30
N PRO C 49 -29.93 44.89 -11.18
CA PRO C 49 -29.75 46.20 -10.53
C PRO C 49 -29.50 46.07 -9.03
N TRP C 50 -30.10 45.03 -8.38
CA TRP C 50 -29.91 44.79 -6.95
C TRP C 50 -28.46 44.40 -6.57
N MET C 51 -27.65 43.97 -7.55
CA MET C 51 -26.24 43.61 -7.38
C MET C 51 -25.38 44.89 -7.45
N ALA C 52 -25.69 45.75 -8.46
CA ALA C 52 -25.02 47.03 -8.71
C ALA C 52 -25.10 47.98 -7.50
N GLU C 53 -26.27 48.01 -6.83
CA GLU C 53 -26.60 48.87 -5.68
C GLU C 53 -26.07 48.36 -4.34
N ASN C 54 -25.74 47.04 -4.22
CA ASN C 54 -25.31 46.44 -2.94
C ASN C 54 -23.86 46.01 -2.80
N LEU C 55 -23.15 45.93 -3.93
CA LEU C 55 -21.74 45.57 -3.92
C LEU C 55 -20.96 46.78 -4.41
N ALA C 56 -20.10 47.32 -3.51
CA ALA C 56 -19.27 48.51 -3.70
C ALA C 56 -18.23 48.30 -4.82
N PRO C 57 -17.66 49.39 -5.43
CA PRO C 57 -16.69 49.18 -6.53
C PRO C 57 -15.50 48.26 -6.24
N ASP C 58 -15.04 48.22 -4.99
CA ASP C 58 -13.93 47.36 -4.57
C ASP C 58 -14.20 45.88 -4.93
N HIS C 59 -15.49 45.45 -4.83
CA HIS C 59 -15.90 44.09 -5.16
C HIS C 59 -15.67 43.84 -6.64
N TRP C 60 -16.12 44.81 -7.49
CA TRP C 60 -16.02 44.70 -8.94
C TRP C 60 -14.55 44.75 -9.41
N GLU C 61 -13.70 45.54 -8.71
CA GLU C 61 -12.25 45.67 -8.97
C GLU C 61 -11.51 44.37 -8.69
N ARG C 62 -11.67 43.83 -7.47
CA ARG C 62 -11.06 42.58 -7.01
C ARG C 62 -11.45 41.41 -7.89
N TYR C 63 -12.75 41.23 -8.15
CA TYR C 63 -13.21 40.15 -9.01
C TYR C 63 -12.84 40.24 -10.46
N THR C 64 -12.68 41.46 -11.00
CA THR C 64 -12.16 41.65 -12.35
C THR C 64 -10.73 41.05 -12.44
N GLN C 65 -9.84 41.40 -11.48
CA GLN C 65 -8.48 40.88 -11.39
C GLN C 65 -8.45 39.33 -11.30
N LEU C 66 -9.34 38.76 -10.46
CA LEU C 66 -9.51 37.33 -10.33
C LEU C 66 -9.95 36.70 -11.65
N LEU C 67 -10.95 37.30 -12.34
CA LEU C 67 -11.47 36.79 -13.61
C LEU C 67 -10.47 36.81 -14.76
N ARG C 68 -9.55 37.77 -14.75
CA ARG C 68 -8.45 37.87 -15.72
C ARG C 68 -7.48 36.69 -15.58
N GLY C 69 -7.25 36.28 -14.33
CA GLY C 69 -6.42 35.12 -14.03
C GLY C 69 -7.10 33.86 -14.50
N TRP C 70 -8.40 33.74 -14.19
CA TRP C 70 -9.24 32.58 -14.53
C TRP C 70 -9.38 32.42 -16.02
N GLN C 71 -9.50 33.53 -16.73
CA GLN C 71 -9.55 33.60 -18.18
C GLN C 71 -8.29 32.94 -18.76
N GLN C 72 -7.11 33.32 -18.25
CA GLN C 72 -5.85 32.78 -18.73
C GLN C 72 -5.67 31.27 -18.48
N MET C 73 -6.08 30.81 -17.27
CA MET C 73 -5.99 29.40 -16.85
C MET C 73 -6.90 28.51 -17.66
N PHE C 74 -8.06 29.06 -18.07
CA PHE C 74 -9.05 28.39 -18.90
C PHE C 74 -8.53 28.13 -20.33
N LYS C 75 -7.85 29.13 -20.94
CA LYS C 75 -7.23 29.05 -22.27
C LYS C 75 -6.15 27.93 -22.30
N VAL C 76 -5.34 27.81 -21.23
CA VAL C 76 -4.26 26.82 -21.07
C VAL C 76 -4.86 25.38 -20.89
N GLU C 77 -5.91 25.25 -20.05
CA GLU C 77 -6.58 23.97 -19.85
C GLU C 77 -7.20 23.43 -21.13
N LEU C 78 -7.87 24.28 -21.94
CA LEU C 78 -8.46 23.84 -23.21
C LEU C 78 -7.39 23.43 -24.23
N LYS C 79 -6.23 24.15 -24.20
CA LYS C 79 -5.06 23.89 -25.02
C LYS C 79 -4.54 22.50 -24.68
N ARG C 80 -4.47 22.20 -23.38
CA ARG C 80 -4.05 20.91 -22.86
C ARG C 80 -4.99 19.79 -23.40
N LEU C 81 -6.34 19.97 -23.25
CA LEU C 81 -7.40 19.03 -23.68
C LEU C 81 -7.38 18.73 -25.18
N GLN C 82 -7.30 19.78 -26.04
CA GLN C 82 -7.23 19.66 -27.51
C GLN C 82 -5.99 18.87 -27.94
N ARG C 83 -4.82 19.14 -27.32
CA ARG C 83 -3.60 18.41 -27.57
C ARG C 83 -3.81 16.94 -27.14
N HIS C 84 -4.57 16.73 -26.03
CA HIS C 84 -4.85 15.40 -25.50
C HIS C 84 -5.82 14.53 -26.30
N TYR C 85 -6.82 15.15 -26.97
CA TYR C 85 -7.79 14.48 -27.83
C TYR C 85 -7.30 14.38 -29.25
N ASN C 86 -6.18 15.09 -29.54
CA ASN C 86 -5.57 15.21 -30.86
C ASN C 86 -6.61 15.85 -31.82
N HIS C 87 -7.21 16.98 -31.36
CA HIS C 87 -8.28 17.74 -32.03
C HIS C 87 -7.84 19.04 -32.69
N SER C 88 -8.41 19.30 -33.87
CA SER C 88 -8.18 20.50 -34.67
C SER C 88 -9.47 21.30 -34.83
N GLY C 89 -9.32 22.61 -34.99
CA GLY C 89 -10.45 23.52 -35.14
C GLY C 89 -10.89 24.14 -33.82
N SER C 90 -12.14 24.59 -33.81
CA SER C 90 -12.71 25.24 -32.65
C SER C 90 -13.40 24.23 -31.75
N HIS C 91 -13.05 24.24 -30.47
CA HIS C 91 -13.62 23.38 -29.45
C HIS C 91 -13.96 24.21 -28.21
N THR C 92 -14.94 23.74 -27.43
CA THR C 92 -15.37 24.45 -26.23
C THR C 92 -14.98 23.74 -24.95
N TYR C 93 -14.83 24.53 -23.89
CA TYR C 93 -14.52 24.10 -22.55
C TYR C 93 -15.46 24.89 -21.66
N GLN C 94 -16.18 24.20 -20.78
CA GLN C 94 -17.14 24.81 -19.89
C GLN C 94 -16.95 24.31 -18.46
N ARG C 95 -17.29 25.17 -17.50
CA ARG C 95 -17.28 24.87 -16.09
C ARG C 95 -18.57 25.40 -15.49
N MET C 96 -19.05 24.72 -14.46
CA MET C 96 -20.20 25.16 -13.68
C MET C 96 -19.94 24.81 -12.21
N ILE C 97 -20.02 25.83 -11.37
CA ILE C 97 -19.91 25.72 -9.92
C ILE C 97 -21.18 26.30 -9.29
N GLY C 98 -21.60 25.71 -8.18
CA GLY C 98 -22.79 26.23 -7.51
C GLY C 98 -23.23 25.55 -6.25
N CYS C 99 -24.32 26.04 -5.71
CA CYS C 99 -24.91 25.57 -4.46
C CYS C 99 -26.40 25.84 -4.39
N GLU C 100 -27.08 25.00 -3.64
CA GLU C 100 -28.52 25.10 -3.38
C GLU C 100 -28.79 25.12 -1.90
N LEU C 101 -29.67 26.01 -1.50
CA LEU C 101 -30.15 26.11 -0.13
C LEU C 101 -31.60 25.68 -0.24
N LEU C 102 -31.88 24.48 0.28
CA LEU C 102 -33.20 23.88 0.17
C LEU C 102 -34.18 24.44 1.17
N GLU C 103 -35.50 24.22 0.93
CA GLU C 103 -36.58 24.69 1.81
C GLU C 103 -36.39 24.19 3.28
N ASP C 104 -36.06 22.89 3.44
CA ASP C 104 -35.77 22.24 4.74
C ASP C 104 -34.46 22.72 5.44
N GLY C 105 -33.69 23.60 4.80
CA GLY C 105 -32.44 24.13 5.35
C GLY C 105 -31.20 23.34 4.97
N SER C 106 -31.36 22.17 4.32
CA SER C 106 -30.23 21.39 3.85
C SER C 106 -29.58 22.06 2.59
N THR C 107 -28.35 21.66 2.25
CA THR C 107 -27.60 22.27 1.14
C THR C 107 -27.05 21.24 0.17
N THR C 108 -26.77 21.69 -1.04
CA THR C 108 -26.16 20.92 -2.12
C THR C 108 -25.03 21.79 -2.67
N GLY C 109 -24.03 21.15 -3.23
CA GLY C 109 -22.89 21.79 -3.85
C GLY C 109 -22.47 20.99 -5.04
N PHE C 110 -22.08 21.66 -6.13
CA PHE C 110 -21.69 21.00 -7.36
C PHE C 110 -20.60 21.78 -8.09
N LEU C 111 -19.69 21.02 -8.72
CA LEU C 111 -18.59 21.53 -9.53
C LEU C 111 -18.35 20.54 -10.67
N GLN C 112 -18.51 21.03 -11.89
CA GLN C 112 -18.46 20.21 -13.09
C GLN C 112 -17.79 20.90 -14.24
N TYR C 113 -17.18 20.12 -15.13
CA TYR C 113 -16.54 20.57 -16.36
C TYR C 113 -17.08 19.81 -17.54
N ALA C 114 -17.05 20.46 -18.71
CA ALA C 114 -17.51 19.88 -19.99
C ALA C 114 -16.56 20.24 -21.12
N TYR C 115 -16.40 19.33 -22.07
CA TYR C 115 -15.59 19.50 -23.26
C TYR C 115 -16.51 19.25 -24.44
N ASP C 116 -16.68 20.27 -25.32
CA ASP C 116 -17.61 20.21 -26.46
C ASP C 116 -19.09 20.00 -26.06
N GLY C 117 -19.45 20.50 -24.86
CA GLY C 117 -20.81 20.46 -24.31
C GLY C 117 -21.18 19.16 -23.64
N GLN C 118 -20.23 18.23 -23.51
CA GLN C 118 -20.51 16.96 -22.86
C GLN C 118 -19.77 16.89 -21.53
N ASP C 119 -20.32 16.21 -20.52
CA ASP C 119 -19.65 16.03 -19.21
C ASP C 119 -18.22 15.57 -19.40
N PHE C 120 -17.31 16.13 -18.62
CA PHE C 120 -15.91 15.80 -18.73
C PHE C 120 -15.38 15.28 -17.39
N LEU C 121 -15.46 16.13 -16.34
CA LEU C 121 -15.06 15.87 -14.96
C LEU C 121 -16.17 16.35 -14.01
N ILE C 122 -16.55 15.52 -13.05
CA ILE C 122 -17.59 15.81 -12.09
C ILE C 122 -17.01 15.63 -10.71
N PHE C 123 -17.00 16.72 -9.90
CA PHE C 123 -16.47 16.68 -8.55
C PHE C 123 -17.44 16.04 -7.60
N ASN C 124 -16.93 15.19 -6.69
CA ASN C 124 -17.71 14.59 -5.59
C ASN C 124 -17.09 15.16 -4.31
N LYS C 125 -17.72 16.16 -3.70
CA LYS C 125 -17.19 16.79 -2.47
C LYS C 125 -17.26 15.89 -1.23
N ASP C 126 -18.02 14.80 -1.29
CA ASP C 126 -18.21 13.87 -0.18
C ASP C 126 -17.13 12.81 -0.08
N THR C 127 -16.58 12.39 -1.23
CA THR C 127 -15.48 11.42 -1.29
C THR C 127 -14.17 12.13 -1.68
N LEU C 128 -14.23 13.45 -2.01
CA LEU C 128 -13.12 14.32 -2.46
C LEU C 128 -12.44 13.71 -3.66
N SER C 129 -13.22 13.52 -4.74
CA SER C 129 -12.77 12.85 -5.94
C SER C 129 -13.39 13.44 -7.18
N TRP C 130 -12.74 13.20 -8.33
CA TRP C 130 -13.23 13.62 -9.64
C TRP C 130 -13.63 12.39 -10.42
N LEU C 131 -14.80 12.46 -11.06
CA LEU C 131 -15.29 11.38 -11.88
C LEU C 131 -14.94 11.77 -13.32
N ALA C 132 -14.17 10.90 -13.98
CA ALA C 132 -13.66 11.03 -15.35
C ALA C 132 -14.51 10.21 -16.35
N VAL C 133 -14.88 10.84 -17.48
CA VAL C 133 -15.72 10.19 -18.53
C VAL C 133 -14.90 9.34 -19.50
N ASP C 134 -13.67 9.77 -19.79
CA ASP C 134 -12.77 9.06 -20.70
C ASP C 134 -11.34 9.08 -20.18
N ASN C 135 -10.37 8.72 -21.03
CA ASN C 135 -8.96 8.69 -20.66
C ASN C 135 -8.25 10.01 -20.59
N VAL C 136 -8.70 10.98 -21.38
CA VAL C 136 -8.17 12.34 -21.32
C VAL C 136 -8.57 12.88 -19.92
N ALA C 137 -9.87 12.77 -19.58
CA ALA C 137 -10.42 13.16 -18.28
C ALA C 137 -9.71 12.40 -17.16
N HIS C 138 -9.39 11.11 -17.39
CA HIS C 138 -8.64 10.30 -16.43
C HIS C 138 -7.23 10.85 -16.15
N THR C 139 -6.55 11.36 -17.17
CA THR C 139 -5.23 11.94 -17.05
C THR C 139 -5.26 13.25 -16.21
N ILE C 140 -6.30 14.10 -16.43
CA ILE C 140 -6.52 15.37 -15.73
C ILE C 140 -6.89 15.13 -14.27
N LYS C 141 -7.81 14.16 -14.02
CA LYS C 141 -8.26 13.68 -12.71
C LYS C 141 -7.05 13.38 -11.81
N GLN C 142 -6.10 12.57 -12.31
CA GLN C 142 -4.90 12.15 -11.58
C GLN C 142 -4.04 13.32 -11.11
N ALA C 143 -3.87 14.34 -11.95
CA ALA C 143 -3.13 15.56 -11.64
C ALA C 143 -3.86 16.36 -10.55
N TRP C 144 -5.19 16.52 -10.69
CA TRP C 144 -6.04 17.24 -9.77
C TRP C 144 -6.19 16.59 -8.42
N GLU C 145 -6.24 15.25 -8.36
CA GLU C 145 -6.38 14.48 -7.12
C GLU C 145 -5.09 14.40 -6.28
N ALA C 146 -3.94 14.75 -6.89
CA ALA C 146 -2.61 14.79 -6.26
C ALA C 146 -2.48 16.03 -5.34
N ASN C 147 -3.29 17.08 -5.61
CA ASN C 147 -3.33 18.33 -4.87
C ASN C 147 -4.50 18.23 -3.87
N GLN C 148 -4.23 17.61 -2.72
CA GLN C 148 -5.20 17.40 -1.66
C GLN C 148 -5.73 18.73 -1.10
N HIS C 149 -4.87 19.75 -1.03
CA HIS C 149 -5.21 21.09 -0.55
C HIS C 149 -6.26 21.76 -1.41
N GLU C 150 -6.16 21.62 -2.74
CA GLU C 150 -7.14 22.20 -3.64
C GLU C 150 -8.51 21.52 -3.48
N LEU C 151 -8.54 20.18 -3.32
CA LEU C 151 -9.77 19.39 -3.12
C LEU C 151 -10.49 19.88 -1.85
N LEU C 152 -9.75 20.04 -0.74
CA LEU C 152 -10.26 20.50 0.52
C LEU C 152 -10.78 21.94 0.40
N TYR C 153 -10.04 22.79 -0.30
CA TYR C 153 -10.41 24.17 -0.55
C TYR C 153 -11.75 24.20 -1.30
N GLN C 154 -11.89 23.30 -2.29
CA GLN C 154 -13.11 23.22 -3.09
C GLN C 154 -14.34 22.75 -2.29
N LYS C 155 -14.16 21.80 -1.35
CA LYS C 155 -15.19 21.33 -0.44
C LYS C 155 -15.62 22.49 0.46
N ASN C 156 -14.66 23.23 1.07
CA ASN C 156 -15.02 24.38 1.92
C ASN C 156 -15.75 25.48 1.15
N TRP C 157 -15.30 25.79 -0.09
CA TRP C 157 -15.96 26.83 -0.88
C TRP C 157 -17.42 26.44 -1.17
N LEU C 158 -17.63 25.20 -1.60
CA LEU C 158 -18.94 24.66 -1.93
C LEU C 158 -19.94 24.59 -0.78
N GLU C 159 -19.51 24.06 0.36
CA GLU C 159 -20.35 23.87 1.55
C GLU C 159 -20.57 25.12 2.37
N GLU C 160 -19.55 25.99 2.45
CA GLU C 160 -19.62 27.14 3.33
C GLU C 160 -19.71 28.48 2.64
N GLU C 161 -18.74 28.79 1.76
CA GLU C 161 -18.63 30.09 1.09
C GLU C 161 -19.74 30.34 0.13
N CYS C 162 -20.05 29.35 -0.69
CA CYS C 162 -21.10 29.53 -1.66
C CYS C 162 -22.46 29.84 -1.01
N ILE C 163 -22.83 29.11 0.08
CA ILE C 163 -24.06 29.29 0.83
C ILE C 163 -24.12 30.68 1.41
N ALA C 164 -23.01 31.17 1.97
CA ALA C 164 -22.93 32.51 2.52
C ALA C 164 -23.14 33.60 1.44
N TRP C 165 -22.60 33.42 0.21
CA TRP C 165 -22.81 34.39 -0.87
C TRP C 165 -24.28 34.33 -1.28
N LEU C 166 -24.82 33.10 -1.42
CA LEU C 166 -26.21 32.89 -1.77
C LEU C 166 -27.15 33.61 -0.79
N LYS C 167 -26.94 33.42 0.52
CA LYS C 167 -27.76 34.08 1.55
C LYS C 167 -27.62 35.59 1.49
N ARG C 168 -26.44 36.09 1.14
CA ARG C 168 -26.15 37.52 0.98
C ARG C 168 -26.95 38.12 -0.20
N PHE C 169 -26.84 37.52 -1.40
CA PHE C 169 -27.53 37.94 -2.63
C PHE C 169 -29.04 37.81 -2.56
N LEU C 170 -29.55 36.79 -1.83
CA LEU C 170 -30.98 36.59 -1.63
C LEU C 170 -31.57 37.76 -0.88
N GLU C 171 -30.82 38.30 0.10
CA GLU C 171 -31.20 39.48 0.85
C GLU C 171 -31.22 40.71 -0.06
N TYR C 172 -30.17 40.93 -0.88
CA TYR C 172 -30.15 42.08 -1.81
C TYR C 172 -31.30 42.04 -2.82
N GLY C 173 -31.57 40.85 -3.35
CA GLY C 173 -32.61 40.63 -4.34
C GLY C 173 -33.98 40.24 -3.83
N LYS C 174 -34.21 40.27 -2.50
CA LYS C 174 -35.47 39.97 -1.79
C LYS C 174 -36.74 40.32 -2.59
N ASP C 175 -36.87 41.59 -2.99
CA ASP C 175 -38.08 42.06 -3.68
C ASP C 175 -38.38 41.39 -4.99
N THR C 176 -37.35 40.84 -5.65
CA THR C 176 -37.49 40.13 -6.91
C THR C 176 -37.63 38.64 -6.60
N LEU C 177 -36.59 38.06 -6.01
CA LEU C 177 -36.39 36.65 -5.72
C LEU C 177 -37.39 35.97 -4.81
N GLN C 178 -37.89 36.69 -3.80
CA GLN C 178 -38.78 36.08 -2.82
C GLN C 178 -40.24 36.35 -3.00
N ARG C 179 -40.61 37.03 -4.09
CA ARG C 179 -41.96 37.40 -4.46
C ARG C 179 -42.74 36.20 -5.06
N THR C 180 -44.06 36.28 -5.06
CA THR C 180 -44.93 35.31 -5.70
C THR C 180 -45.93 36.07 -6.55
N GLU C 181 -46.01 35.72 -7.83
CA GLU C 181 -47.00 36.25 -8.77
C GLU C 181 -47.79 35.00 -9.15
N PRO C 182 -49.05 34.85 -8.66
CA PRO C 182 -49.84 33.63 -8.96
C PRO C 182 -50.17 33.48 -10.44
N PRO C 183 -50.34 32.26 -10.96
CA PRO C 183 -50.67 32.13 -12.38
C PRO C 183 -52.13 32.39 -12.74
N LEU C 184 -52.34 32.84 -13.99
CA LEU C 184 -53.66 33.05 -14.60
C LEU C 184 -53.87 31.84 -15.47
N VAL C 185 -54.73 30.93 -15.04
CA VAL C 185 -54.95 29.67 -15.74
C VAL C 185 -56.28 29.63 -16.50
N ARG C 186 -56.26 29.09 -17.72
CA ARG C 186 -57.45 28.93 -18.56
C ARG C 186 -57.41 27.59 -19.31
N VAL C 187 -58.60 27.07 -19.68
CA VAL C 187 -58.71 25.84 -20.46
C VAL C 187 -59.37 26.21 -21.79
N ASN C 188 -58.79 25.73 -22.91
CA ASN C 188 -59.27 25.94 -24.27
C ASN C 188 -59.39 24.58 -24.98
N ARG C 189 -60.27 24.50 -25.99
CA ARG C 189 -60.41 23.30 -26.83
C ARG C 189 -59.72 23.62 -28.17
N LYS C 190 -59.29 22.59 -28.91
CA LYS C 190 -58.65 22.81 -30.22
C LYS C 190 -59.01 21.72 -31.21
N GLU C 191 -59.40 22.13 -32.44
CA GLU C 191 -59.78 21.23 -33.54
C GLU C 191 -58.52 20.79 -34.29
N THR C 192 -57.66 20.01 -33.59
CA THR C 192 -56.39 19.47 -34.09
C THR C 192 -56.63 18.32 -35.09
N PHE C 193 -57.36 18.66 -36.21
CA PHE C 193 -57.80 17.92 -37.42
C PHE C 193 -57.62 16.39 -37.50
N PRO C 194 -58.63 15.61 -37.99
CA PRO C 194 -59.96 16.02 -38.49
C PRO C 194 -61.05 16.20 -37.43
N GLY C 195 -61.34 15.16 -36.65
CA GLY C 195 -62.37 15.19 -35.63
C GLY C 195 -61.88 15.24 -34.19
N VAL C 196 -60.66 14.79 -33.98
CA VAL C 196 -60.01 14.69 -32.68
C VAL C 196 -59.83 16.08 -32.03
N THR C 197 -60.26 16.19 -30.75
CA THR C 197 -60.20 17.40 -29.94
C THR C 197 -59.06 17.32 -28.91
N ALA C 198 -58.37 18.44 -28.68
CA ALA C 198 -57.31 18.53 -27.67
C ALA C 198 -57.66 19.56 -26.61
N LEU C 199 -57.47 19.23 -25.33
CA LEU C 199 -57.71 20.20 -24.25
C LEU C 199 -56.38 20.85 -23.86
N PHE C 200 -56.32 22.20 -23.92
CA PHE C 200 -55.11 22.94 -23.56
C PHE C 200 -55.28 23.65 -22.26
N CYS C 201 -54.38 23.41 -21.34
CA CYS C 201 -54.38 24.09 -20.07
C CYS C 201 -53.26 25.09 -20.12
N LYS C 202 -53.57 26.39 -20.09
CA LYS C 202 -52.57 27.45 -20.25
C LYS C 202 -52.45 28.37 -19.04
N ALA C 203 -51.22 28.60 -18.59
CA ALA C 203 -50.93 29.46 -17.43
C ALA C 203 -49.97 30.54 -17.84
N HIS C 204 -50.15 31.74 -17.29
CA HIS C 204 -49.26 32.87 -17.54
C HIS C 204 -49.26 33.84 -16.37
N GLY C 205 -48.29 34.75 -16.39
CA GLY C 205 -48.13 35.78 -15.35
C GLY C 205 -47.57 35.26 -14.04
N PHE C 206 -46.94 34.07 -14.04
CA PHE C 206 -46.43 33.54 -12.79
C PHE C 206 -44.97 33.73 -12.56
N TYR C 207 -44.63 33.86 -11.30
CA TYR C 207 -43.29 33.92 -10.79
C TYR C 207 -43.39 33.31 -9.36
N PRO C 208 -42.47 32.41 -8.93
CA PRO C 208 -41.27 31.91 -9.63
C PRO C 208 -41.60 30.99 -10.81
N PRO C 209 -40.65 30.68 -11.73
CA PRO C 209 -40.97 29.78 -12.85
C PRO C 209 -41.36 28.33 -12.50
N GLU C 210 -41.17 27.89 -11.26
CA GLU C 210 -41.56 26.53 -10.87
C GLU C 210 -43.08 26.39 -10.76
N ILE C 211 -43.68 25.58 -11.65
CA ILE C 211 -45.10 25.30 -11.69
C ILE C 211 -45.28 23.81 -11.99
N TYR C 212 -46.28 23.16 -11.39
CA TYR C 212 -46.60 21.78 -11.72
C TYR C 212 -48.01 21.80 -12.33
N MET C 213 -48.15 21.31 -13.56
CA MET C 213 -49.40 21.25 -14.29
C MET C 213 -49.67 19.85 -14.76
N THR C 214 -50.86 19.35 -14.49
CA THR C 214 -51.24 18.00 -14.90
C THR C 214 -52.73 17.94 -15.25
N TRP C 215 -53.11 16.89 -15.98
CA TRP C 215 -54.48 16.60 -16.31
C TRP C 215 -54.88 15.33 -15.56
N MET C 216 -56.11 15.31 -15.03
CA MET C 216 -56.62 14.16 -14.30
C MET C 216 -57.93 13.69 -14.86
N LYS C 217 -58.03 12.32 -15.02
CA LYS C 217 -59.10 11.49 -15.59
C LYS C 217 -60.43 11.58 -14.93
N ASN C 218 -60.54 11.27 -13.63
CA ASN C 218 -61.81 11.35 -12.88
C ASN C 218 -61.44 11.60 -11.39
N GLY C 219 -60.20 11.99 -11.20
CA GLY C 219 -59.52 12.17 -9.93
C GLY C 219 -58.17 11.47 -9.95
N GLU C 220 -57.97 10.53 -10.91
CA GLU C 220 -56.74 9.75 -11.12
C GLU C 220 -55.93 10.33 -12.28
N GLU C 221 -54.59 10.25 -12.17
CA GLU C 221 -53.62 10.78 -13.14
C GLU C 221 -53.78 10.19 -14.54
N ILE C 222 -53.67 11.06 -15.57
CA ILE C 222 -53.76 10.65 -16.96
C ILE C 222 -52.47 10.00 -17.41
N VAL C 223 -52.51 8.65 -17.52
CA VAL C 223 -51.39 7.81 -17.97
C VAL C 223 -51.05 8.14 -19.42
N GLN C 224 -52.12 8.46 -20.24
CA GLN C 224 -52.09 8.83 -21.66
C GLN C 224 -51.14 10.00 -21.99
N GLU C 225 -50.90 10.24 -23.29
CA GLU C 225 -49.98 11.26 -23.81
C GLU C 225 -50.31 12.73 -23.48
N ILE C 226 -49.73 13.20 -22.34
CA ILE C 226 -49.80 14.58 -21.88
C ILE C 226 -48.61 15.27 -22.54
N ASP C 227 -48.88 16.16 -23.52
CA ASP C 227 -47.82 16.97 -24.16
C ASP C 227 -47.64 18.13 -23.19
N TYR C 228 -46.42 18.49 -22.93
CA TYR C 228 -46.09 19.58 -22.03
C TYR C 228 -45.39 20.68 -22.78
N GLY C 229 -45.78 21.92 -22.52
CA GLY C 229 -45.12 23.09 -23.05
C GLY C 229 -44.06 23.51 -22.06
N ASP C 230 -42.93 24.00 -22.58
CA ASP C 230 -41.81 24.50 -21.76
C ASP C 230 -42.27 25.69 -20.92
N ILE C 231 -41.65 25.89 -19.76
CA ILE C 231 -41.89 27.07 -18.92
C ILE C 231 -41.04 28.14 -19.59
N LEU C 232 -41.69 29.12 -20.19
CA LEU C 232 -41.06 30.15 -21.00
C LEU C 232 -41.06 31.53 -20.39
N PRO C 233 -39.98 32.31 -20.59
CA PRO C 233 -39.99 33.69 -20.06
C PRO C 233 -40.86 34.61 -20.90
N SER C 234 -41.74 35.40 -20.25
CA SER C 234 -42.63 36.33 -20.94
C SER C 234 -41.97 37.68 -21.33
N GLY C 235 -40.88 38.03 -20.67
CA GLY C 235 -40.13 39.26 -20.97
C GLY C 235 -40.36 40.39 -19.98
N ASP C 236 -41.16 40.14 -18.94
CA ASP C 236 -41.53 41.12 -17.91
C ASP C 236 -41.22 40.60 -16.48
N GLY C 237 -40.47 39.49 -16.42
CA GLY C 237 -40.10 38.84 -15.17
C GLY C 237 -41.03 37.72 -14.76
N THR C 238 -42.04 37.43 -15.59
CA THR C 238 -43.02 36.39 -15.33
C THR C 238 -42.95 35.32 -16.42
N TYR C 239 -43.60 34.18 -16.18
CA TYR C 239 -43.48 33.03 -17.05
C TYR C 239 -44.81 32.49 -17.53
N GLN C 240 -44.76 31.64 -18.54
CA GLN C 240 -45.91 30.97 -19.10
C GLN C 240 -45.57 29.52 -19.40
N ALA C 241 -46.60 28.67 -19.40
CA ALA C 241 -46.50 27.24 -19.69
C ALA C 241 -47.90 26.69 -19.98
N TRP C 242 -47.94 25.47 -20.52
CA TRP C 242 -49.14 24.76 -20.86
C TRP C 242 -48.97 23.22 -20.78
N ALA C 243 -50.09 22.47 -20.82
CA ALA C 243 -50.11 21.01 -20.82
C ALA C 243 -51.31 20.61 -21.67
N SER C 244 -51.13 19.56 -22.51
CA SER C 244 -52.16 19.10 -23.45
C SER C 244 -52.60 17.67 -23.28
N ILE C 245 -53.82 17.40 -23.68
CA ILE C 245 -54.45 16.09 -23.66
C ILE C 245 -55.26 15.94 -24.94
N GLU C 246 -55.35 14.69 -25.46
CA GLU C 246 -56.13 14.35 -26.65
C GLU C 246 -57.44 13.67 -26.19
N LEU C 247 -58.61 14.20 -26.62
CA LEU C 247 -59.93 13.68 -26.24
C LEU C 247 -60.58 12.85 -27.37
N LEU C 254 -64.47 12.26 -17.97
CA LEU C 254 -64.62 13.63 -17.42
C LEU C 254 -63.27 14.20 -16.88
N TYR C 255 -62.67 15.20 -17.57
CA TYR C 255 -61.33 15.76 -17.32
C TYR C 255 -61.15 17.08 -16.54
N SER C 256 -60.02 17.22 -15.83
CA SER C 256 -59.73 18.44 -15.06
C SER C 256 -58.26 18.80 -15.02
N CYS C 257 -57.95 20.09 -15.23
CA CYS C 257 -56.58 20.56 -15.16
C CYS C 257 -56.20 20.86 -13.69
N HIS C 258 -55.01 20.39 -13.26
CA HIS C 258 -54.47 20.62 -11.92
C HIS C 258 -53.23 21.45 -12.03
N VAL C 259 -53.17 22.54 -11.25
CA VAL C 259 -52.03 23.43 -11.27
C VAL C 259 -51.54 23.66 -9.85
N GLU C 260 -50.23 23.45 -9.62
CA GLU C 260 -49.62 23.71 -8.32
C GLU C 260 -48.54 24.76 -8.49
N HIS C 261 -48.59 25.81 -7.69
CA HIS C 261 -47.64 26.92 -7.72
C HIS C 261 -47.55 27.54 -6.32
N SER C 262 -46.33 27.61 -5.78
CA SER C 262 -45.98 28.19 -4.46
C SER C 262 -46.94 27.83 -3.29
N GLY C 263 -47.24 26.54 -3.13
CA GLY C 263 -48.13 26.09 -2.05
C GLY C 263 -49.62 26.30 -2.30
N VAL C 264 -50.01 26.55 -3.56
CA VAL C 264 -51.43 26.75 -3.90
C VAL C 264 -51.78 25.80 -5.01
N HIS C 265 -52.83 24.99 -4.80
CA HIS C 265 -53.34 24.03 -5.77
C HIS C 265 -54.63 24.58 -6.37
N MET C 266 -54.74 24.47 -7.68
CA MET C 266 -55.83 24.97 -8.47
C MET C 266 -56.40 23.86 -9.35
N VAL C 267 -57.71 23.76 -9.43
CA VAL C 267 -58.35 22.77 -10.28
C VAL C 267 -59.30 23.50 -11.24
N LEU C 268 -59.23 23.14 -12.54
CA LEU C 268 -60.14 23.65 -13.58
C LEU C 268 -60.79 22.46 -14.22
N GLN C 269 -62.03 22.17 -13.80
CA GLN C 269 -62.91 21.10 -14.26
C GLN C 269 -63.46 21.48 -15.64
N VAL C 270 -63.53 20.49 -16.54
CA VAL C 270 -64.05 20.68 -17.90
C VAL C 270 -65.45 20.04 -17.97
N ILE D 1 -20.46 16.18 -30.55
CA ILE D 1 -21.92 16.24 -30.64
C ILE D 1 -22.39 17.71 -30.72
N GLN D 2 -23.08 18.06 -31.83
CA GLN D 2 -23.63 19.40 -32.07
C GLN D 2 -25.15 19.34 -31.88
N ARG D 3 -25.67 20.25 -31.07
CA ARG D 3 -27.10 20.32 -30.75
C ARG D 3 -27.78 21.46 -31.44
N THR D 4 -28.85 21.14 -32.18
CA THR D 4 -29.64 22.10 -32.94
C THR D 4 -30.61 22.90 -32.04
N PRO D 5 -30.84 24.20 -32.31
CA PRO D 5 -31.77 24.96 -31.46
C PRO D 5 -33.25 24.61 -31.58
N LYS D 6 -33.94 24.74 -30.44
CA LYS D 6 -35.39 24.59 -30.28
C LYS D 6 -35.91 26.04 -30.40
N ILE D 7 -36.83 26.28 -31.33
CA ILE D 7 -37.34 27.63 -31.58
C ILE D 7 -38.81 27.74 -31.18
N GLN D 8 -39.09 28.69 -30.27
CA GLN D 8 -40.43 28.91 -29.75
C GLN D 8 -40.86 30.36 -29.92
N VAL D 9 -41.93 30.57 -30.69
CA VAL D 9 -42.49 31.90 -30.97
C VAL D 9 -43.81 32.04 -30.26
N TYR D 10 -43.98 33.11 -29.48
CA TYR D 10 -45.16 33.34 -28.64
C TYR D 10 -45.27 34.79 -28.24
N SER D 11 -46.46 35.22 -27.85
CA SER D 11 -46.69 36.56 -27.34
C SER D 11 -46.57 36.59 -25.81
N ARG D 12 -46.16 37.75 -25.27
CA ARG D 12 -46.03 38.00 -23.83
C ARG D 12 -47.39 37.77 -23.10
N HIS D 13 -48.46 38.35 -23.65
CA HIS D 13 -49.82 38.23 -23.12
C HIS D 13 -50.69 37.52 -24.16
N PRO D 14 -51.80 36.83 -23.74
CA PRO D 14 -52.71 36.21 -24.74
C PRO D 14 -53.20 37.27 -25.75
N ALA D 15 -52.66 37.19 -26.97
CA ALA D 15 -52.89 38.11 -28.07
C ALA D 15 -54.37 38.39 -28.41
N GLU D 16 -54.72 39.68 -28.50
CA GLU D 16 -56.04 40.20 -28.86
C GLU D 16 -55.81 41.30 -29.89
N ASN D 17 -56.34 41.11 -31.12
CA ASN D 17 -56.18 41.98 -32.30
C ASN D 17 -56.09 43.50 -32.11
N GLY D 18 -56.83 44.04 -31.15
CA GLY D 18 -56.81 45.48 -30.92
C GLY D 18 -55.72 46.02 -30.02
N LYS D 19 -55.00 45.16 -29.28
CA LYS D 19 -54.03 45.65 -28.32
C LYS D 19 -52.53 45.37 -28.52
N SER D 20 -51.70 46.34 -28.04
CA SER D 20 -50.25 46.33 -28.10
C SER D 20 -49.68 45.21 -27.23
N ASN D 21 -48.72 44.44 -27.79
CA ASN D 21 -48.09 43.28 -27.15
C ASN D 21 -46.59 43.23 -27.44
N PHE D 22 -46.01 42.05 -27.18
CA PHE D 22 -44.61 41.73 -27.40
C PHE D 22 -44.50 40.35 -28.02
N LEU D 23 -43.84 40.27 -29.17
CA LEU D 23 -43.60 38.98 -29.80
C LEU D 23 -42.24 38.47 -29.30
N ASN D 24 -42.23 37.29 -28.69
CA ASN D 24 -41.01 36.67 -28.19
C ASN D 24 -40.56 35.51 -29.08
N CYS D 25 -39.25 35.31 -29.18
CA CYS D 25 -38.64 34.17 -29.84
C CYS D 25 -37.60 33.57 -28.90
N TYR D 26 -37.94 32.44 -28.28
CA TYR D 26 -37.05 31.75 -27.36
C TYR D 26 -36.31 30.65 -28.12
N VAL D 27 -34.98 30.78 -28.18
CA VAL D 27 -34.08 29.86 -28.89
C VAL D 27 -33.28 29.17 -27.80
N SER D 28 -33.39 27.84 -27.73
CA SER D 28 -32.75 27.10 -26.66
C SER D 28 -32.17 25.73 -27.08
N GLY D 29 -31.37 25.14 -26.18
CA GLY D 29 -30.76 23.82 -26.31
C GLY D 29 -29.70 23.65 -27.38
N PHE D 30 -29.14 24.76 -27.87
CA PHE D 30 -28.12 24.71 -28.91
C PHE D 30 -26.68 24.69 -28.38
N HIS D 31 -25.79 24.12 -29.20
CA HIS D 31 -24.37 23.99 -28.94
C HIS D 31 -23.66 23.76 -30.27
N PRO D 32 -22.60 24.53 -30.64
CA PRO D 32 -21.95 25.63 -29.88
C PRO D 32 -22.74 26.95 -29.77
N SER D 33 -22.17 27.97 -29.11
CA SER D 33 -22.77 29.28 -28.78
C SER D 33 -23.20 30.18 -29.92
N ASP D 34 -22.48 30.07 -31.07
CA ASP D 34 -22.71 30.81 -32.31
C ASP D 34 -24.14 30.57 -32.83
N ILE D 35 -24.91 31.67 -33.01
CA ILE D 35 -26.29 31.65 -33.50
C ILE D 35 -26.68 33.01 -34.10
N GLU D 36 -27.48 32.99 -35.16
CA GLU D 36 -28.02 34.20 -35.79
C GLU D 36 -29.55 34.13 -35.64
N VAL D 37 -30.18 35.20 -35.10
CA VAL D 37 -31.63 35.23 -34.89
C VAL D 37 -32.22 36.55 -35.39
N ASP D 38 -33.34 36.46 -36.13
CA ASP D 38 -34.06 37.61 -36.68
C ASP D 38 -35.56 37.42 -36.52
N LEU D 39 -36.27 38.52 -36.27
CA LEU D 39 -37.73 38.52 -36.18
C LEU D 39 -38.25 39.19 -37.47
N LEU D 40 -39.22 38.54 -38.14
CA LEU D 40 -39.78 39.05 -39.41
C LEU D 40 -41.25 39.38 -39.31
N LYS D 41 -41.67 40.47 -39.98
CA LYS D 41 -43.08 40.91 -40.05
C LYS D 41 -43.86 39.99 -41.01
N ASN D 42 -43.70 40.24 -42.32
CA ASN D 42 -44.33 39.48 -43.42
C ASN D 42 -43.26 38.81 -44.29
N GLY D 43 -42.05 38.72 -43.77
CA GLY D 43 -40.90 38.14 -44.46
C GLY D 43 -39.75 39.11 -44.40
N GLU D 44 -40.05 40.39 -44.08
CA GLU D 44 -39.05 41.44 -43.91
C GLU D 44 -38.52 41.48 -42.46
N ARG D 45 -37.20 41.69 -42.26
CA ARG D 45 -36.55 41.76 -40.94
C ARG D 45 -36.93 43.02 -40.15
N ILE D 46 -37.32 42.84 -38.88
CA ILE D 46 -37.70 43.95 -38.00
C ILE D 46 -36.41 44.65 -37.53
N GLU D 47 -36.40 45.99 -37.53
CA GLU D 47 -35.22 46.73 -37.10
C GLU D 47 -35.08 46.82 -35.57
N LYS D 48 -36.14 47.31 -34.89
CA LYS D 48 -36.18 47.50 -33.44
C LYS D 48 -36.36 46.18 -32.65
N VAL D 49 -35.30 45.34 -32.62
CA VAL D 49 -35.36 44.04 -31.92
C VAL D 49 -34.38 43.96 -30.75
N GLU D 50 -34.93 43.83 -29.54
CA GLU D 50 -34.15 43.70 -28.32
C GLU D 50 -33.93 42.21 -28.00
N HIS D 51 -32.80 41.90 -27.34
CA HIS D 51 -32.47 40.52 -26.97
C HIS D 51 -31.70 40.40 -25.66
N SER D 52 -31.84 39.23 -25.03
CA SER D 52 -31.13 38.92 -23.80
C SER D 52 -29.67 38.57 -24.14
N ASP D 53 -28.81 38.51 -23.12
CA ASP D 53 -27.42 38.09 -23.29
C ASP D 53 -27.46 36.58 -23.39
N LEU D 54 -26.42 35.97 -23.99
CA LEU D 54 -26.36 34.51 -24.10
C LEU D 54 -26.49 33.93 -22.70
N SER D 55 -27.33 32.91 -22.54
CA SER D 55 -27.51 32.32 -21.22
C SER D 55 -27.07 30.87 -21.23
N PHE D 56 -26.76 30.33 -20.06
CA PHE D 56 -26.24 28.96 -19.91
C PHE D 56 -27.17 28.07 -19.15
N SER D 57 -27.34 26.83 -19.66
CA SER D 57 -28.10 25.75 -19.03
C SER D 57 -27.14 24.73 -18.36
N LYS D 58 -27.63 24.02 -17.35
CA LYS D 58 -26.87 23.02 -16.60
C LYS D 58 -26.39 21.83 -17.46
N ASP D 59 -27.10 21.56 -18.58
CA ASP D 59 -26.81 20.50 -19.55
C ASP D 59 -25.76 20.93 -20.58
N TRP D 60 -25.14 22.12 -20.36
CA TRP D 60 -24.08 22.75 -21.15
C TRP D 60 -24.54 23.46 -22.41
N SER D 61 -25.84 23.43 -22.67
CA SER D 61 -26.40 24.10 -23.83
C SER D 61 -26.73 25.59 -23.56
N PHE D 62 -27.07 26.32 -24.63
CA PHE D 62 -27.33 27.74 -24.53
C PHE D 62 -28.76 28.12 -24.89
N TYR D 63 -29.19 29.28 -24.39
CA TYR D 63 -30.50 29.85 -24.65
C TYR D 63 -30.46 31.38 -24.72
N LEU D 64 -31.43 31.95 -25.47
CA LEU D 64 -31.61 33.37 -25.74
C LEU D 64 -33.10 33.70 -25.98
N LEU D 65 -33.47 34.96 -25.69
CA LEU D 65 -34.79 35.52 -25.93
C LEU D 65 -34.63 36.80 -26.75
N TYR D 66 -35.29 36.82 -27.90
CA TYR D 66 -35.37 37.96 -28.81
C TYR D 66 -36.81 38.35 -28.79
N TYR D 67 -37.05 39.62 -28.54
CA TYR D 67 -38.40 40.16 -28.49
C TYR D 67 -38.54 41.44 -29.26
N THR D 68 -39.79 41.81 -29.55
CA THR D 68 -40.14 43.06 -30.22
C THR D 68 -41.55 43.50 -29.83
N GLU D 69 -41.76 44.81 -29.72
CA GLU D 69 -43.08 45.34 -29.43
C GLU D 69 -43.83 45.35 -30.75
N PHE D 70 -45.10 44.88 -30.75
CA PHE D 70 -45.92 44.80 -31.94
C PHE D 70 -47.41 44.89 -31.59
N THR D 71 -48.28 45.04 -32.59
CA THR D 71 -49.73 45.09 -32.41
C THR D 71 -50.35 44.07 -33.40
N PRO D 72 -50.74 42.86 -32.92
CA PRO D 72 -51.27 41.83 -33.84
C PRO D 72 -52.49 42.25 -34.66
N THR D 73 -52.44 42.07 -36.01
CA THR D 73 -53.52 42.45 -36.94
C THR D 73 -53.67 41.45 -38.10
N TYR D 78 -46.25 36.70 -38.90
CA TYR D 78 -45.06 36.81 -38.01
C TYR D 78 -44.20 35.55 -37.92
N ALA D 79 -42.86 35.73 -37.97
CA ALA D 79 -41.93 34.60 -37.88
C ALA D 79 -40.61 34.90 -37.15
N CYS D 80 -39.81 33.86 -36.90
CA CYS D 80 -38.48 33.95 -36.28
C CYS D 80 -37.52 33.19 -37.21
N ARG D 81 -36.45 33.85 -37.66
CA ARG D 81 -35.48 33.23 -38.56
C ARG D 81 -34.19 32.97 -37.78
N VAL D 82 -33.78 31.69 -37.74
CA VAL D 82 -32.62 31.25 -36.99
C VAL D 82 -31.63 30.45 -37.86
N ASN D 83 -30.34 30.79 -37.74
CA ASN D 83 -29.24 30.04 -38.33
C ASN D 83 -28.27 29.67 -37.20
N HIS D 84 -27.73 28.46 -37.30
CA HIS D 84 -26.82 27.87 -36.33
C HIS D 84 -26.00 26.87 -37.10
N VAL D 85 -24.73 26.65 -36.70
CA VAL D 85 -23.77 25.72 -37.30
C VAL D 85 -24.39 24.36 -37.76
N THR D 86 -25.47 23.94 -37.09
CA THR D 86 -26.24 22.70 -37.36
C THR D 86 -27.33 22.93 -38.43
N LEU D 87 -27.09 23.92 -39.31
CA LEU D 87 -27.91 24.40 -40.43
C LEU D 87 -28.14 23.37 -41.56
N SER D 88 -28.45 23.92 -42.74
CA SER D 88 -28.73 23.33 -44.04
C SER D 88 -29.11 24.57 -44.84
N GLN D 89 -29.56 25.60 -44.09
CA GLN D 89 -30.08 26.92 -44.49
C GLN D 89 -30.78 27.48 -43.22
N PRO D 90 -31.12 28.80 -43.13
CA PRO D 90 -31.81 29.28 -41.93
C PRO D 90 -33.23 28.72 -41.82
N LYS D 91 -33.65 28.43 -40.58
CA LYS D 91 -34.97 27.92 -40.24
C LYS D 91 -35.91 29.08 -39.92
N ILE D 92 -37.02 29.18 -40.69
CA ILE D 92 -38.05 30.21 -40.48
C ILE D 92 -39.17 29.54 -39.67
N VAL D 93 -39.43 30.03 -38.45
CA VAL D 93 -40.48 29.48 -37.58
C VAL D 93 -41.58 30.52 -37.44
N LYS D 94 -42.76 30.23 -38.02
CA LYS D 94 -43.90 31.11 -37.99
C LYS D 94 -44.66 31.05 -36.66
N TRP D 95 -45.28 32.18 -36.28
CA TRP D 95 -46.07 32.35 -35.06
C TRP D 95 -47.53 31.88 -35.31
N ASP D 96 -48.05 31.03 -34.39
CA ASP D 96 -49.39 30.42 -34.40
C ASP D 96 -50.55 31.41 -34.58
N GLY E 1 -11.12 40.35 5.18
CA GLY E 1 -11.73 40.60 6.47
C GLY E 1 -11.08 41.73 7.25
N GLN E 2 -10.67 41.44 8.53
CA GLN E 2 -10.05 42.44 9.41
C GLN E 2 -8.87 41.91 10.23
N ASN E 3 -9.17 41.28 11.39
CA ASN E 3 -8.13 40.87 12.33
C ASN E 3 -7.66 39.45 12.28
N ILE E 4 -6.33 39.30 12.43
CA ILE E 4 -5.58 38.05 12.61
C ILE E 4 -4.78 38.36 13.85
N ASP E 5 -4.92 37.53 14.89
CA ASP E 5 -4.20 37.75 16.15
C ASP E 5 -3.40 36.55 16.58
N GLN E 6 -2.12 36.79 16.84
CA GLN E 6 -1.16 35.81 17.32
C GLN E 6 -0.23 36.47 18.31
N PRO E 7 0.26 35.78 19.38
CA PRO E 7 1.16 36.48 20.33
C PRO E 7 2.39 37.09 19.67
N THR E 8 2.90 38.18 20.22
CA THR E 8 4.11 38.81 19.68
C THR E 8 5.34 37.89 19.83
N GLU E 9 5.44 37.23 20.96
CA GLU E 9 6.61 36.42 21.26
C GLU E 9 6.29 35.26 22.17
N MET E 10 7.08 34.17 22.06
CA MET E 10 6.98 32.99 22.91
C MET E 10 8.37 32.43 23.17
N THR E 11 8.60 32.00 24.39
CA THR E 11 9.86 31.37 24.80
C THR E 11 9.55 30.01 25.38
N ALA E 12 10.32 28.99 24.97
CA ALA E 12 10.18 27.63 25.44
C ALA E 12 11.59 27.03 25.50
N THR E 13 11.73 25.84 26.09
CA THR E 13 13.02 25.18 26.25
C THR E 13 13.22 24.16 25.14
N GLU E 14 14.50 23.85 24.82
CA GLU E 14 14.78 22.85 23.81
C GLU E 14 14.36 21.45 24.21
N GLY E 15 13.67 20.76 23.32
CA GLY E 15 13.18 19.40 23.52
C GLY E 15 11.76 19.32 24.03
N ALA E 16 11.20 20.50 24.34
CA ALA E 16 9.86 20.69 24.86
C ALA E 16 8.88 20.92 23.71
N ILE E 17 7.61 21.14 24.04
CA ILE E 17 6.53 21.39 23.09
C ILE E 17 6.03 22.85 23.24
N VAL E 18 5.68 23.48 22.11
CA VAL E 18 5.12 24.83 22.04
C VAL E 18 3.92 24.86 21.07
N GLN E 19 2.87 25.56 21.44
CA GLN E 19 1.64 25.73 20.68
C GLN E 19 1.46 27.19 20.36
N ILE E 20 1.53 27.54 19.08
CA ILE E 20 1.37 28.92 18.62
C ILE E 20 -0.07 29.17 18.15
N ASN E 21 -0.80 29.99 18.89
CA ASN E 21 -2.21 30.32 18.63
C ASN E 21 -2.44 31.43 17.67
N CYS E 22 -3.50 31.30 16.91
CA CYS E 22 -3.92 32.27 15.92
C CYS E 22 -5.43 32.34 15.86
N THR E 23 -6.01 33.52 16.11
CA THR E 23 -7.44 33.74 15.99
C THR E 23 -7.71 34.74 14.90
N TYR E 24 -8.74 34.49 14.09
CA TYR E 24 -9.04 35.37 12.98
C TYR E 24 -10.46 35.78 12.96
N GLN E 25 -10.68 37.02 12.52
CA GLN E 25 -11.97 37.66 12.35
C GLN E 25 -11.95 38.19 10.92
N THR E 26 -12.36 37.33 9.98
CA THR E 26 -12.37 37.73 8.57
C THR E 26 -13.78 37.75 7.98
N SER E 27 -13.93 38.39 6.81
CA SER E 27 -15.16 38.39 6.04
C SER E 27 -14.95 37.23 5.06
N GLY E 28 -15.45 36.06 5.47
CA GLY E 28 -15.33 34.83 4.69
C GLY E 28 -14.06 34.08 5.02
N PHE E 29 -14.00 32.82 4.59
CA PHE E 29 -12.84 32.02 4.90
C PHE E 29 -12.53 31.07 3.80
N ASN E 30 -11.32 31.14 3.27
CA ASN E 30 -10.87 30.27 2.19
C ASN E 30 -9.60 29.53 2.52
N GLY E 31 -9.23 29.52 3.79
CA GLY E 31 -8.02 28.83 4.20
C GLY E 31 -7.10 29.62 5.08
N LEU E 32 -6.37 28.89 5.90
CA LEU E 32 -5.40 29.43 6.82
C LEU E 32 -4.05 28.81 6.49
N PHE E 33 -3.05 29.69 6.38
CA PHE E 33 -1.66 29.34 6.10
C PHE E 33 -0.78 29.68 7.30
N TRP E 34 0.25 28.85 7.50
CA TRP E 34 1.28 29.05 8.48
C TRP E 34 2.57 29.07 7.69
N TYR E 35 3.39 30.09 7.94
CA TYR E 35 4.70 30.30 7.33
C TYR E 35 5.72 30.45 8.44
N GLN E 36 6.98 30.10 8.13
CA GLN E 36 8.10 30.26 9.04
C GLN E 36 9.01 31.29 8.41
N GLN E 37 9.45 32.24 9.20
CA GLN E 37 10.38 33.25 8.72
C GLN E 37 11.57 33.38 9.68
N HIS E 38 12.72 32.87 9.26
CA HIS E 38 13.97 33.03 10.06
C HIS E 38 14.40 34.48 9.89
N ALA E 39 14.87 35.09 10.98
CA ALA E 39 15.35 36.48 11.05
C ALA E 39 16.29 36.82 9.86
N GLY E 40 15.87 37.80 9.06
CA GLY E 40 16.61 38.28 7.89
C GLY E 40 16.35 37.52 6.60
N GLU E 41 15.43 36.54 6.62
CA GLU E 41 15.15 35.71 5.45
C GLU E 41 13.70 35.82 4.95
N ALA E 42 13.40 35.10 3.88
CA ALA E 42 12.07 35.05 3.31
C ALA E 42 11.13 34.16 4.15
N PRO E 43 9.81 34.45 4.18
CA PRO E 43 8.88 33.49 4.81
C PRO E 43 8.80 32.24 3.94
N THR E 44 8.66 31.04 4.57
CA THR E 44 8.54 29.77 3.83
C THR E 44 7.30 29.03 4.33
N PHE E 45 6.52 28.46 3.41
CA PHE E 45 5.28 27.74 3.70
C PHE E 45 5.47 26.53 4.61
N LEU E 46 4.60 26.38 5.64
CA LEU E 46 4.58 25.26 6.58
C LEU E 46 3.34 24.44 6.39
N SER E 47 2.17 25.06 6.36
CA SER E 47 0.91 24.33 6.25
C SER E 47 -0.24 25.16 5.79
N TYR E 48 -1.28 24.45 5.36
CA TYR E 48 -2.56 24.97 4.94
C TYR E 48 -3.70 24.16 5.60
N ASN E 49 -4.69 24.86 6.16
CA ASN E 49 -5.87 24.20 6.70
C ASN E 49 -7.06 24.96 6.18
N VAL E 50 -8.10 24.22 5.78
CA VAL E 50 -9.34 24.84 5.27
C VAL E 50 -10.54 24.12 5.91
N LEU E 51 -10.41 22.83 6.23
CA LEU E 51 -11.44 22.09 6.96
C LEU E 51 -11.02 21.85 8.41
N ASP E 52 -11.98 21.61 9.29
CA ASP E 52 -11.76 21.30 10.70
C ASP E 52 -10.93 20.06 10.96
N GLY E 53 -9.95 20.18 11.85
CA GLY E 53 -9.09 19.07 12.24
C GLY E 53 -7.64 19.43 12.40
N LEU E 54 -6.88 18.45 12.87
CA LEU E 54 -5.45 18.47 13.10
C LEU E 54 -4.77 17.74 11.97
N GLU E 55 -3.71 18.34 11.40
CA GLU E 55 -2.89 17.76 10.33
C GLU E 55 -1.39 17.73 10.77
N GLU E 56 -0.79 16.53 10.84
CA GLU E 56 0.63 16.38 11.21
C GLU E 56 1.54 16.32 10.00
N LYS E 57 2.71 17.01 10.08
CA LYS E 57 3.75 17.07 9.06
C LYS E 57 5.10 17.05 9.80
N GLY E 58 5.53 15.87 10.24
CA GLY E 58 6.77 15.69 10.99
C GLY E 58 6.64 16.17 12.42
N ARG E 59 7.55 17.07 12.86
CA ARG E 59 7.50 17.63 14.23
C ARG E 59 6.43 18.74 14.35
N PHE E 60 5.87 19.19 13.19
CA PHE E 60 4.87 20.26 13.09
C PHE E 60 3.47 19.72 12.82
N SER E 61 2.48 20.27 13.52
CA SER E 61 1.05 19.96 13.38
C SER E 61 0.26 21.26 13.35
N SER E 62 -0.76 21.32 12.50
CA SER E 62 -1.61 22.48 12.37
C SER E 62 -3.02 22.04 12.65
N PHE E 63 -3.69 22.80 13.48
CA PHE E 63 -5.08 22.55 13.82
C PHE E 63 -5.95 23.70 13.34
N LEU E 64 -7.17 23.39 12.98
CA LEU E 64 -8.14 24.41 12.61
C LEU E 64 -9.53 24.08 13.16
N SER E 65 -10.22 25.12 13.65
CA SER E 65 -11.62 25.10 14.06
C SER E 65 -12.27 26.32 13.40
N ARG E 66 -13.05 26.11 12.33
CA ARG E 66 -13.70 27.21 11.58
C ARG E 66 -14.79 27.93 12.38
N SER E 67 -15.59 27.18 13.15
CA SER E 67 -16.68 27.77 13.95
C SER E 67 -16.12 28.71 15.03
N LYS E 68 -14.92 28.40 15.56
CA LYS E 68 -14.26 29.19 16.58
C LYS E 68 -13.33 30.27 15.99
N GLY E 69 -13.03 30.19 14.69
CA GLY E 69 -12.11 31.09 14.01
C GLY E 69 -10.76 31.03 14.71
N TYR E 70 -10.23 29.83 14.83
CA TYR E 70 -9.04 29.58 15.62
C TYR E 70 -8.20 28.49 15.03
N SER E 71 -6.90 28.69 15.07
CA SER E 71 -5.93 27.71 14.61
C SER E 71 -4.72 27.74 15.55
N TYR E 72 -3.98 26.65 15.59
CA TYR E 72 -2.71 26.57 16.27
C TYR E 72 -1.71 25.78 15.47
N LEU E 73 -0.44 26.14 15.64
CA LEU E 73 0.70 25.43 15.07
C LEU E 73 1.46 24.83 16.30
N LEU E 74 1.54 23.52 16.37
CA LEU E 74 2.14 22.78 17.46
C LEU E 74 3.50 22.25 17.02
N LEU E 75 4.55 22.67 17.73
CA LEU E 75 5.92 22.26 17.45
C LEU E 75 6.37 21.33 18.58
N LYS E 76 6.73 20.09 18.24
CA LYS E 76 7.20 19.09 19.22
C LYS E 76 8.73 18.92 19.08
N GLU E 77 9.36 18.40 20.12
CA GLU E 77 10.80 18.12 20.27
C GLU E 77 11.64 19.28 19.79
N LEU E 78 11.33 20.48 20.30
CA LEU E 78 11.95 21.75 19.94
C LEU E 78 13.46 21.73 19.80
N GLN E 79 13.93 22.19 18.65
CA GLN E 79 15.35 22.30 18.34
C GLN E 79 15.68 23.76 18.21
N MET E 80 16.94 24.13 18.38
CA MET E 80 17.41 25.52 18.28
C MET E 80 17.08 26.15 16.93
N LYS E 81 17.12 25.30 15.85
CA LYS E 81 16.80 25.63 14.46
C LYS E 81 15.37 26.16 14.31
N ASP E 82 14.48 25.86 15.30
CA ASP E 82 13.08 26.27 15.29
C ASP E 82 12.90 27.73 15.70
N SER E 83 14.00 28.41 16.17
CA SER E 83 13.98 29.83 16.55
C SER E 83 13.81 30.63 15.29
N ALA E 84 12.62 31.22 15.14
CA ALA E 84 12.18 31.95 13.97
C ALA E 84 10.85 32.64 14.32
N SER E 85 10.27 33.36 13.35
CA SER E 85 8.96 33.97 13.45
C SER E 85 8.02 33.04 12.71
N TYR E 86 6.81 32.88 13.26
CA TYR E 86 5.74 32.04 12.68
C TYR E 86 4.59 32.93 12.35
N LEU E 87 4.28 33.05 11.06
CA LEU E 87 3.22 33.89 10.56
C LEU E 87 1.95 33.11 10.20
N CYS E 88 0.84 33.69 10.58
CA CYS E 88 -0.50 33.21 10.34
C CYS E 88 -1.15 34.14 9.29
N ALA E 89 -1.67 33.55 8.20
CA ALA E 89 -2.33 34.27 7.12
C ALA E 89 -3.64 33.57 6.77
N VAL E 90 -4.72 34.34 6.62
CA VAL E 90 -6.05 33.87 6.29
C VAL E 90 -6.50 34.46 4.94
N MET E 91 -7.00 33.60 4.05
CA MET E 91 -7.56 34.07 2.82
C MET E 91 -9.05 34.34 3.06
N ASP E 92 -9.51 35.55 2.72
CA ASP E 92 -10.89 35.94 2.93
C ASP E 92 -11.79 35.58 1.73
N SER E 93 -13.04 36.01 1.76
CA SER E 93 -14.00 35.73 0.69
C SER E 93 -13.61 36.34 -0.67
N ASN E 94 -12.75 37.35 -0.67
CA ASN E 94 -12.27 38.06 -1.87
C ASN E 94 -10.89 37.57 -2.34
N TYR E 95 -10.39 36.47 -1.76
CA TYR E 95 -9.10 35.84 -2.11
C TYR E 95 -7.90 36.72 -1.79
N GLN E 96 -8.10 37.58 -0.79
CA GLN E 96 -7.09 38.46 -0.27
C GLN E 96 -6.50 37.75 0.95
N LEU E 97 -5.19 37.53 0.91
CA LEU E 97 -4.44 36.90 1.98
C LEU E 97 -4.15 38.01 3.01
N ILE E 98 -4.64 37.81 4.24
CA ILE E 98 -4.53 38.72 5.38
C ILE E 98 -3.51 38.11 6.31
N TRP E 99 -2.43 38.86 6.59
CA TRP E 99 -1.33 38.39 7.41
C TRP E 99 -1.36 38.89 8.83
N GLY E 100 -1.04 37.99 9.75
CA GLY E 100 -0.85 38.31 11.16
C GLY E 100 0.53 38.92 11.34
N ALA E 101 0.73 39.66 12.44
CA ALA E 101 1.98 40.35 12.78
C ALA E 101 3.15 39.42 13.04
N GLY E 102 2.88 38.13 13.23
CA GLY E 102 3.90 37.11 13.46
C GLY E 102 4.18 36.89 14.93
N THR E 103 4.63 35.67 15.26
CA THR E 103 5.03 35.28 16.60
C THR E 103 6.50 34.92 16.54
N LYS E 104 7.37 35.66 17.25
CA LYS E 104 8.80 35.33 17.37
C LYS E 104 8.94 34.21 18.42
N LEU E 105 9.46 33.05 18.00
CA LEU E 105 9.68 31.95 18.93
C LEU E 105 11.14 31.95 19.37
N ILE E 106 11.39 31.99 20.69
CA ILE E 106 12.74 31.95 21.26
C ILE E 106 12.94 30.63 21.97
N ILE E 107 14.02 29.92 21.65
CA ILE E 107 14.30 28.62 22.27
C ILE E 107 15.50 28.70 23.22
N LYS E 108 15.27 28.34 24.47
CA LYS E 108 16.27 28.25 25.52
C LYS E 108 17.02 26.91 25.37
N PRO E 109 18.37 26.94 25.16
CA PRO E 109 19.13 25.67 25.07
C PRO E 109 19.29 24.96 26.41
N ASP E 110 19.30 23.63 26.38
CA ASP E 110 19.55 22.85 27.58
C ASP E 110 21.09 22.84 27.86
N ILE E 111 21.55 23.58 28.88
CA ILE E 111 22.98 23.60 29.21
C ILE E 111 23.25 22.51 30.22
N GLN E 112 23.86 21.40 29.75
CA GLN E 112 24.17 20.23 30.61
C GLN E 112 25.18 20.57 31.72
N ASN E 113 26.23 21.34 31.37
CA ASN E 113 27.25 21.72 32.34
C ASN E 113 27.53 23.23 32.41
N PRO E 114 26.74 24.00 33.22
CA PRO E 114 27.01 25.43 33.36
C PRO E 114 28.33 25.69 34.10
N ASP E 115 29.05 26.72 33.66
CA ASP E 115 30.30 27.15 34.24
C ASP E 115 30.34 28.70 34.05
N PRO E 116 29.43 29.46 34.71
CA PRO E 116 29.39 30.93 34.47
C PRO E 116 30.63 31.67 34.89
N ALA E 117 31.14 32.47 33.96
CA ALA E 117 32.35 33.26 34.13
C ALA E 117 32.30 34.53 33.30
N VAL E 118 33.01 35.56 33.80
CA VAL E 118 33.18 36.85 33.15
C VAL E 118 34.68 36.97 32.88
N TYR E 119 35.05 37.01 31.60
CA TYR E 119 36.44 37.06 31.16
C TYR E 119 36.77 38.37 30.47
N GLN E 120 38.03 38.78 30.56
CA GLN E 120 38.50 39.95 29.83
C GLN E 120 39.23 39.52 28.62
N LEU E 121 38.87 40.07 27.49
CA LEU E 121 39.57 39.77 26.25
C LEU E 121 40.79 40.68 26.12
N ARG E 122 41.75 40.26 25.28
CA ARG E 122 42.94 41.03 24.99
C ARG E 122 42.48 42.26 24.24
N ASP E 123 43.04 43.40 24.63
CA ASP E 123 42.80 44.68 23.98
C ASP E 123 43.33 44.60 22.53
N SER E 124 42.77 45.37 21.60
CA SER E 124 43.34 45.33 20.27
C SER E 124 44.14 46.59 20.01
N LYS E 125 45.30 46.45 19.33
CA LYS E 125 46.23 47.53 18.93
C LYS E 125 45.44 48.72 18.36
N SER E 126 44.46 48.43 17.50
CA SER E 126 43.62 49.35 16.75
C SER E 126 42.32 49.81 17.46
N SER E 127 42.18 49.59 18.79
CA SER E 127 40.96 50.03 19.46
C SER E 127 41.19 50.51 20.88
N ASP E 128 40.41 51.53 21.29
CA ASP E 128 40.41 52.10 22.66
C ASP E 128 39.53 51.30 23.63
N LYS E 129 38.57 50.53 23.11
CA LYS E 129 37.63 49.75 23.91
C LYS E 129 38.28 48.64 24.76
N SER E 130 37.66 48.29 25.89
CA SER E 130 38.01 47.14 26.72
C SER E 130 36.74 46.25 26.66
N VAL E 131 36.91 44.92 26.53
CA VAL E 131 35.81 43.99 26.23
C VAL E 131 35.73 42.86 27.25
N CYS E 132 34.54 42.68 27.82
CA CYS E 132 34.24 41.67 28.82
C CYS E 132 33.20 40.73 28.28
N LEU E 133 33.45 39.46 28.45
CA LEU E 133 32.58 38.38 28.00
C LEU E 133 32.03 37.58 29.17
N PHE E 134 30.70 37.54 29.27
CA PHE E 134 29.95 36.75 30.24
C PHE E 134 29.50 35.52 29.45
N THR E 135 29.97 34.35 29.87
CA THR E 135 29.73 33.12 29.12
C THR E 135 29.44 31.92 30.03
N ASP E 136 29.00 30.83 29.41
CA ASP E 136 28.77 29.50 30.00
C ASP E 136 27.71 29.39 31.07
N PHE E 137 26.84 30.39 31.14
CA PHE E 137 25.70 30.44 32.07
C PHE E 137 24.51 29.67 31.48
N ASP E 138 23.63 29.22 32.36
CA ASP E 138 22.44 28.46 31.94
C ASP E 138 21.33 29.42 31.47
N SER E 139 20.44 28.91 30.63
CA SER E 139 19.33 29.64 30.01
C SER E 139 18.34 30.38 30.93
N GLN E 140 18.35 30.11 32.24
CA GLN E 140 17.49 30.82 33.19
C GLN E 140 17.98 32.27 33.39
N THR E 141 19.33 32.51 33.40
CA THR E 141 19.87 33.85 33.60
C THR E 141 19.60 34.83 32.46
N ASN E 142 19.28 36.08 32.84
CA ASN E 142 18.99 37.14 31.90
C ASN E 142 20.01 38.26 31.97
N VAL E 143 20.34 38.81 30.81
CA VAL E 143 21.29 39.91 30.67
C VAL E 143 20.50 41.20 30.53
N SER E 144 20.70 42.13 31.50
CA SER E 144 20.03 43.42 31.54
C SER E 144 20.85 44.41 30.72
N GLN E 145 20.18 45.47 30.20
CA GLN E 145 20.86 46.50 29.40
C GLN E 145 21.76 47.33 30.32
N SER E 146 22.63 48.13 29.72
CA SER E 146 23.59 48.96 30.41
C SER E 146 22.95 50.09 31.24
N LYS E 147 23.59 50.43 32.37
CA LYS E 147 23.17 51.54 33.23
C LYS E 147 23.88 52.81 32.70
N ASP E 148 25.24 52.82 32.65
CA ASP E 148 26.05 53.92 32.12
C ASP E 148 25.86 54.00 30.60
N SER E 149 25.71 55.23 30.09
CA SER E 149 25.51 55.54 28.68
C SER E 149 26.71 55.13 27.80
N ASP E 150 27.92 55.27 28.34
CA ASP E 150 29.16 54.94 27.63
C ASP E 150 29.64 53.48 27.83
N VAL E 151 28.71 52.60 28.26
CA VAL E 151 28.90 51.15 28.44
C VAL E 151 27.88 50.43 27.56
N TYR E 152 28.32 49.49 26.74
CA TYR E 152 27.44 48.77 25.82
C TYR E 152 27.40 47.31 26.13
N ILE E 153 26.21 46.78 26.31
CA ILE E 153 25.98 45.37 26.64
C ILE E 153 25.05 44.74 25.60
N THR E 154 25.45 43.58 25.04
CA THR E 154 24.64 42.87 24.04
C THR E 154 23.71 41.86 24.72
N ASP E 155 22.70 41.39 23.97
CA ASP E 155 21.75 40.36 24.43
C ASP E 155 22.46 38.99 24.48
N LYS E 156 21.89 38.00 25.20
CA LYS E 156 22.42 36.63 25.22
C LYS E 156 22.37 36.08 23.78
N CYS E 157 23.35 35.31 23.41
CA CYS E 157 23.36 34.70 22.10
C CYS E 157 23.90 33.26 22.32
N VAL E 158 23.28 32.28 21.65
CA VAL E 158 23.63 30.86 21.69
C VAL E 158 24.57 30.49 20.57
N LEU E 159 25.64 29.82 20.92
CA LEU E 159 26.60 29.37 19.94
C LEU E 159 26.73 27.85 20.02
N ASP E 160 26.83 27.19 18.86
CA ASP E 160 26.95 25.74 18.75
C ASP E 160 28.29 25.32 18.11
N MET E 161 29.13 24.67 18.88
CA MET E 161 30.40 24.13 18.43
C MET E 161 30.11 22.72 17.95
N ARG E 162 29.59 22.63 16.72
CA ARG E 162 29.16 21.42 16.02
C ARG E 162 30.09 20.20 16.09
N SER E 163 31.39 20.46 16.09
CA SER E 163 32.44 19.46 16.20
C SER E 163 32.37 18.72 17.55
N MET E 164 32.24 19.48 18.66
CA MET E 164 32.19 18.99 20.04
C MET E 164 30.78 18.73 20.61
N ASP E 165 29.72 18.86 19.76
CA ASP E 165 28.30 18.75 20.17
C ASP E 165 28.09 19.56 21.48
N PHE E 166 28.56 20.82 21.46
CA PHE E 166 28.58 21.73 22.61
C PHE E 166 27.86 23.03 22.29
N LYS E 167 27.05 23.51 23.26
CA LYS E 167 26.27 24.74 23.18
C LYS E 167 26.60 25.62 24.35
N SER E 168 26.73 26.94 24.10
CA SER E 168 26.99 27.92 25.15
C SER E 168 26.26 29.22 24.95
N ASN E 169 25.84 29.84 26.06
CA ASN E 169 25.22 31.17 26.08
C ASN E 169 26.33 32.19 26.34
N SER E 170 26.19 33.38 25.74
CA SER E 170 27.14 34.47 25.91
C SER E 170 26.54 35.83 25.64
N ALA E 171 27.02 36.81 26.40
CA ALA E 171 26.72 38.23 26.31
C ALA E 171 28.06 38.97 26.40
N VAL E 172 28.17 40.09 25.66
CA VAL E 172 29.37 40.90 25.58
C VAL E 172 29.11 42.31 26.12
N ALA E 173 30.10 42.89 26.84
CA ALA E 173 30.06 44.25 27.35
C ALA E 173 31.36 44.98 26.98
N TRP E 174 31.26 46.26 26.58
CA TRP E 174 32.43 47.06 26.24
C TRP E 174 32.27 48.54 26.56
N SER E 175 33.41 49.22 26.64
CA SER E 175 33.54 50.65 26.93
C SER E 175 34.98 51.13 26.75
N ASN E 176 35.16 52.45 26.62
CA ASN E 176 36.50 53.03 26.51
C ASN E 176 36.74 53.92 27.72
N LYS E 177 35.73 53.98 28.63
CA LYS E 177 35.73 54.74 29.88
C LYS E 177 36.70 54.07 30.87
N SER E 178 37.57 54.87 31.52
CA SER E 178 38.62 54.46 32.47
C SER E 178 38.13 53.66 33.71
N ASP E 179 36.85 53.88 34.10
CA ASP E 179 36.20 53.20 35.21
C ASP E 179 35.64 51.82 34.80
N PHE E 180 35.87 51.38 33.53
CA PHE E 180 35.35 50.09 33.04
C PHE E 180 36.28 48.92 33.35
N ALA E 181 35.73 47.98 34.11
CA ALA E 181 36.34 46.74 34.60
C ALA E 181 35.32 45.62 34.39
N CYS E 182 35.82 44.39 34.25
CA CYS E 182 34.97 43.22 34.06
C CYS E 182 34.20 42.81 35.29
N ALA E 183 34.77 43.04 36.49
CA ALA E 183 34.12 42.71 37.76
C ALA E 183 32.87 43.58 37.98
N ASN E 184 32.79 44.74 37.31
CA ASN E 184 31.71 45.73 37.40
C ASN E 184 30.80 45.76 36.15
N ALA E 185 31.26 45.13 35.05
CA ALA E 185 30.58 45.11 33.75
C ALA E 185 29.10 44.66 33.78
N PHE E 186 28.80 43.55 34.48
CA PHE E 186 27.43 43.02 34.46
C PHE E 186 26.63 43.20 35.74
N ASN E 187 27.06 44.10 36.62
CA ASN E 187 26.42 44.43 37.90
C ASN E 187 24.92 44.75 37.85
N ASN E 188 24.41 45.23 36.70
CA ASN E 188 23.00 45.57 36.47
C ASN E 188 22.18 44.32 36.11
N SER E 189 22.85 43.17 35.93
CA SER E 189 22.21 41.90 35.62
C SER E 189 22.15 41.05 36.89
N ILE E 190 21.18 40.12 36.95
CA ILE E 190 21.11 39.17 38.04
C ILE E 190 21.89 37.94 37.54
N ILE E 191 23.13 37.79 38.00
CA ILE E 191 24.02 36.72 37.58
C ILE E 191 24.16 35.60 38.63
N PRO E 192 24.54 34.35 38.22
CA PRO E 192 24.71 33.27 39.22
C PRO E 192 25.69 33.60 40.35
N GLU E 193 25.41 33.09 41.56
CA GLU E 193 26.23 33.28 42.77
C GLU E 193 27.66 32.71 42.57
N ASP E 194 27.74 31.63 41.76
CA ASP E 194 28.87 30.79 41.36
C ASP E 194 29.72 31.34 40.19
N THR E 195 29.45 32.59 39.77
CA THR E 195 30.15 33.20 38.63
C THR E 195 31.63 33.40 38.87
N PHE E 196 32.47 32.78 38.01
CA PHE E 196 33.91 32.84 38.03
C PHE E 196 34.44 34.17 37.50
N PHE E 197 35.17 34.89 38.35
CA PHE E 197 35.84 36.14 38.04
C PHE E 197 37.35 35.87 38.26
N PRO E 198 38.13 35.74 37.17
CA PRO E 198 39.56 35.43 37.34
C PRO E 198 40.47 36.53 37.89
N SER E 199 40.29 37.81 37.44
CA SER E 199 41.07 39.01 37.80
C SER E 199 42.54 38.93 37.43
N GLY F 4 14.49 30.21 -8.66
CA GLY F 4 13.13 30.30 -8.13
C GLY F 4 12.52 31.69 -8.27
N ILE F 5 12.93 32.62 -7.37
CA ILE F 5 12.50 34.02 -7.35
C ILE F 5 13.62 34.88 -6.74
N THR F 6 14.17 35.82 -7.56
CA THR F 6 15.26 36.73 -7.24
C THR F 6 14.78 38.16 -7.23
N GLN F 7 15.44 39.00 -6.41
CA GLN F 7 15.14 40.43 -6.26
C GLN F 7 16.44 41.22 -6.38
N ALA F 8 16.36 42.39 -7.02
CA ALA F 8 17.48 43.31 -7.17
C ALA F 8 17.04 44.77 -6.99
N PRO F 9 17.77 45.59 -6.17
CA PRO F 9 18.91 45.24 -5.31
C PRO F 9 18.44 44.49 -4.06
N THR F 10 19.37 44.07 -3.19
CA THR F 10 19.01 43.40 -1.93
C THR F 10 19.20 44.35 -0.75
N SER F 11 19.93 45.43 -0.97
CA SER F 11 20.19 46.51 -0.02
C SER F 11 20.35 47.82 -0.75
N GLN F 12 19.81 48.88 -0.17
CA GLN F 12 19.83 50.19 -0.83
C GLN F 12 19.55 51.29 0.17
N ILE F 13 20.42 52.28 0.19
CA ILE F 13 20.25 53.52 0.93
C ILE F 13 19.92 54.45 -0.20
N LEU F 14 19.01 55.40 0.05
CA LEU F 14 18.71 56.47 -0.86
C LEU F 14 18.13 57.72 -0.25
N ALA F 15 18.51 58.87 -0.82
CA ALA F 15 18.06 60.16 -0.35
C ALA F 15 16.62 60.34 -0.85
N ALA F 16 15.78 60.97 -0.02
CA ALA F 16 14.38 61.24 -0.31
C ALA F 16 14.26 62.07 -1.62
N GLY F 17 13.27 61.73 -2.42
CA GLY F 17 13.03 62.39 -3.71
C GLY F 17 13.60 61.64 -4.91
N ARG F 18 14.44 60.61 -4.69
CA ARG F 18 15.04 59.82 -5.77
C ARG F 18 14.10 58.72 -6.34
N ARG F 19 14.25 58.38 -7.64
CA ARG F 19 13.47 57.32 -8.30
C ARG F 19 14.16 55.97 -8.10
N MET F 20 13.43 55.00 -7.55
CA MET F 20 13.94 53.67 -7.26
C MET F 20 13.08 52.58 -7.94
N THR F 21 13.72 51.56 -8.53
CA THR F 21 13.02 50.43 -9.11
C THR F 21 13.52 49.12 -8.55
N LEU F 22 12.67 48.42 -7.79
CA LEU F 22 13.00 47.10 -7.28
C LEU F 22 12.59 46.06 -8.33
N ARG F 23 13.53 45.27 -8.80
CA ARG F 23 13.27 44.26 -9.84
C ARG F 23 12.97 42.89 -9.23
N CYS F 24 12.02 42.16 -9.82
CA CYS F 24 11.63 40.85 -9.36
C CYS F 24 11.46 39.89 -10.52
N THR F 25 12.20 38.79 -10.50
CA THR F 25 12.13 37.78 -11.55
C THR F 25 11.88 36.41 -10.96
N GLN F 26 10.96 35.65 -11.57
CA GLN F 26 10.68 34.28 -11.18
C GLN F 26 10.93 33.34 -12.34
N ASP F 27 11.13 32.04 -12.05
CA ASP F 27 11.40 31.03 -13.09
C ASP F 27 10.36 29.90 -13.08
N MET F 28 9.43 29.93 -12.12
CA MET F 28 8.40 28.92 -11.92
C MET F 28 7.18 29.03 -12.85
N ARG F 29 7.14 30.08 -13.70
CA ARG F 29 6.05 30.40 -14.64
C ARG F 29 4.71 30.52 -13.91
N HIS F 30 4.76 31.12 -12.71
CA HIS F 30 3.63 31.39 -11.83
C HIS F 30 2.86 32.57 -12.39
N ASN F 31 1.53 32.45 -12.42
CA ASN F 31 0.72 33.52 -12.96
C ASN F 31 0.57 34.70 -12.05
N ALA F 32 0.32 34.45 -10.74
CA ALA F 32 0.16 35.50 -9.73
C ALA F 32 1.47 35.93 -9.08
N MET F 33 1.70 37.27 -9.04
CA MET F 33 2.88 37.91 -8.42
C MET F 33 2.43 39.01 -7.45
N TYR F 34 3.19 39.21 -6.37
CA TYR F 34 2.86 40.09 -5.25
C TYR F 34 4.04 40.91 -4.74
N TRP F 35 3.78 42.13 -4.24
CA TRP F 35 4.80 42.95 -3.60
C TRP F 35 4.29 43.28 -2.20
N TYR F 36 5.08 42.95 -1.19
CA TYR F 36 4.75 43.23 0.20
C TYR F 36 5.80 44.12 0.82
N ARG F 37 5.43 44.80 1.91
CA ARG F 37 6.36 45.49 2.77
C ARG F 37 6.18 44.99 4.22
N GLN F 38 7.32 44.74 4.89
CA GLN F 38 7.37 44.26 6.25
C GLN F 38 8.05 45.27 7.14
N ASP F 39 7.31 45.74 8.12
CA ASP F 39 7.71 46.72 9.10
C ASP F 39 7.35 46.15 10.46
N LEU F 40 8.20 46.41 11.47
CA LEU F 40 8.07 45.96 12.86
C LEU F 40 6.69 46.19 13.47
N GLY F 41 6.18 45.16 14.13
CA GLY F 41 4.88 45.18 14.80
C GLY F 41 3.69 44.89 13.90
N LEU F 42 3.89 45.04 12.60
CA LEU F 42 2.85 44.80 11.61
C LEU F 42 3.17 43.50 10.88
N GLY F 43 2.18 43.00 10.15
CA GLY F 43 2.39 41.83 9.32
C GLY F 43 3.10 42.21 8.03
N LEU F 44 2.64 41.59 6.96
CA LEU F 44 3.11 41.85 5.62
C LEU F 44 1.96 42.60 5.05
N ARG F 45 2.22 43.74 4.45
CA ARG F 45 1.18 44.57 3.86
C ARG F 45 1.38 44.60 2.40
N LEU F 46 0.34 44.26 1.68
CA LEU F 46 0.36 44.17 0.23
C LEU F 46 0.34 45.55 -0.36
N ILE F 47 1.28 45.79 -1.27
CA ILE F 47 1.41 47.07 -1.97
C ILE F 47 0.61 46.93 -3.24
N HIS F 48 1.02 46.00 -4.14
CA HIS F 48 0.42 45.73 -5.44
C HIS F 48 0.47 44.25 -5.75
N TYR F 49 -0.41 43.77 -6.62
CA TYR F 49 -0.45 42.37 -7.02
C TYR F 49 -0.73 42.30 -8.50
N SER F 50 -0.55 41.14 -9.10
CA SER F 50 -0.78 40.94 -10.53
C SER F 50 -1.19 39.50 -10.72
N ASN F 51 -2.45 39.27 -11.13
CA ASN F 51 -2.93 37.90 -11.28
C ASN F 51 -2.43 37.12 -12.49
N THR F 52 -2.06 37.83 -13.56
CA THR F 52 -1.54 37.26 -14.80
C THR F 52 -0.85 38.36 -15.55
N ALA F 53 -0.01 38.02 -16.54
CA ALA F 53 0.67 38.99 -17.41
C ALA F 53 -0.38 39.91 -18.07
N GLY F 54 -0.12 41.23 -18.03
CA GLY F 54 -1.01 42.24 -18.60
C GLY F 54 -2.08 42.80 -17.67
N THR F 55 -1.98 42.54 -16.36
CA THR F 55 -2.92 43.09 -15.38
C THR F 55 -2.23 43.32 -14.04
N THR F 56 -2.61 44.40 -13.34
CA THR F 56 -2.17 44.74 -11.99
C THR F 56 -3.33 45.27 -11.16
N GLY F 57 -3.24 45.10 -9.86
CA GLY F 57 -4.21 45.57 -8.91
C GLY F 57 -3.49 46.26 -7.76
N LYS F 58 -4.21 47.14 -7.08
CA LYS F 58 -3.69 47.85 -5.92
C LYS F 58 -3.95 46.99 -4.70
N GLY F 59 -3.00 46.98 -3.78
CA GLY F 59 -3.10 46.24 -2.52
C GLY F 59 -3.61 47.17 -1.43
N GLU F 60 -3.26 46.88 -0.18
CA GLU F 60 -3.66 47.71 0.95
C GLU F 60 -2.85 49.01 1.11
N VAL F 61 -1.58 49.03 0.67
CA VAL F 61 -0.74 50.24 0.77
C VAL F 61 -0.14 50.64 -0.59
N PRO F 62 -0.95 50.96 -1.65
CA PRO F 62 -0.35 51.28 -2.96
C PRO F 62 0.29 52.66 -3.15
N ASP F 63 0.08 53.62 -2.23
CA ASP F 63 0.58 55.00 -2.38
C ASP F 63 2.09 55.15 -2.38
N GLY F 64 2.61 55.85 -3.37
CA GLY F 64 4.03 56.09 -3.56
C GLY F 64 4.69 55.00 -4.35
N TYR F 65 3.89 54.06 -4.88
CA TYR F 65 4.41 52.91 -5.63
C TYR F 65 3.65 52.65 -6.88
N SER F 66 4.35 52.13 -7.90
CA SER F 66 3.75 51.70 -9.16
C SER F 66 4.37 50.36 -9.60
N VAL F 67 3.60 49.56 -10.36
CA VAL F 67 4.06 48.27 -10.87
C VAL F 67 3.68 48.13 -12.32
N SER F 68 4.35 47.22 -13.02
CA SER F 68 4.01 46.86 -14.40
C SER F 68 4.10 45.34 -14.49
N ARG F 69 3.35 44.72 -15.40
CA ARG F 69 3.43 43.28 -15.63
C ARG F 69 3.18 42.96 -17.11
N ALA F 70 4.22 43.15 -17.91
CA ALA F 70 4.20 42.89 -19.35
C ALA F 70 4.39 41.40 -19.63
N ASN F 71 5.20 40.72 -18.80
CA ASN F 71 5.53 39.30 -18.95
C ASN F 71 5.21 38.54 -17.67
N THR F 72 5.09 37.22 -17.79
CA THR F 72 4.84 36.35 -16.65
C THR F 72 5.98 36.42 -15.61
N ASP F 73 7.23 36.43 -16.09
CA ASP F 73 8.44 36.35 -15.28
C ASP F 73 8.84 37.53 -14.44
N ASP F 74 8.56 38.76 -14.91
CA ASP F 74 8.96 39.99 -14.23
C ASP F 74 7.83 40.80 -13.66
N PHE F 75 8.09 41.49 -12.53
CA PHE F 75 7.13 42.33 -11.82
C PHE F 75 7.89 43.49 -11.11
N PRO F 76 8.28 44.55 -11.84
CA PRO F 76 9.03 45.64 -11.21
C PRO F 76 8.20 46.56 -10.32
N LEU F 77 8.77 47.03 -9.21
CA LEU F 77 8.14 47.96 -8.26
C LEU F 77 8.87 49.25 -8.32
N THR F 78 8.16 50.32 -8.67
CA THR F 78 8.75 51.66 -8.78
C THR F 78 8.27 52.53 -7.63
N LEU F 79 9.19 53.33 -7.13
CA LEU F 79 9.03 54.34 -6.09
C LEU F 79 9.44 55.60 -6.87
N ALA F 80 8.42 56.33 -7.34
CA ALA F 80 8.55 57.54 -8.15
C ALA F 80 9.41 58.64 -7.52
N SER F 81 9.20 58.89 -6.21
CA SER F 81 9.89 59.90 -5.41
C SER F 81 9.93 59.40 -3.99
N ALA F 82 10.98 58.61 -3.69
CA ALA F 82 11.20 57.99 -2.39
C ALA F 82 10.98 58.95 -1.21
N VAL F 83 10.25 58.49 -0.19
CA VAL F 83 9.92 59.23 1.03
C VAL F 83 10.45 58.45 2.23
N PRO F 84 10.91 59.10 3.31
CA PRO F 84 11.43 58.36 4.46
C PRO F 84 10.53 57.26 5.04
N SER F 85 9.20 57.39 4.86
CA SER F 85 8.25 56.36 5.34
C SER F 85 8.31 55.06 4.50
N GLN F 86 8.94 55.12 3.30
CA GLN F 86 9.14 53.97 2.42
C GLN F 86 10.35 53.08 2.86
N THR F 87 11.02 53.45 3.98
CA THR F 87 12.07 52.67 4.62
C THR F 87 11.36 51.40 5.10
N SER F 88 11.78 50.24 4.59
CA SER F 88 11.17 48.95 4.92
C SER F 88 11.97 47.78 4.32
N VAL F 89 11.44 46.58 4.49
CA VAL F 89 11.93 45.36 3.89
C VAL F 89 10.84 44.97 2.89
N TYR F 90 11.21 44.83 1.63
CA TYR F 90 10.26 44.51 0.56
C TYR F 90 10.44 43.10 0.09
N PHE F 91 9.33 42.38 0.01
CA PHE F 91 9.33 41.02 -0.49
C PHE F 91 8.46 40.92 -1.69
N CYS F 92 8.96 40.18 -2.64
CA CYS F 92 8.28 39.80 -3.83
C CYS F 92 7.84 38.35 -3.62
N ALA F 93 6.61 38.04 -3.97
CA ALA F 93 6.11 36.68 -3.87
C ALA F 93 5.36 36.27 -5.16
N SER F 94 5.22 34.96 -5.37
CA SER F 94 4.50 34.38 -6.50
C SER F 94 3.75 33.13 -6.07
N SER F 95 2.66 32.86 -6.80
CA SER F 95 1.68 31.79 -6.62
C SER F 95 1.33 31.20 -7.99
N GLY F 96 1.09 29.89 -8.03
CA GLY F 96 0.65 29.19 -9.22
C GLY F 96 -0.71 29.69 -9.70
N GLY F 97 -1.57 30.04 -8.72
CA GLY F 97 -2.89 30.59 -8.94
C GLY F 97 -3.42 31.48 -7.84
N THR F 98 -4.74 31.65 -7.83
CA THR F 98 -5.61 32.48 -6.96
C THR F 98 -5.61 32.11 -5.44
N ASN F 99 -5.77 30.83 -5.11
CA ASN F 99 -5.87 30.31 -3.74
C ASN F 99 -4.66 29.42 -3.23
N ASN F 100 -3.54 29.36 -3.98
CA ASN F 100 -2.38 28.55 -3.63
C ASN F 100 -1.40 29.35 -2.79
N GLU F 101 -0.44 28.62 -2.16
CA GLU F 101 0.65 29.15 -1.33
C GLU F 101 1.59 30.03 -2.13
N GLN F 102 2.17 31.00 -1.43
CA GLN F 102 3.13 31.97 -1.93
C GLN F 102 4.57 31.56 -1.63
N PHE F 103 5.44 31.84 -2.61
CA PHE F 103 6.88 31.59 -2.61
C PHE F 103 7.46 32.97 -2.56
N PHE F 104 8.25 33.25 -1.52
CA PHE F 104 8.83 34.57 -1.32
C PHE F 104 10.26 34.69 -1.85
N GLY F 105 10.56 35.87 -2.36
CA GLY F 105 11.89 36.24 -2.82
C GLY F 105 12.70 36.58 -1.59
N PRO F 106 14.04 36.70 -1.72
CA PRO F 106 14.89 36.96 -0.52
C PRO F 106 14.58 38.22 0.31
N GLY F 107 14.06 39.26 -0.32
CA GLY F 107 13.77 40.54 0.34
C GLY F 107 14.76 41.62 -0.01
N THR F 108 14.33 42.88 0.08
CA THR F 108 15.13 44.07 -0.19
C THR F 108 15.00 45.00 0.99
N ARG F 109 16.13 45.33 1.60
CA ARG F 109 16.19 46.28 2.71
C ARG F 109 16.45 47.63 2.08
N LEU F 110 15.49 48.54 2.16
CA LEU F 110 15.57 49.89 1.59
C LEU F 110 15.48 50.92 2.71
N THR F 111 16.41 51.87 2.73
CA THR F 111 16.42 52.93 3.73
C THR F 111 16.38 54.26 3.01
N VAL F 112 15.35 55.04 3.26
CA VAL F 112 15.18 56.38 2.68
C VAL F 112 15.44 57.44 3.75
N LEU F 113 16.39 58.33 3.48
CA LEU F 113 16.81 59.39 4.40
C LEU F 113 16.60 60.77 3.78
N GLU F 114 16.19 61.74 4.60
CA GLU F 114 15.96 63.13 4.18
C GLU F 114 17.26 63.79 3.77
N ASP F 115 18.35 63.40 4.44
CA ASP F 115 19.71 63.85 4.18
C ASP F 115 20.70 62.73 4.51
N LEU F 116 21.85 62.71 3.85
CA LEU F 116 22.88 61.68 4.04
C LEU F 116 23.96 62.01 5.08
N LYS F 117 23.99 63.26 5.58
CA LYS F 117 24.98 63.74 6.56
C LYS F 117 25.27 62.79 7.73
N ASN F 118 24.30 61.95 8.14
CA ASN F 118 24.44 61.01 9.28
C ASN F 118 24.92 59.60 8.89
N VAL F 119 25.27 59.37 7.61
CA VAL F 119 25.72 58.04 7.16
C VAL F 119 27.16 57.75 7.60
N PHE F 120 27.35 56.64 8.34
CA PHE F 120 28.67 56.28 8.82
C PHE F 120 28.96 54.80 8.57
N PRO F 121 30.17 54.43 8.11
CA PRO F 121 30.49 53.00 7.97
C PRO F 121 30.92 52.45 9.34
N PRO F 122 31.01 51.14 9.56
CA PRO F 122 31.45 50.69 10.89
C PRO F 122 32.96 50.75 11.15
N GLU F 123 33.29 50.71 12.43
CA GLU F 123 34.63 50.58 12.94
C GLU F 123 34.65 49.10 13.34
N VAL F 124 35.57 48.32 12.82
CA VAL F 124 35.67 46.88 13.12
C VAL F 124 36.95 46.66 13.87
N ALA F 125 36.85 45.88 14.97
CA ALA F 125 37.98 45.47 15.81
C ALA F 125 37.75 44.04 16.36
N VAL F 126 38.84 43.22 16.43
CA VAL F 126 38.81 41.85 16.94
C VAL F 126 39.63 41.78 18.22
N PHE F 127 39.04 41.13 19.24
CA PHE F 127 39.58 40.96 20.57
C PHE F 127 39.95 39.52 20.76
N GLU F 128 41.19 39.28 21.14
CA GLU F 128 41.74 37.96 21.31
C GLU F 128 41.24 37.28 22.59
N PRO F 129 41.07 35.94 22.58
CA PRO F 129 40.58 35.26 23.79
C PRO F 129 41.36 35.51 25.07
N SER F 130 40.64 35.44 26.19
CA SER F 130 41.14 35.55 27.55
C SER F 130 41.97 34.29 27.84
N GLU F 131 43.20 34.47 28.37
CA GLU F 131 44.08 33.37 28.75
C GLU F 131 43.46 32.57 29.93
N ALA F 132 42.66 33.27 30.81
CA ALA F 132 41.91 32.66 31.91
C ALA F 132 40.80 31.72 31.39
N GLU F 133 40.20 32.04 30.24
CA GLU F 133 39.17 31.21 29.61
C GLU F 133 39.79 29.90 29.06
N ILE F 134 40.93 30.05 28.33
CA ILE F 134 41.65 28.93 27.73
C ILE F 134 42.02 27.91 28.82
N SER F 135 42.53 28.37 29.97
CA SER F 135 42.92 27.44 31.02
C SER F 135 41.74 26.84 31.78
N HIS F 136 40.65 27.62 31.95
CA HIS F 136 39.48 27.18 32.68
C HIS F 136 38.60 26.22 31.87
N THR F 137 38.42 26.46 30.56
CA THR F 137 37.51 25.66 29.74
C THR F 137 38.15 24.85 28.63
N GLN F 138 39.39 25.22 28.25
CA GLN F 138 40.12 24.63 27.12
C GLN F 138 39.41 24.97 25.78
N LYS F 139 38.83 26.19 25.75
CA LYS F 139 38.12 26.79 24.63
C LYS F 139 38.58 28.24 24.53
N ALA F 140 38.43 28.86 23.36
CA ALA F 140 38.90 30.23 23.13
C ALA F 140 37.85 31.00 22.35
N THR F 141 37.38 32.12 22.91
CA THR F 141 36.38 32.98 22.26
C THR F 141 37.00 34.26 21.77
N LEU F 142 36.91 34.49 20.46
CA LEU F 142 37.31 35.73 19.81
C LEU F 142 36.02 36.56 19.72
N VAL F 143 36.14 37.87 19.89
CA VAL F 143 34.99 38.78 19.82
C VAL F 143 35.26 39.82 18.76
N CYS F 144 34.22 40.12 17.98
CA CYS F 144 34.28 41.14 16.95
C CYS F 144 33.25 42.21 17.23
N LEU F 145 33.68 43.49 17.25
CA LEU F 145 32.74 44.60 17.42
C LEU F 145 32.79 45.49 16.22
N ALA F 146 31.62 45.69 15.60
CA ALA F 146 31.40 46.61 14.49
C ALA F 146 30.62 47.73 15.17
N THR F 147 31.19 48.93 15.22
CA THR F 147 30.57 50.04 15.95
C THR F 147 30.53 51.30 15.11
N GLY F 148 29.62 52.21 15.49
CA GLY F 148 29.48 53.55 14.95
C GLY F 148 28.88 53.67 13.57
N PHE F 149 28.17 52.65 13.12
CA PHE F 149 27.57 52.67 11.78
C PHE F 149 26.11 53.08 11.74
N TYR F 150 25.75 53.67 10.60
CA TYR F 150 24.41 54.10 10.30
C TYR F 150 24.22 54.13 8.79
N PRO F 151 23.12 53.59 8.21
CA PRO F 151 22.02 52.81 8.83
C PRO F 151 22.48 51.40 9.18
N ASP F 152 21.57 50.55 9.65
CA ASP F 152 21.79 49.17 10.09
C ASP F 152 22.09 48.09 9.03
N HIS F 153 22.40 48.49 7.79
CA HIS F 153 22.71 47.62 6.63
C HIS F 153 24.12 46.96 6.67
N VAL F 154 24.32 45.96 7.54
CA VAL F 154 25.61 45.26 7.65
C VAL F 154 25.46 43.76 7.61
N GLU F 155 26.53 43.08 7.19
CA GLU F 155 26.65 41.63 7.12
C GLU F 155 28.03 41.28 7.71
N LEU F 156 28.04 40.63 8.87
CA LEU F 156 29.25 40.18 9.53
C LEU F 156 29.54 38.72 9.21
N SER F 157 30.81 38.42 8.89
CA SER F 157 31.29 37.06 8.63
C SER F 157 32.69 36.82 9.22
N TRP F 158 32.96 35.58 9.65
CA TRP F 158 34.23 35.15 10.19
C TRP F 158 34.92 34.32 9.11
N TRP F 159 36.24 34.50 8.98
CA TRP F 159 37.09 33.81 8.02
C TRP F 159 38.31 33.25 8.73
N VAL F 160 38.37 31.93 8.81
CA VAL F 160 39.48 31.23 9.42
C VAL F 160 40.32 30.63 8.28
N ASN F 161 41.61 31.00 8.24
CA ASN F 161 42.60 30.55 7.26
C ASN F 161 42.19 30.79 5.80
N GLY F 162 41.49 31.91 5.56
CA GLY F 162 41.02 32.29 4.23
C GLY F 162 39.69 31.73 3.82
N LYS F 163 39.06 30.93 4.71
CA LYS F 163 37.77 30.29 4.45
C LYS F 163 36.71 30.73 5.47
N GLU F 164 35.50 31.08 5.00
CA GLU F 164 34.39 31.50 5.84
C GLU F 164 33.90 30.37 6.76
N VAL F 165 33.67 30.67 8.05
CA VAL F 165 33.19 29.70 9.03
C VAL F 165 31.81 30.06 9.55
N HIS F 166 31.04 29.05 10.01
CA HIS F 166 29.70 29.19 10.58
C HIS F 166 29.59 28.45 11.90
N SER F 167 30.39 27.39 12.04
CA SER F 167 30.42 26.59 13.25
C SER F 167 31.20 27.36 14.30
N GLY F 168 30.63 27.45 15.50
CA GLY F 168 31.23 28.13 16.64
C GLY F 168 31.10 29.63 16.59
N VAL F 169 30.28 30.14 15.64
CA VAL F 169 30.00 31.56 15.39
C VAL F 169 28.62 31.91 15.94
N CYS F 170 28.50 33.07 16.56
CA CYS F 170 27.23 33.61 16.99
C CYS F 170 27.22 35.15 16.97
N THR F 171 26.50 35.68 16.00
CA THR F 171 26.35 37.11 15.73
C THR F 171 25.03 37.54 16.27
N ASP F 172 24.98 38.74 16.87
CA ASP F 172 23.74 39.31 17.38
C ASP F 172 22.73 39.37 16.25
N PRO F 173 21.47 38.97 16.49
CA PRO F 173 20.48 39.01 15.40
C PRO F 173 20.15 40.44 15.01
N GLN F 174 20.04 41.35 16.00
CA GLN F 174 19.76 42.77 15.74
C GLN F 174 20.87 43.68 16.29
N PRO F 175 21.25 44.76 15.54
CA PRO F 175 22.26 45.68 16.09
C PRO F 175 21.64 46.53 17.18
N LEU F 176 22.46 47.01 18.11
CA LEU F 176 21.98 47.86 19.21
C LEU F 176 22.28 49.33 18.95
N LYS F 177 21.39 50.20 19.42
CA LYS F 177 21.52 51.65 19.30
C LYS F 177 22.50 52.15 20.34
N GLU F 178 23.52 52.89 19.91
CA GLU F 178 24.57 53.45 20.78
C GLU F 178 24.04 54.56 21.68
N GLN F 179 23.03 55.31 21.20
CA GLN F 179 22.33 56.35 21.94
C GLN F 179 20.83 56.14 21.69
N PRO F 180 20.18 55.30 22.54
CA PRO F 180 18.77 54.90 22.31
C PRO F 180 17.69 55.98 22.28
N ALA F 181 17.97 57.18 22.80
CA ALA F 181 17.02 58.30 22.79
C ALA F 181 16.82 58.84 21.36
N LEU F 182 17.94 59.14 20.66
CA LEU F 182 17.98 59.70 19.30
C LEU F 182 17.33 58.81 18.23
N ASN F 183 16.65 59.46 17.26
CA ASN F 183 15.96 58.81 16.13
C ASN F 183 16.99 58.32 15.10
N ASP F 184 18.13 59.03 14.99
CA ASP F 184 19.19 58.71 14.04
C ASP F 184 20.45 58.13 14.73
N SER F 185 20.23 57.34 15.79
CA SER F 185 21.30 56.71 16.55
C SER F 185 22.16 55.81 15.68
N ARG F 186 23.47 55.87 15.87
CA ARG F 186 24.45 54.97 15.24
C ARG F 186 24.42 53.60 15.96
N TYR F 187 24.82 52.52 15.25
CA TYR F 187 24.71 51.14 15.74
C TYR F 187 26.01 50.43 16.06
N ALA F 188 25.85 49.35 16.84
CA ALA F 188 26.92 48.46 17.23
C ALA F 188 26.45 47.02 17.03
N LEU F 189 27.37 46.18 16.57
CA LEU F 189 27.10 44.78 16.35
C LEU F 189 28.27 43.96 16.83
N SER F 190 27.96 42.85 17.54
CA SER F 190 28.96 41.93 18.01
C SER F 190 28.75 40.50 17.52
N SER F 191 29.86 39.77 17.47
CA SER F 191 29.91 38.39 17.06
C SER F 191 30.96 37.69 17.88
N ARG F 192 30.73 36.41 18.12
CA ARG F 192 31.65 35.57 18.86
C ARG F 192 32.01 34.42 17.97
N LEU F 193 33.29 34.02 18.00
CA LEU F 193 33.82 32.83 17.34
C LEU F 193 34.56 32.02 18.43
N ARG F 194 34.04 30.84 18.77
CA ARG F 194 34.59 29.94 19.76
C ARG F 194 35.26 28.79 19.10
N VAL F 195 36.51 28.59 19.47
CA VAL F 195 37.30 27.49 18.96
C VAL F 195 37.95 26.80 20.13
N SER F 196 38.47 25.60 19.91
CA SER F 196 39.18 24.88 20.97
C SER F 196 40.55 25.56 21.24
N ALA F 197 41.08 25.37 22.45
CA ALA F 197 42.37 25.92 22.86
C ALA F 197 43.48 25.43 21.93
N THR F 198 43.40 24.15 21.52
CA THR F 198 44.33 23.47 20.60
C THR F 198 44.37 24.10 19.18
N PHE F 199 43.20 24.47 18.64
CA PHE F 199 43.07 25.16 17.36
C PHE F 199 43.57 26.60 17.49
N TRP F 200 43.32 27.25 18.66
CA TRP F 200 43.81 28.62 18.89
C TRP F 200 45.32 28.57 19.05
N GLN F 201 45.82 27.53 19.69
CA GLN F 201 47.23 27.37 19.98
C GLN F 201 48.21 27.12 18.82
N ASN F 202 47.69 26.91 17.59
CA ASN F 202 48.53 26.74 16.40
C ASN F 202 48.89 28.16 15.87
N PRO F 203 50.18 28.57 15.93
CA PRO F 203 50.57 29.94 15.49
C PRO F 203 50.28 30.32 14.04
N ARG F 204 50.14 29.32 13.17
CA ARG F 204 49.85 29.43 11.74
C ARG F 204 48.36 29.67 11.45
N ASN F 205 47.47 29.54 12.48
CA ASN F 205 46.03 29.77 12.35
C ASN F 205 45.72 31.26 12.29
N HIS F 206 45.01 31.65 11.24
CA HIS F 206 44.66 33.04 10.96
C HIS F 206 43.14 33.23 11.07
N PHE F 207 42.72 34.28 11.78
CA PHE F 207 41.30 34.58 11.96
C PHE F 207 41.01 35.99 11.49
N ARG F 208 39.92 36.17 10.78
CA ARG F 208 39.53 37.50 10.31
C ARG F 208 38.04 37.72 10.41
N CYS F 209 37.66 38.85 10.99
CA CYS F 209 36.28 39.28 11.08
C CYS F 209 36.02 40.26 9.93
N GLN F 210 34.98 40.04 9.14
CA GLN F 210 34.67 40.86 7.98
C GLN F 210 33.27 41.42 8.04
N VAL F 211 33.12 42.72 7.76
CA VAL F 211 31.84 43.41 7.77
C VAL F 211 31.58 44.12 6.44
N GLN F 212 30.49 43.72 5.76
CA GLN F 212 30.03 44.38 4.55
C GLN F 212 29.05 45.46 5.00
N PHE F 213 29.27 46.69 4.56
CA PHE F 213 28.44 47.84 4.83
C PHE F 213 27.85 48.31 3.49
N TYR F 214 26.53 48.54 3.48
CA TYR F 214 25.80 49.06 2.32
C TYR F 214 25.58 50.51 2.61
N GLY F 215 26.25 51.33 1.81
CA GLY F 215 26.26 52.77 1.95
C GLY F 215 25.91 53.52 0.70
N LEU F 216 26.59 54.64 0.49
CA LEU F 216 26.38 55.56 -0.64
C LEU F 216 26.99 55.05 -1.95
N SER F 217 26.47 55.55 -3.08
CA SER F 217 26.95 55.24 -4.42
C SER F 217 27.68 56.47 -4.98
N GLU F 218 28.27 56.40 -6.20
CA GLU F 218 29.02 57.48 -6.85
C GLU F 218 28.14 58.69 -7.18
N ASN F 219 26.89 58.43 -7.56
CA ASN F 219 25.89 59.44 -7.91
C ASN F 219 25.47 60.33 -6.72
N ASP F 220 25.57 59.80 -5.48
CA ASP F 220 25.19 60.48 -4.24
C ASP F 220 26.08 61.67 -3.91
N GLU F 221 25.47 62.84 -3.61
CA GLU F 221 26.23 64.05 -3.25
C GLU F 221 26.78 63.93 -1.84
N TRP F 222 28.00 64.40 -1.64
CA TRP F 222 28.67 64.37 -0.37
C TRP F 222 29.30 65.73 -0.18
N THR F 223 29.02 66.37 0.95
CA THR F 223 29.48 67.73 1.27
C THR F 223 30.27 67.80 2.57
N GLN F 224 30.25 66.75 3.43
CA GLN F 224 30.88 66.75 4.75
C GLN F 224 32.42 66.65 4.73
N ASP F 225 33.11 67.21 5.76
CA ASP F 225 34.56 67.17 5.89
C ASP F 225 35.12 65.71 6.02
N ARG F 226 34.36 64.79 6.55
CA ARG F 226 34.78 63.38 6.61
C ARG F 226 34.59 62.65 5.23
N ALA F 227 35.12 61.44 5.11
CA ALA F 227 35.08 60.57 3.94
C ALA F 227 33.68 60.12 3.53
N LYS F 228 33.42 60.09 2.22
CA LYS F 228 32.16 59.65 1.66
C LYS F 228 31.89 58.18 2.07
N PRO F 229 30.83 57.92 2.88
CA PRO F 229 30.59 56.56 3.40
C PRO F 229 29.93 55.63 2.38
N VAL F 230 30.70 55.25 1.38
CA VAL F 230 30.26 54.38 0.29
C VAL F 230 30.10 52.92 0.78
N THR F 231 29.61 52.04 -0.10
CA THR F 231 29.47 50.61 0.12
C THR F 231 30.88 50.06 0.20
N GLN F 232 31.20 49.32 1.27
CA GLN F 232 32.55 48.82 1.51
C GLN F 232 32.62 47.62 2.47
N ILE F 233 33.83 47.02 2.56
CA ILE F 233 34.18 45.91 3.42
C ILE F 233 35.25 46.38 4.42
N VAL F 234 34.91 46.35 5.72
CA VAL F 234 35.80 46.74 6.80
C VAL F 234 36.11 45.47 7.62
N SER F 235 37.39 45.10 7.67
CA SER F 235 37.88 43.90 8.36
C SER F 235 38.92 44.19 9.46
N ALA F 236 39.12 43.21 10.33
CA ALA F 236 40.08 43.23 11.45
C ALA F 236 40.54 41.78 11.58
N GLU F 237 41.83 41.57 11.82
CA GLU F 237 42.35 40.21 11.93
C GLU F 237 43.07 39.88 13.24
N ALA F 238 43.38 38.56 13.41
CA ALA F 238 44.13 37.95 14.50
C ALA F 238 44.76 36.62 14.06
N TRP F 239 45.91 36.29 14.65
CA TRP F 239 46.66 35.03 14.47
C TRP F 239 46.69 34.28 15.81
N GLY F 240 46.73 32.95 15.75
CA GLY F 240 46.83 32.10 16.93
C GLY F 240 48.13 32.26 17.72
N ARG F 241 48.12 31.92 19.03
CA ARG F 241 49.27 32.00 19.96
C ARG F 241 50.41 31.06 19.57
N GLY G 1 8.12 -38.13 -7.68
CA GLY G 1 9.43 -38.74 -7.82
C GLY G 1 9.39 -40.19 -8.28
N GLN G 2 10.53 -40.92 -8.11
CA GLN G 2 10.68 -42.33 -8.51
C GLN G 2 11.46 -43.25 -7.56
N ASN G 3 12.55 -42.76 -6.91
CA ASN G 3 13.37 -43.66 -6.07
C ASN G 3 14.11 -43.02 -4.91
N ILE G 4 14.06 -43.66 -3.73
CA ILE G 4 14.70 -43.32 -2.45
C ILE G 4 15.45 -44.60 -2.09
N ASP G 5 16.75 -44.48 -1.89
CA ASP G 5 17.59 -45.64 -1.59
C ASP G 5 18.38 -45.48 -0.32
N GLN G 6 18.20 -46.44 0.57
CA GLN G 6 18.90 -46.54 1.85
C GLN G 6 19.22 -47.99 2.12
N PRO G 7 20.36 -48.34 2.76
CA PRO G 7 20.67 -49.76 2.98
C PRO G 7 19.58 -50.50 3.76
N THR G 8 19.41 -51.78 3.52
CA THR G 8 18.43 -52.59 4.23
C THR G 8 18.79 -52.70 5.73
N GLU G 9 20.06 -52.87 6.02
CA GLU G 9 20.49 -53.10 7.37
C GLU G 9 21.93 -52.61 7.60
N MET G 10 22.21 -52.22 8.84
CA MET G 10 23.53 -51.78 9.26
C MET G 10 23.80 -52.23 10.67
N THR G 11 25.02 -52.68 10.92
CA THR G 11 25.45 -53.14 12.22
C THR G 11 26.70 -52.37 12.59
N ALA G 12 26.72 -51.88 13.84
CA ALA G 12 27.84 -51.13 14.39
C ALA G 12 27.95 -51.49 15.85
N THR G 13 29.05 -51.08 16.51
CA THR G 13 29.31 -51.41 17.91
C THR G 13 28.83 -50.30 18.82
N GLU G 14 28.52 -50.63 20.08
CA GLU G 14 28.08 -49.61 21.03
C GLU G 14 29.19 -48.64 21.40
N GLY G 15 28.86 -47.35 21.39
CA GLY G 15 29.79 -46.27 21.70
C GLY G 15 30.50 -45.70 20.49
N ALA G 16 30.28 -46.34 19.34
CA ALA G 16 30.87 -46.00 18.07
C ALA G 16 29.93 -45.07 17.29
N ILE G 17 30.31 -44.70 16.06
CA ILE G 17 29.56 -43.82 15.18
C ILE G 17 29.04 -44.62 13.96
N VAL G 18 27.80 -44.30 13.52
CA VAL G 18 27.16 -44.87 12.33
C VAL G 18 26.53 -43.78 11.46
N GLN G 19 26.73 -43.86 10.15
CA GLN G 19 26.24 -42.92 9.16
C GLN G 19 25.29 -43.67 8.24
N ILE G 20 24.00 -43.28 8.28
CA ILE G 20 22.97 -43.91 7.46
C ILE G 20 22.72 -43.07 6.22
N ASN G 21 23.09 -43.60 5.05
CA ASN G 21 22.97 -42.95 3.76
C ASN G 21 21.64 -43.08 3.10
N CYS G 22 21.26 -42.03 2.40
CA CYS G 22 20.03 -41.95 1.67
C CYS G 22 20.22 -41.15 0.40
N THR G 23 19.98 -41.79 -0.76
CA THR G 23 20.04 -41.11 -2.04
C THR G 23 18.66 -41.08 -2.66
N TYR G 24 18.30 -39.96 -3.23
CA TYR G 24 17.00 -39.84 -3.84
C TYR G 24 17.09 -39.35 -5.28
N GLN G 25 16.19 -39.88 -6.09
CA GLN G 25 16.01 -39.56 -7.49
C GLN G 25 14.54 -39.21 -7.62
N THR G 26 14.21 -37.95 -7.34
CA THR G 26 12.83 -37.51 -7.41
C THR G 26 12.61 -36.47 -8.49
N SER G 27 11.35 -36.25 -8.85
CA SER G 27 10.96 -35.22 -9.80
C SER G 27 10.62 -34.06 -8.87
N GLY G 28 11.63 -33.20 -8.65
CA GLY G 28 11.49 -32.05 -7.76
C GLY G 28 11.86 -32.37 -6.33
N PHE G 29 12.09 -31.36 -5.54
CA PHE G 29 12.52 -31.56 -4.17
C PHE G 29 12.00 -30.49 -3.28
N ASN G 30 11.28 -30.88 -2.21
CA ASN G 30 10.71 -29.91 -1.26
C ASN G 30 11.06 -30.27 0.17
N GLY G 31 12.09 -31.10 0.34
CA GLY G 31 12.53 -31.49 1.68
C GLY G 31 12.72 -32.96 1.90
N LEU G 32 13.63 -33.27 2.80
CA LEU G 32 13.98 -34.61 3.22
C LEU G 32 13.74 -34.76 4.71
N PHE G 33 13.07 -35.85 5.08
CA PHE G 33 12.72 -36.18 6.45
C PHE G 33 13.39 -37.49 6.87
N TRP G 34 13.77 -37.58 8.14
CA TRP G 34 14.32 -38.77 8.75
C TRP G 34 13.40 -39.05 9.92
N TYR G 35 12.96 -40.30 10.03
CA TYR G 35 12.09 -40.83 11.08
C TYR G 35 12.78 -42.02 11.69
N GLN G 36 12.44 -42.29 12.96
CA GLN G 36 12.95 -43.46 13.70
C GLN G 36 11.73 -44.30 13.98
N GLN G 37 11.85 -45.59 13.73
CA GLN G 37 10.77 -46.53 14.01
C GLN G 37 11.30 -47.72 14.79
N HIS G 38 10.99 -47.77 16.08
CA HIS G 38 11.32 -48.92 16.93
C HIS G 38 10.38 -50.04 16.57
N ALA G 39 10.91 -51.26 16.55
CA ALA G 39 10.19 -52.51 16.26
C ALA G 39 8.84 -52.61 17.00
N GLY G 40 7.75 -52.66 16.22
CA GLY G 40 6.38 -52.73 16.73
C GLY G 40 5.73 -51.41 17.09
N GLU G 41 6.40 -50.29 16.81
CA GLU G 41 5.89 -48.96 17.14
C GLU G 41 5.67 -48.03 15.93
N ALA G 42 5.17 -46.83 16.18
CA ALA G 42 4.94 -45.83 15.15
C ALA G 42 6.27 -45.15 14.76
N PRO G 43 6.41 -44.68 13.49
CA PRO G 43 7.59 -43.88 13.15
C PRO G 43 7.51 -42.52 13.88
N THR G 44 8.66 -41.99 14.35
CA THR G 44 8.70 -40.68 15.03
C THR G 44 9.71 -39.79 14.33
N PHE G 45 9.36 -38.52 14.13
CA PHE G 45 10.19 -37.53 13.46
C PHE G 45 11.54 -37.29 14.14
N LEU G 46 12.63 -37.27 13.35
CA LEU G 46 13.98 -36.96 13.81
C LEU G 46 14.45 -35.65 13.28
N SER G 47 14.31 -35.44 11.95
CA SER G 47 14.81 -34.22 11.32
C SER G 47 14.21 -33.93 9.96
N TYR G 48 14.38 -32.66 9.55
CA TYR G 48 13.98 -32.12 8.26
C TYR G 48 15.13 -31.32 7.65
N ASN G 49 15.45 -31.56 6.37
CA ASN G 49 16.46 -30.78 5.68
C ASN G 49 15.89 -30.36 4.36
N VAL G 50 16.08 -29.10 3.97
CA VAL G 50 15.60 -28.61 2.67
C VAL G 50 16.73 -27.83 1.96
N LEU G 51 17.57 -27.14 2.72
CA LEU G 51 18.75 -26.47 2.18
C LEU G 51 20.02 -27.26 2.54
N ASP G 52 21.07 -27.03 1.79
CA ASP G 52 22.39 -27.66 1.97
C ASP G 52 23.01 -27.38 3.34
N GLY G 53 23.50 -28.45 3.98
CA GLY G 53 24.15 -28.35 5.27
C GLY G 53 23.85 -29.47 6.23
N LEU G 54 24.53 -29.43 7.35
CA LEU G 54 24.46 -30.37 8.46
C LEU G 54 23.68 -29.69 9.59
N GLU G 55 22.73 -30.41 10.20
CA GLU G 55 21.93 -29.95 11.34
C GLU G 55 22.09 -30.95 12.53
N GLU G 56 22.66 -30.49 13.66
CA GLU G 56 22.89 -31.33 14.84
C GLU G 56 21.77 -31.17 15.85
N LYS G 57 21.32 -32.30 16.43
CA LYS G 57 20.27 -32.39 17.45
C LYS G 57 20.74 -33.46 18.45
N GLY G 58 21.67 -33.10 19.34
CA GLY G 58 22.22 -34.01 20.33
C GLY G 58 23.19 -34.99 19.71
N ARG G 59 22.95 -36.30 19.91
CA ARG G 59 23.79 -37.36 19.36
C ARG G 59 23.48 -37.60 17.86
N PHE G 60 22.36 -37.02 17.34
CA PHE G 60 21.91 -37.15 15.95
C PHE G 60 22.18 -35.91 15.12
N SER G 61 22.63 -36.10 13.87
CA SER G 61 22.92 -35.05 12.89
C SER G 61 22.41 -35.49 11.52
N SER G 62 21.82 -34.57 10.78
CA SER G 62 21.31 -34.82 9.44
C SER G 62 21.98 -33.89 8.49
N PHE G 63 22.46 -34.45 7.38
CA PHE G 63 23.14 -33.72 6.35
C PHE G 63 22.37 -33.77 5.07
N LEU G 64 22.41 -32.70 4.30
CA LEU G 64 21.81 -32.69 2.96
C LEU G 64 22.70 -31.99 1.94
N SER G 65 22.77 -32.58 0.74
CA SER G 65 23.42 -32.03 -0.44
C SER G 65 22.40 -32.18 -1.58
N ARG G 66 21.75 -31.08 -1.96
CA ARG G 66 20.73 -31.09 -3.04
C ARG G 66 21.30 -31.39 -4.41
N SER G 67 22.49 -30.86 -4.74
CA SER G 67 23.12 -31.07 -6.04
C SER G 67 23.50 -32.56 -6.24
N LYS G 68 23.80 -33.27 -5.15
CA LYS G 68 24.13 -34.68 -5.20
C LYS G 68 22.91 -35.60 -4.97
N GLY G 69 21.78 -35.04 -4.51
CA GLY G 69 20.56 -35.79 -4.17
C GLY G 69 20.92 -36.84 -3.13
N TYR G 70 21.50 -36.39 -2.03
CA TYR G 70 22.07 -37.25 -1.03
C TYR G 70 21.94 -36.65 0.35
N SER G 71 21.61 -37.51 1.31
CA SER G 71 21.49 -37.21 2.72
C SER G 71 22.09 -38.35 3.57
N TYR G 72 22.50 -37.97 4.76
CA TYR G 72 22.88 -38.95 5.73
C TYR G 72 22.37 -38.56 7.10
N LEU G 73 22.12 -39.55 7.93
CA LEU G 73 21.79 -39.41 9.34
C LEU G 73 22.98 -40.03 10.12
N LEU G 74 23.67 -39.21 10.89
CA LEU G 74 24.85 -39.58 11.64
C LEU G 74 24.49 -39.74 13.11
N LEU G 75 24.70 -40.94 13.68
CA LEU G 75 24.44 -41.26 15.07
C LEU G 75 25.78 -41.43 15.77
N LYS G 76 26.06 -40.63 16.79
CA LYS G 76 27.30 -40.69 17.57
C LYS G 76 27.03 -41.32 18.94
N GLU G 77 28.08 -41.81 19.62
CA GLU G 77 28.06 -42.48 20.93
C GLU G 77 26.92 -43.49 21.05
N LEU G 78 26.82 -44.38 20.06
CA LEU G 78 25.78 -45.39 19.93
C LEU G 78 25.41 -46.14 21.22
N GLN G 79 24.11 -46.11 21.53
CA GLN G 79 23.55 -46.80 22.68
C GLN G 79 22.67 -47.91 22.17
N MET G 80 22.45 -48.94 22.99
CA MET G 80 21.60 -50.09 22.63
C MET G 80 20.17 -49.65 22.23
N LYS G 81 19.67 -48.56 22.87
CA LYS G 81 18.35 -47.93 22.64
C LYS G 81 18.20 -47.39 21.21
N ASP G 82 19.34 -47.19 20.49
CA ASP G 82 19.36 -46.70 19.12
C ASP G 82 19.00 -47.79 18.10
N SER G 83 18.89 -49.06 18.56
CA SER G 83 18.50 -50.21 17.72
C SER G 83 17.05 -50.00 17.33
N ALA G 84 16.82 -49.67 16.04
CA ALA G 84 15.54 -49.30 15.46
C ALA G 84 15.72 -49.24 13.94
N SER G 85 14.63 -48.94 13.23
CA SER G 85 14.65 -48.71 11.79
C SER G 85 14.66 -47.18 11.58
N TYR G 86 15.42 -46.72 10.60
CA TYR G 86 15.55 -45.30 10.26
C TYR G 86 15.06 -45.12 8.86
N LEU G 87 13.97 -44.38 8.72
CA LEU G 87 13.32 -44.12 7.43
C LEU G 87 13.61 -42.75 6.86
N CYS G 88 13.88 -42.74 5.57
CA CYS G 88 14.17 -41.59 4.75
C CYS G 88 12.95 -41.34 3.84
N ALA G 89 12.42 -40.12 3.90
CA ALA G 89 11.29 -39.69 3.10
C ALA G 89 11.61 -38.36 2.42
N VAL G 90 11.33 -38.29 1.10
CA VAL G 90 11.50 -37.09 0.27
C VAL G 90 10.17 -36.59 -0.23
N MET G 91 9.98 -35.31 -0.11
CA MET G 91 8.82 -34.61 -0.62
C MET G 91 9.17 -34.13 -2.06
N ASP G 92 8.45 -34.61 -3.07
CA ASP G 92 8.71 -34.27 -4.47
C ASP G 92 8.02 -32.93 -4.88
N SER G 93 8.00 -32.60 -6.19
CA SER G 93 7.40 -31.36 -6.73
C SER G 93 5.89 -31.25 -6.57
N ASN G 94 5.22 -32.40 -6.38
CA ASN G 94 3.77 -32.48 -6.21
C ASN G 94 3.37 -32.60 -4.75
N TYR G 95 4.32 -32.39 -3.80
CA TYR G 95 4.09 -32.41 -2.34
C TYR G 95 3.67 -33.78 -1.83
N GLN G 96 4.08 -34.80 -2.56
CA GLN G 96 3.85 -36.17 -2.17
C GLN G 96 5.14 -36.64 -1.43
N LEU G 97 4.98 -37.14 -0.22
CA LEU G 97 6.04 -37.70 0.60
C LEU G 97 6.31 -39.12 0.14
N ILE G 98 7.53 -39.36 -0.36
CA ILE G 98 8.01 -40.63 -0.91
C ILE G 98 8.92 -41.25 0.13
N TRP G 99 8.57 -42.46 0.57
CA TRP G 99 9.30 -43.17 1.63
C TRP G 99 10.26 -44.21 1.14
N GLY G 100 11.45 -44.24 1.74
CA GLY G 100 12.42 -45.29 1.52
C GLY G 100 11.99 -46.53 2.31
N ALA G 101 12.50 -47.71 1.95
CA ALA G 101 12.15 -48.97 2.63
C ALA G 101 12.61 -49.07 4.09
N GLY G 102 13.50 -48.17 4.50
CA GLY G 102 14.03 -48.14 5.86
C GLY G 102 15.32 -48.91 6.01
N THR G 103 16.12 -48.52 6.98
CA THR G 103 17.37 -49.15 7.35
C THR G 103 17.22 -49.64 8.79
N LYS G 104 17.30 -50.96 9.00
CA LYS G 104 17.32 -51.55 10.34
C LYS G 104 18.76 -51.38 10.92
N LEU G 105 18.89 -50.71 12.05
CA LEU G 105 20.20 -50.55 12.67
C LEU G 105 20.33 -51.53 13.81
N ILE G 106 21.39 -52.35 13.78
CA ILE G 106 21.67 -53.33 14.84
C ILE G 106 22.92 -52.90 15.60
N ILE G 107 22.82 -52.85 16.93
CA ILE G 107 23.95 -52.43 17.76
C ILE G 107 24.54 -53.60 18.53
N LYS G 108 25.84 -53.85 18.32
CA LYS G 108 26.63 -54.89 18.97
C LYS G 108 27.07 -54.36 20.33
N PRO G 109 26.67 -55.04 21.43
CA PRO G 109 27.14 -54.59 22.76
C PRO G 109 28.61 -54.90 23.02
N ASP G 110 29.27 -54.03 23.78
CA ASP G 110 30.64 -54.27 24.19
C ASP G 110 30.67 -55.33 25.33
N ILE G 111 31.11 -56.57 25.06
CA ILE G 111 31.17 -57.61 26.10
C ILE G 111 32.54 -57.57 26.73
N GLN G 112 32.63 -56.99 27.93
CA GLN G 112 33.88 -56.87 28.67
C GLN G 112 34.44 -58.24 29.08
N ASN G 113 33.56 -59.17 29.54
CA ASN G 113 34.01 -60.49 29.96
C ASN G 113 33.26 -61.67 29.31
N PRO G 114 33.69 -62.12 28.11
CA PRO G 114 33.03 -63.28 27.49
C PRO G 114 33.31 -64.58 28.24
N ASP G 115 32.30 -65.45 28.31
CA ASP G 115 32.38 -66.76 28.96
C ASP G 115 31.40 -67.68 28.18
N PRO G 116 31.68 -67.99 26.88
CA PRO G 116 30.71 -68.79 26.10
C PRO G 116 30.45 -70.20 26.61
N ALA G 117 29.17 -70.51 26.77
CA ALA G 117 28.71 -71.79 27.25
C ALA G 117 27.33 -72.14 26.67
N VAL G 118 27.06 -73.45 26.58
CA VAL G 118 25.79 -74.02 26.13
C VAL G 118 25.28 -74.81 27.34
N TYR G 119 24.13 -74.38 27.88
CA TYR G 119 23.53 -74.98 29.07
C TYR G 119 22.22 -75.66 28.74
N GLN G 120 21.88 -76.70 29.52
CA GLN G 120 20.61 -77.37 29.36
C GLN G 120 19.68 -76.93 30.46
N LEU G 121 18.51 -76.48 30.07
CA LEU G 121 17.48 -76.08 31.03
C LEU G 121 16.55 -77.28 31.23
N ARG G 122 15.61 -77.19 32.18
CA ARG G 122 14.63 -78.23 32.48
C ARG G 122 13.33 -77.50 32.74
N ASP G 123 12.17 -78.07 32.35
CA ASP G 123 10.85 -77.43 32.49
C ASP G 123 10.53 -76.80 33.87
N SER G 124 9.85 -77.57 34.73
CA SER G 124 9.33 -77.32 36.09
C SER G 124 8.17 -78.29 36.18
N LYS G 125 7.24 -78.17 35.19
CA LYS G 125 6.09 -79.05 34.98
C LYS G 125 6.61 -80.32 34.29
N SER G 126 6.24 -81.49 34.86
CA SER G 126 6.66 -82.80 34.34
C SER G 126 6.23 -82.98 32.89
N SER G 127 7.16 -82.67 31.97
CA SER G 127 6.97 -82.79 30.53
C SER G 127 8.13 -83.54 29.85
N ASP G 128 9.34 -83.54 30.51
CA ASP G 128 10.62 -84.09 30.03
C ASP G 128 11.17 -83.22 28.89
N LYS G 129 10.43 -82.12 28.54
CA LYS G 129 10.74 -81.15 27.48
C LYS G 129 11.94 -80.31 27.88
N SER G 130 12.82 -80.02 26.90
CA SER G 130 14.03 -79.25 27.17
C SER G 130 14.47 -78.20 26.11
N VAL G 131 15.21 -77.21 26.61
CA VAL G 131 15.79 -76.07 25.92
C VAL G 131 17.31 -76.04 26.17
N CYS G 132 18.09 -75.73 25.12
CA CYS G 132 19.54 -75.53 25.16
C CYS G 132 19.81 -74.06 24.95
N LEU G 133 20.48 -73.42 25.91
CA LEU G 133 20.81 -71.98 25.92
C LEU G 133 22.30 -71.76 25.67
N PHE G 134 22.62 -71.00 24.60
CA PHE G 134 23.95 -70.58 24.22
C PHE G 134 24.03 -69.13 24.72
N THR G 135 24.95 -68.88 25.65
CA THR G 135 25.03 -67.59 26.31
C THR G 135 26.46 -67.13 26.54
N ASP G 136 26.60 -65.84 26.92
CA ASP G 136 27.84 -65.18 27.33
C ASP G 136 28.96 -65.07 26.30
N PHE G 137 28.60 -65.26 25.03
CA PHE G 137 29.51 -65.12 23.91
C PHE G 137 29.62 -63.62 23.51
N ASP G 138 30.73 -63.28 22.84
CA ASP G 138 31.03 -61.94 22.39
C ASP G 138 30.29 -61.64 21.09
N SER G 139 29.94 -60.37 20.88
CA SER G 139 29.21 -59.84 19.74
C SER G 139 29.73 -60.24 18.35
N GLN G 140 30.97 -60.74 18.27
CA GLN G 140 31.57 -61.21 17.03
C GLN G 140 30.86 -62.47 16.50
N THR G 141 30.50 -63.44 17.39
CA THR G 141 29.87 -64.71 16.99
C THR G 141 28.46 -64.58 16.48
N ASN G 142 28.15 -65.38 15.45
CA ASN G 142 26.83 -65.40 14.83
C ASN G 142 26.15 -66.74 15.01
N VAL G 143 24.83 -66.69 15.23
CA VAL G 143 23.98 -67.85 15.42
C VAL G 143 23.29 -68.12 14.08
N SER G 144 23.52 -69.31 13.52
CA SER G 144 22.93 -69.75 12.26
C SER G 144 21.58 -70.41 12.55
N GLN G 145 20.67 -70.40 11.55
CA GLN G 145 19.34 -70.98 11.64
C GLN G 145 19.46 -72.49 11.71
N SER G 146 18.36 -73.15 12.08
CA SER G 146 18.29 -74.60 12.22
C SER G 146 18.44 -75.36 10.90
N LYS G 147 19.06 -76.55 10.97
CA LYS G 147 19.21 -77.45 9.83
C LYS G 147 17.93 -78.33 9.76
N ASP G 148 17.65 -79.12 10.84
CA ASP G 148 16.45 -79.96 10.96
C ASP G 148 15.22 -79.09 11.13
N SER G 149 14.12 -79.45 10.44
CA SER G 149 12.84 -78.73 10.47
C SER G 149 12.17 -78.73 11.85
N ASP G 150 12.31 -79.86 12.59
CA ASP G 150 11.73 -80.03 13.92
C ASP G 150 12.67 -79.54 15.08
N VAL G 151 13.67 -78.68 14.74
CA VAL G 151 14.62 -78.05 15.67
C VAL G 151 14.48 -76.54 15.50
N TYR G 152 14.29 -75.82 16.59
CA TYR G 152 14.08 -74.38 16.53
C TYR G 152 15.18 -73.64 17.24
N ILE G 153 15.83 -72.70 16.53
CA ILE G 153 16.91 -71.90 17.05
C ILE G 153 16.56 -70.43 16.88
N THR G 154 16.67 -69.64 17.95
CA THR G 154 16.37 -68.21 17.89
C THR G 154 17.62 -67.39 17.55
N ASP G 155 17.41 -66.13 17.14
CA ASP G 155 18.48 -65.16 16.86
C ASP G 155 19.13 -64.71 18.18
N LYS G 156 20.37 -64.15 18.12
CA LYS G 156 21.03 -63.58 19.30
C LYS G 156 20.15 -62.46 19.86
N CYS G 157 20.11 -62.35 21.17
CA CYS G 157 19.36 -61.29 21.81
C CYS G 157 20.18 -60.79 23.02
N VAL G 158 20.24 -59.46 23.20
CA VAL G 158 20.99 -58.78 24.25
C VAL G 158 20.13 -58.47 25.45
N LEU G 159 20.64 -58.79 26.62
CA LEU G 159 19.93 -58.57 27.87
C LEU G 159 20.79 -57.72 28.78
N ASP G 160 20.16 -56.76 29.49
CA ASP G 160 20.84 -55.83 30.39
C ASP G 160 20.37 -55.95 31.83
N MET G 161 21.27 -56.36 32.71
CA MET G 161 21.01 -56.44 34.15
C MET G 161 21.48 -55.09 34.73
N ARG G 162 20.66 -54.03 34.48
CA ARG G 162 20.88 -52.62 34.85
C ARG G 162 21.46 -52.39 36.25
N SER G 163 21.04 -53.20 37.25
CA SER G 163 21.52 -53.14 38.63
C SER G 163 23.04 -53.38 38.70
N MET G 164 23.53 -54.41 37.99
CA MET G 164 24.95 -54.81 37.93
C MET G 164 25.77 -54.21 36.77
N ASP G 165 25.17 -53.27 35.98
CA ASP G 165 25.76 -52.68 34.77
C ASP G 165 26.42 -53.82 33.93
N PHE G 166 25.61 -54.87 33.67
CA PHE G 166 26.03 -56.08 32.98
C PHE G 166 25.14 -56.37 31.78
N LYS G 167 25.78 -56.74 30.66
CA LYS G 167 25.13 -57.06 29.39
C LYS G 167 25.60 -58.42 28.93
N SER G 168 24.69 -59.22 28.37
CA SER G 168 25.02 -60.55 27.81
C SER G 168 24.23 -60.87 26.55
N ASN G 169 24.88 -61.65 25.64
CA ASN G 169 24.27 -62.15 24.41
C ASN G 169 23.73 -63.56 24.70
N SER G 170 22.62 -63.94 24.03
CA SER G 170 22.02 -65.27 24.16
C SER G 170 21.16 -65.66 22.98
N ALA G 171 21.18 -66.94 22.67
CA ALA G 171 20.39 -67.63 21.65
C ALA G 171 19.86 -68.92 22.30
N VAL G 172 18.63 -69.32 21.94
CA VAL G 172 17.97 -70.50 22.48
C VAL G 172 17.69 -71.52 21.37
N ALA G 173 17.80 -72.83 21.68
CA ALA G 173 17.48 -73.94 20.78
C ALA G 173 16.58 -74.95 21.48
N TRP G 174 15.57 -75.50 20.78
CA TRP G 174 14.67 -76.51 21.33
C TRP G 174 14.13 -77.50 20.27
N SER G 175 13.69 -78.70 20.69
CA SER G 175 13.17 -79.75 19.81
C SER G 175 12.48 -80.90 20.58
N ASN G 176 11.76 -81.76 19.84
CA ASN G 176 11.08 -82.98 20.33
C ASN G 176 11.72 -84.25 19.74
N LYS G 177 12.56 -84.08 18.69
CA LYS G 177 13.28 -85.14 17.96
C LYS G 177 14.02 -86.15 18.87
N SER G 178 14.70 -85.62 19.92
CA SER G 178 15.49 -86.31 20.95
C SER G 178 15.80 -87.84 20.79
N ASP G 179 16.86 -88.26 20.04
CA ASP G 179 17.83 -87.55 19.18
C ASP G 179 18.62 -86.35 19.79
N PHE G 180 18.11 -85.10 19.57
CA PHE G 180 18.58 -83.77 20.00
C PHE G 180 19.19 -83.72 21.41
N ALA G 181 20.37 -83.07 21.51
CA ALA G 181 21.16 -82.86 22.73
C ALA G 181 21.90 -81.53 22.60
N CYS G 182 22.23 -80.90 23.75
CA CYS G 182 22.88 -79.60 23.79
C CYS G 182 24.23 -79.51 23.10
N ALA G 183 25.01 -80.59 23.14
CA ALA G 183 26.33 -80.67 22.51
C ALA G 183 26.22 -80.60 20.99
N ASN G 184 25.04 -80.96 20.44
CA ASN G 184 24.72 -80.99 19.02
C ASN G 184 23.81 -79.85 18.56
N ALA G 185 23.18 -79.14 19.51
CA ALA G 185 22.22 -78.05 19.28
C ALA G 185 22.69 -76.93 18.35
N PHE G 186 23.90 -76.41 18.55
CA PHE G 186 24.37 -75.27 17.74
C PHE G 186 25.41 -75.58 16.68
N ASN G 187 25.59 -76.88 16.33
CA ASN G 187 26.57 -77.38 15.34
C ASN G 187 26.57 -76.68 13.99
N ASN G 188 25.40 -76.11 13.58
CA ASN G 188 25.25 -75.38 12.32
C ASN G 188 25.78 -73.93 12.39
N SER G 189 26.10 -73.44 13.63
CA SER G 189 26.65 -72.10 13.86
C SER G 189 28.14 -72.22 14.20
N ILE G 190 28.97 -71.23 13.79
CA ILE G 190 30.41 -71.24 14.11
C ILE G 190 30.59 -70.56 15.48
N ILE G 191 30.83 -71.41 16.49
CA ILE G 191 30.94 -71.01 17.89
C ILE G 191 32.39 -70.97 18.41
N PRO G 192 32.68 -70.18 19.49
CA PRO G 192 34.06 -70.14 20.03
C PRO G 192 34.65 -71.51 20.38
N GLU G 193 35.99 -71.68 20.20
CA GLU G 193 36.70 -72.95 20.48
C GLU G 193 36.65 -73.32 21.96
N ASP G 194 36.66 -72.31 22.85
CA ASP G 194 36.62 -72.45 24.31
C ASP G 194 35.20 -72.54 24.92
N THR G 195 34.14 -72.74 24.08
CA THR G 195 32.76 -72.86 24.56
C THR G 195 32.61 -73.97 25.59
N PHE G 196 32.12 -73.60 26.78
CA PHE G 196 31.89 -74.50 27.90
C PHE G 196 30.64 -75.37 27.70
N PHE G 197 30.84 -76.69 27.68
CA PHE G 197 29.79 -77.70 27.57
C PHE G 197 29.86 -78.52 28.87
N PRO G 198 28.90 -78.31 29.81
CA PRO G 198 28.94 -79.07 31.07
C PRO G 198 28.42 -80.51 30.90
N SER G 199 28.68 -81.40 31.89
CA SER G 199 28.26 -82.81 31.86
C SER G 199 26.75 -82.98 32.02
N GLY H 4 -2.34 -37.70 20.93
CA GLY H 4 -2.43 -36.96 19.67
C GLY H 4 -3.31 -37.67 18.66
N ILE H 5 -2.87 -38.84 18.18
CA ILE H 5 -3.65 -39.66 17.26
C ILE H 5 -3.98 -40.98 17.92
N THR H 6 -5.23 -41.37 17.81
CA THR H 6 -5.69 -42.68 18.27
C THR H 6 -6.27 -43.42 17.07
N GLN H 7 -6.13 -44.74 17.09
CA GLN H 7 -6.64 -45.65 16.07
C GLN H 7 -7.42 -46.74 16.75
N ALA H 8 -8.56 -47.14 16.14
CA ALA H 8 -9.39 -48.23 16.63
C ALA H 8 -9.87 -49.12 15.46
N PRO H 9 -9.76 -50.46 15.56
CA PRO H 9 -9.12 -51.24 16.64
C PRO H 9 -7.58 -51.17 16.52
N THR H 10 -6.84 -51.81 17.45
CA THR H 10 -5.37 -51.85 17.36
C THR H 10 -4.90 -53.21 16.90
N SER H 11 -5.81 -54.20 16.98
CA SER H 11 -5.61 -55.58 16.55
C SER H 11 -6.92 -56.13 16.04
N GLN H 12 -6.88 -56.88 14.95
CA GLN H 12 -8.08 -57.43 14.35
C GLN H 12 -7.75 -58.59 13.44
N ILE H 13 -8.53 -59.66 13.58
CA ILE H 13 -8.50 -60.85 12.74
C ILE H 13 -9.83 -60.84 12.00
N LEU H 14 -9.77 -60.93 10.68
CA LEU H 14 -10.98 -60.85 9.91
C LEU H 14 -11.06 -61.98 8.94
N ALA H 15 -12.28 -62.53 8.75
CA ALA H 15 -12.53 -63.52 7.72
C ALA H 15 -12.66 -62.74 6.39
N ALA H 16 -12.09 -63.30 5.30
CA ALA H 16 -12.11 -62.69 3.97
C ALA H 16 -13.54 -62.52 3.51
N GLY H 17 -13.83 -61.39 2.84
CA GLY H 17 -15.15 -61.05 2.34
C GLY H 17 -15.97 -60.18 3.27
N ARG H 18 -15.51 -60.04 4.53
CA ARG H 18 -16.15 -59.20 5.53
C ARG H 18 -15.75 -57.72 5.34
N ARG H 19 -16.63 -56.82 5.78
CA ARG H 19 -16.43 -55.38 5.79
C ARG H 19 -15.68 -55.02 7.09
N MET H 20 -14.78 -54.03 7.03
CA MET H 20 -13.96 -53.54 8.16
C MET H 20 -13.81 -52.01 8.05
N THR H 21 -13.91 -51.31 9.20
CA THR H 21 -13.69 -49.88 9.26
C THR H 21 -12.66 -49.54 10.32
N LEU H 22 -11.47 -49.06 9.89
CA LEU H 22 -10.44 -48.61 10.82
C LEU H 22 -10.72 -47.12 11.12
N ARG H 23 -10.91 -46.80 12.40
CA ARG H 23 -11.20 -45.42 12.80
C ARG H 23 -9.92 -44.69 13.20
N CYS H 24 -9.83 -43.40 12.84
CA CYS H 24 -8.69 -42.57 13.17
C CYS H 24 -9.14 -41.22 13.65
N THR H 25 -8.75 -40.85 14.87
CA THR H 25 -9.10 -39.57 15.45
C THR H 25 -7.85 -38.81 15.88
N GLN H 26 -7.81 -37.52 15.55
CA GLN H 26 -6.72 -36.65 15.98
C GLN H 26 -7.28 -35.51 16.80
N ASP H 27 -6.43 -34.87 17.63
CA ASP H 27 -6.84 -33.75 18.48
C ASP H 27 -6.06 -32.48 18.20
N MET H 28 -5.09 -32.55 17.29
CA MET H 28 -4.20 -31.45 16.92
C MET H 28 -4.78 -30.42 15.93
N ARG H 29 -6.01 -30.66 15.44
CA ARG H 29 -6.75 -29.85 14.46
C ARG H 29 -5.93 -29.66 13.18
N HIS H 30 -5.23 -30.73 12.80
CA HIS H 30 -4.41 -30.82 11.60
C HIS H 30 -5.32 -30.95 10.40
N ASN H 31 -5.01 -30.20 9.35
CA ASN H 31 -5.83 -30.25 8.15
C ASN H 31 -5.62 -31.49 7.31
N ALA H 32 -4.34 -31.89 7.11
CA ALA H 32 -4.00 -33.04 6.30
C ALA H 32 -3.96 -34.36 7.11
N MET H 33 -4.63 -35.41 6.61
CA MET H 33 -4.65 -36.77 7.19
C MET H 33 -4.31 -37.82 6.14
N TYR H 34 -3.64 -38.91 6.57
CA TYR H 34 -3.08 -39.94 5.70
C TYR H 34 -3.29 -41.35 6.24
N TRP H 35 -3.43 -42.32 5.34
CA TRP H 35 -3.52 -43.75 5.69
C TRP H 35 -2.41 -44.45 4.95
N TYR H 36 -1.54 -45.15 5.69
CA TYR H 36 -0.46 -45.92 5.11
C TYR H 36 -0.61 -47.38 5.48
N ARG H 37 0.03 -48.23 4.70
CA ARG H 37 0.19 -49.62 5.05
C ARG H 37 1.71 -49.98 5.01
N GLN H 38 2.13 -50.71 6.02
CA GLN H 38 3.51 -51.13 6.18
C GLN H 38 3.59 -52.64 6.14
N ASP H 39 4.32 -53.13 5.14
CA ASP H 39 4.57 -54.53 4.87
C ASP H 39 6.07 -54.69 4.75
N LEU H 40 6.60 -55.83 5.22
CA LEU H 40 8.02 -56.21 5.22
C LEU H 40 8.71 -56.01 3.88
N GLY H 41 9.90 -55.38 3.95
CA GLY H 41 10.74 -55.10 2.79
C GLY H 41 10.39 -53.85 2.03
N LEU H 42 9.15 -53.39 2.18
CA LEU H 42 8.67 -52.17 1.52
C LEU H 42 8.64 -51.04 2.55
N GLY H 43 8.52 -49.83 2.06
CA GLY H 43 8.37 -48.68 2.94
C GLY H 43 6.93 -48.59 3.45
N LEU H 44 6.44 -47.37 3.50
CA LEU H 44 5.10 -47.06 3.89
C LEU H 44 4.50 -46.71 2.58
N ARG H 45 3.36 -47.31 2.26
CA ARG H 45 2.66 -47.06 1.02
C ARG H 45 1.38 -46.40 1.31
N LEU H 46 1.17 -45.25 0.69
CA LEU H 46 0.00 -44.42 0.90
C LEU H 46 -1.20 -45.04 0.21
N ILE H 47 -2.27 -45.19 0.97
CA ILE H 47 -3.53 -45.75 0.48
C ILE H 47 -4.36 -44.59 0.00
N HIS H 48 -4.74 -43.68 0.94
CA HIS H 48 -5.56 -42.50 0.70
C HIS H 48 -5.08 -41.35 1.56
N TYR H 49 -5.38 -40.12 1.15
CA TYR H 49 -5.01 -38.92 1.90
C TYR H 49 -6.18 -37.95 1.84
N SER H 50 -6.15 -36.93 2.67
CA SER H 50 -7.19 -35.91 2.72
C SER H 50 -6.53 -34.63 3.15
N ASN H 51 -6.49 -33.61 2.27
CA ASN H 51 -5.85 -32.34 2.60
C ASN H 51 -6.59 -31.42 3.55
N THR H 52 -7.90 -31.55 3.62
CA THR H 52 -8.76 -30.74 4.47
C THR H 52 -10.10 -31.43 4.55
N ALA H 53 -10.92 -31.08 5.56
CA ALA H 53 -12.30 -31.62 5.71
C ALA H 53 -13.07 -31.37 4.38
N GLY H 54 -13.76 -32.42 3.91
CA GLY H 54 -14.54 -32.36 2.68
C GLY H 54 -13.84 -32.72 1.40
N THR H 55 -12.62 -33.29 1.47
CA THR H 55 -11.90 -33.75 0.28
C THR H 55 -11.03 -34.95 0.60
N THR H 56 -10.88 -35.87 -0.37
CA THR H 56 -10.00 -37.05 -0.30
C THR H 56 -9.33 -37.27 -1.66
N GLY H 57 -8.16 -37.87 -1.61
CA GLY H 57 -7.37 -38.22 -2.77
C GLY H 57 -6.93 -39.66 -2.66
N LYS H 58 -6.63 -40.28 -3.80
CA LYS H 58 -6.15 -41.64 -3.86
C LYS H 58 -4.64 -41.59 -3.72
N GLY H 59 -4.07 -42.54 -2.99
CA GLY H 59 -2.62 -42.65 -2.83
C GLY H 59 -2.05 -43.62 -3.85
N GLU H 60 -0.94 -44.26 -3.53
CA GLU H 60 -0.32 -45.23 -4.43
C GLU H 60 -1.03 -46.62 -4.46
N VAL H 61 -1.67 -47.03 -3.34
CA VAL H 61 -2.37 -48.33 -3.30
C VAL H 61 -3.83 -48.18 -2.86
N PRO H 62 -4.70 -47.44 -3.60
CA PRO H 62 -6.08 -47.25 -3.12
C PRO H 62 -7.07 -48.41 -3.28
N ASP H 63 -6.74 -49.45 -4.07
CA ASP H 63 -7.70 -50.55 -4.33
C ASP H 63 -8.04 -51.41 -3.14
N GLY H 64 -9.34 -51.63 -2.96
CA GLY H 64 -9.90 -52.40 -1.87
C GLY H 64 -10.16 -51.55 -0.64
N TYR H 65 -9.97 -50.21 -0.77
CA TYR H 65 -10.15 -49.29 0.34
C TYR H 65 -10.91 -48.07 -0.05
N SER H 66 -11.65 -47.50 0.92
CA SER H 66 -12.37 -46.25 0.74
C SER H 66 -12.21 -45.38 2.01
N VAL H 67 -12.27 -44.06 1.86
CA VAL H 67 -12.15 -43.13 2.99
C VAL H 67 -13.22 -42.07 2.87
N SER H 68 -13.50 -41.40 3.98
CA SER H 68 -14.39 -40.24 4.02
C SER H 68 -13.68 -39.21 4.90
N ARG H 69 -14.00 -37.92 4.70
CA ARG H 69 -13.50 -36.86 5.56
C ARG H 69 -14.53 -35.74 5.68
N ALA H 70 -15.51 -35.99 6.54
CA ALA H 70 -16.59 -35.05 6.83
C ALA H 70 -16.12 -33.97 7.81
N ASN H 71 -15.26 -34.35 8.77
CA ASN H 71 -14.74 -33.48 9.82
C ASN H 71 -13.22 -33.45 9.82
N THR H 72 -12.64 -32.41 10.42
CA THR H 72 -11.18 -32.29 10.54
C THR H 72 -10.59 -33.46 11.37
N ASP H 73 -11.26 -33.83 12.47
CA ASP H 73 -10.77 -34.80 13.44
C ASP H 73 -10.73 -36.25 13.08
N ASP H 74 -11.68 -36.71 12.24
CA ASP H 74 -11.79 -38.12 11.88
C ASP H 74 -11.49 -38.41 10.41
N PHE H 75 -10.92 -39.59 10.16
CA PHE H 75 -10.57 -40.07 8.82
C PHE H 75 -10.72 -41.59 8.79
N PRO H 76 -11.96 -42.11 8.62
CA PRO H 76 -12.13 -43.57 8.62
C PRO H 76 -11.67 -44.25 7.33
N LEU H 77 -11.10 -45.45 7.47
CA LEU H 77 -10.65 -46.28 6.35
C LEU H 77 -11.55 -47.50 6.29
N THR H 78 -12.23 -47.67 5.17
CA THR H 78 -13.11 -48.80 4.97
C THR H 78 -12.48 -49.80 3.99
N LEU H 79 -12.69 -51.09 4.28
CA LEU H 79 -12.28 -52.26 3.50
C LEU H 79 -13.66 -52.90 3.33
N ALA H 80 -14.35 -52.58 2.23
CA ALA H 80 -15.71 -53.09 2.05
C ALA H 80 -15.87 -54.65 1.92
N SER H 81 -14.80 -55.36 1.52
CA SER H 81 -14.79 -56.81 1.35
C SER H 81 -13.36 -57.28 1.41
N ALA H 82 -12.86 -57.41 2.65
CA ALA H 82 -11.50 -57.79 3.02
C ALA H 82 -10.95 -58.98 2.23
N VAL H 83 -9.70 -58.86 1.80
CA VAL H 83 -8.97 -59.90 1.08
C VAL H 83 -7.70 -60.27 1.85
N PRO H 84 -7.24 -61.53 1.84
CA PRO H 84 -6.00 -61.88 2.58
C PRO H 84 -4.79 -61.01 2.30
N SER H 85 -4.69 -60.36 1.12
CA SER H 85 -3.57 -59.46 0.80
C SER H 85 -3.64 -58.12 1.59
N GLN H 86 -4.79 -57.83 2.21
CA GLN H 86 -4.98 -56.64 3.04
C GLN H 86 -4.43 -56.83 4.49
N THR H 87 -3.84 -58.02 4.77
CA THR H 87 -3.14 -58.33 6.01
C THR H 87 -1.94 -57.38 6.00
N SER H 88 -1.85 -56.51 7.01
CA SER H 88 -0.79 -55.51 7.12
C SER H 88 -0.85 -54.78 8.47
N VAL H 89 0.03 -53.79 8.64
CA VAL H 89 0.04 -52.88 9.76
C VAL H 89 -0.37 -51.54 9.13
N TYR H 90 -1.43 -50.93 9.64
CA TYR H 90 -1.97 -49.68 9.11
C TYR H 90 -1.67 -48.55 10.03
N PHE H 91 -1.15 -47.47 9.48
CA PHE H 91 -0.87 -46.27 10.23
C PHE H 91 -1.65 -45.15 9.67
N CYS H 92 -2.19 -44.38 10.57
CA CYS H 92 -2.85 -43.15 10.32
C CYS H 92 -1.84 -42.05 10.70
N ALA H 93 -1.73 -41.05 9.83
CA ALA H 93 -0.86 -39.91 10.10
C ALA H 93 -1.59 -38.59 9.83
N SER H 94 -1.07 -37.50 10.40
CA SER H 94 -1.59 -36.14 10.21
C SER H 94 -0.46 -35.15 10.17
N SER H 95 -0.68 -34.02 9.46
CA SER H 95 0.25 -32.89 9.34
C SER H 95 -0.52 -31.60 9.28
N GLY H 96 0.06 -30.56 9.88
CA GLY H 96 -0.50 -29.22 9.98
C GLY H 96 -0.88 -28.60 8.64
N GLY H 97 0.06 -28.74 7.72
CA GLY H 97 -0.02 -28.33 6.33
C GLY H 97 0.45 -29.46 5.44
N THR H 98 0.72 -29.15 4.18
CA THR H 98 1.11 -30.13 3.18
C THR H 98 2.61 -30.19 3.00
N ASN H 99 3.33 -29.18 3.49
CA ASN H 99 4.78 -29.18 3.40
C ASN H 99 5.46 -29.68 4.68
N ASN H 100 4.69 -29.81 5.79
CA ASN H 100 5.23 -30.24 7.08
C ASN H 100 5.20 -31.71 7.43
N GLU H 101 5.92 -32.04 8.51
CA GLU H 101 6.12 -33.37 9.10
C GLU H 101 4.81 -34.04 9.49
N GLN H 102 4.81 -35.37 9.41
CA GLN H 102 3.72 -36.24 9.79
C GLN H 102 3.90 -36.82 11.17
N PHE H 103 2.77 -36.93 11.90
CA PHE H 103 2.61 -37.47 13.25
C PHE H 103 1.86 -38.73 13.03
N PHE H 104 2.42 -39.86 13.43
CA PHE H 104 1.81 -41.18 13.23
C PHE H 104 1.03 -41.69 14.43
N GLY H 105 -0.09 -42.34 14.13
CA GLY H 105 -0.94 -42.98 15.12
C GLY H 105 -0.25 -44.28 15.51
N PRO H 106 -0.71 -44.94 16.59
CA PRO H 106 -0.02 -46.17 17.06
C PRO H 106 0.11 -47.33 16.07
N GLY H 107 -0.85 -47.47 15.15
CA GLY H 107 -0.88 -48.55 14.17
C GLY H 107 -1.93 -49.59 14.49
N THR H 108 -2.41 -50.28 13.45
CA THR H 108 -3.41 -51.33 13.56
C THR H 108 -2.87 -52.54 12.84
N ARG H 109 -2.75 -53.66 13.57
CA ARG H 109 -2.33 -54.92 13.00
C ARG H 109 -3.60 -55.62 12.58
N LEU H 110 -3.80 -55.80 11.26
CA LEU H 110 -4.99 -56.45 10.70
C LEU H 110 -4.55 -57.71 9.98
N THR H 111 -5.24 -58.81 10.25
CA THR H 111 -5.00 -60.11 9.65
C THR H 111 -6.29 -60.59 9.00
N VAL H 112 -6.23 -60.75 7.69
CA VAL H 112 -7.37 -61.24 6.92
C VAL H 112 -7.09 -62.69 6.53
N LEU H 113 -8.00 -63.58 6.91
CA LEU H 113 -7.87 -65.02 6.70
C LEU H 113 -9.01 -65.56 5.89
N GLU H 114 -8.72 -66.56 5.04
CA GLU H 114 -9.73 -67.24 4.24
C GLU H 114 -10.73 -68.01 5.14
N ASP H 115 -10.29 -68.45 6.33
CA ASP H 115 -11.06 -69.16 7.37
C ASP H 115 -10.36 -68.97 8.72
N LEU H 116 -11.12 -68.89 9.81
CA LEU H 116 -10.55 -68.69 11.14
C LEU H 116 -10.10 -69.99 11.83
N LYS H 117 -10.27 -71.15 11.16
CA LYS H 117 -9.94 -72.47 11.73
C LYS H 117 -8.46 -72.70 12.08
N ASN H 118 -7.59 -71.79 11.69
CA ASN H 118 -6.15 -71.91 11.88
C ASN H 118 -5.62 -71.06 13.02
N VAL H 119 -6.46 -70.16 13.58
CA VAL H 119 -6.13 -69.28 14.69
C VAL H 119 -6.01 -70.13 15.96
N PHE H 120 -4.83 -70.10 16.60
CA PHE H 120 -4.47 -70.83 17.81
C PHE H 120 -3.81 -69.92 18.81
N PRO H 121 -4.17 -70.01 20.11
CA PRO H 121 -3.46 -69.20 21.12
C PRO H 121 -2.13 -69.89 21.46
N PRO H 122 -1.17 -69.24 22.13
CA PRO H 122 0.08 -69.93 22.44
C PRO H 122 0.00 -70.95 23.60
N GLU H 123 1.02 -71.79 23.64
CA GLU H 123 1.31 -72.71 24.70
C GLU H 123 2.49 -72.01 25.36
N VAL H 124 2.38 -71.73 26.65
CA VAL H 124 3.44 -71.04 27.37
C VAL H 124 4.03 -72.00 28.38
N ALA H 125 5.38 -72.02 28.47
CA ALA H 125 6.15 -72.85 29.40
C ALA H 125 7.42 -72.13 29.83
N VAL H 126 7.80 -72.23 31.13
CA VAL H 126 8.99 -71.63 31.72
C VAL H 126 9.95 -72.74 32.11
N PHE H 127 11.23 -72.56 31.74
CA PHE H 127 12.33 -73.46 31.97
C PHE H 127 13.24 -72.85 33.00
N GLU H 128 13.49 -73.61 34.06
CA GLU H 128 14.29 -73.20 35.20
C GLU H 128 15.77 -73.16 34.87
N PRO H 129 16.54 -72.22 35.47
CA PRO H 129 17.97 -72.14 35.15
C PRO H 129 18.77 -73.41 35.42
N SER H 130 19.82 -73.60 34.61
CA SER H 130 20.79 -74.69 34.68
C SER H 130 21.63 -74.51 35.92
N GLU H 131 21.88 -75.63 36.63
CA GLU H 131 22.71 -75.69 37.83
C GLU H 131 24.15 -75.32 37.46
N ALA H 132 24.61 -75.83 36.30
CA ALA H 132 25.94 -75.58 35.73
C ALA H 132 26.15 -74.09 35.49
N GLU H 133 25.09 -73.37 35.09
CA GLU H 133 25.18 -71.93 34.86
C GLU H 133 25.37 -71.18 36.19
N ILE H 134 24.60 -71.56 37.21
CA ILE H 134 24.66 -70.98 38.55
C ILE H 134 26.06 -71.18 39.13
N SER H 135 26.59 -72.42 39.08
CA SER H 135 27.92 -72.75 39.62
C SER H 135 29.10 -72.15 38.82
N HIS H 136 28.84 -71.76 37.55
CA HIS H 136 29.87 -71.22 36.67
C HIS H 136 29.92 -69.70 36.62
N THR H 137 28.75 -69.04 36.64
CA THR H 137 28.65 -67.58 36.51
C THR H 137 28.08 -66.85 37.73
N GLN H 138 27.42 -67.57 38.65
CA GLN H 138 26.65 -67.05 39.79
C GLN H 138 25.43 -66.19 39.35
N LYS H 139 24.90 -66.52 38.14
CA LYS H 139 23.75 -65.90 37.49
C LYS H 139 22.79 -67.01 37.08
N ALA H 140 21.51 -66.69 36.90
CA ALA H 140 20.49 -67.67 36.58
C ALA H 140 19.56 -67.15 35.50
N THR H 141 19.47 -67.89 34.37
CA THR H 141 18.62 -67.52 33.25
C THR H 141 17.41 -68.43 33.18
N LEU H 142 16.23 -67.82 33.26
CA LEU H 142 14.95 -68.47 33.08
C LEU H 142 14.59 -68.23 31.60
N VAL H 143 14.00 -69.22 30.96
CA VAL H 143 13.60 -69.12 29.56
C VAL H 143 12.12 -69.36 29.46
N CYS H 144 11.45 -68.57 28.63
CA CYS H 144 10.04 -68.71 28.37
C CYS H 144 9.80 -68.97 26.90
N LEU H 145 9.04 -70.01 26.56
CA LEU H 145 8.67 -70.33 25.19
C LEU H 145 7.18 -70.25 25.04
N ALA H 146 6.72 -69.45 24.10
CA ALA H 146 5.33 -69.32 23.69
C ALA H 146 5.36 -70.02 22.33
N THR H 147 4.62 -71.10 22.19
CA THR H 147 4.64 -71.90 20.96
C THR H 147 3.24 -72.22 20.45
N GLY H 148 3.15 -72.55 19.17
CA GLY H 148 1.93 -73.03 18.52
C GLY H 148 0.84 -72.03 18.22
N PHE H 149 1.19 -70.74 18.22
CA PHE H 149 0.21 -69.70 18.00
C PHE H 149 0.15 -69.19 16.58
N TYR H 150 -1.05 -68.74 16.21
CA TYR H 150 -1.33 -68.16 14.93
C TYR H 150 -2.51 -67.20 15.07
N PRO H 151 -2.46 -65.97 14.51
CA PRO H 151 -1.35 -65.29 13.82
C PRO H 151 -0.29 -64.81 14.82
N ASP H 152 0.79 -64.21 14.32
CA ASP H 152 1.91 -63.80 15.19
C ASP H 152 1.71 -62.57 16.07
N HIS H 153 0.45 -62.25 16.44
CA HIS H 153 0.23 -61.11 17.32
C HIS H 153 0.19 -61.44 18.80
N VAL H 154 1.37 -61.30 19.43
CA VAL H 154 1.63 -61.66 20.81
C VAL H 154 2.47 -60.61 21.52
N GLU H 155 2.29 -60.53 22.85
CA GLU H 155 3.01 -59.62 23.73
C GLU H 155 3.46 -60.36 24.96
N LEU H 156 4.78 -60.51 25.12
CA LEU H 156 5.38 -61.23 26.25
C LEU H 156 5.92 -60.27 27.31
N SER H 157 5.65 -60.58 28.59
CA SER H 157 6.15 -59.83 29.75
C SER H 157 6.51 -60.77 30.91
N TRP H 158 7.50 -60.37 31.72
CA TRP H 158 7.97 -61.08 32.90
C TRP H 158 7.46 -60.37 34.14
N TRP H 159 7.05 -61.15 35.16
CA TRP H 159 6.49 -60.66 36.41
C TRP H 159 7.17 -61.37 37.56
N VAL H 160 7.98 -60.62 38.31
CA VAL H 160 8.66 -61.14 39.49
C VAL H 160 7.93 -60.60 40.73
N ASN H 161 7.47 -61.52 41.57
CA ASN H 161 6.73 -61.25 42.81
C ASN H 161 5.49 -60.36 42.65
N GLY H 162 4.79 -60.54 41.52
CA GLY H 162 3.58 -59.80 41.18
C GLY H 162 3.80 -58.48 40.49
N LYS H 163 5.09 -58.12 40.25
CA LYS H 163 5.45 -56.86 39.59
C LYS H 163 6.22 -57.12 38.29
N GLU H 164 5.84 -56.42 37.19
CA GLU H 164 6.47 -56.52 35.88
C GLU H 164 7.93 -56.03 35.90
N VAL H 165 8.85 -56.81 35.31
CA VAL H 165 10.28 -56.47 35.24
C VAL H 165 10.73 -56.23 33.81
N HIS H 166 11.80 -55.43 33.63
CA HIS H 166 12.36 -55.08 32.32
C HIS H 166 13.86 -55.29 32.32
N SER H 167 14.47 -55.15 33.50
CA SER H 167 15.90 -55.33 33.68
C SER H 167 16.17 -56.82 33.68
N GLY H 168 17.18 -57.22 32.90
CA GLY H 168 17.60 -58.60 32.76
C GLY H 168 16.70 -59.44 31.87
N VAL H 169 15.77 -58.79 31.15
CA VAL H 169 14.79 -59.39 30.23
C VAL H 169 15.21 -59.15 28.78
N CYS H 170 15.06 -60.17 27.93
CA CYS H 170 15.30 -60.05 26.51
C CYS H 170 14.42 -61.02 25.70
N THR H 171 13.44 -60.44 25.01
CA THR H 171 12.45 -61.13 24.19
C THR H 171 12.86 -60.99 22.75
N ASP H 172 12.66 -62.06 21.95
CA ASP H 172 12.93 -62.05 20.51
C ASP H 172 12.09 -60.96 19.89
N PRO H 173 12.66 -60.15 18.98
CA PRO H 173 11.86 -59.07 18.38
C PRO H 173 10.77 -59.64 17.47
N GLN H 174 11.08 -60.70 16.71
CA GLN H 174 10.11 -61.35 15.82
C GLN H 174 9.91 -62.84 16.14
N PRO H 175 8.66 -63.36 16.05
CA PRO H 175 8.45 -64.80 16.24
C PRO H 175 8.98 -65.62 15.06
N LEU H 176 9.33 -66.89 15.30
CA LEU H 176 9.80 -67.80 14.26
C LEU H 176 8.71 -68.79 13.81
N LYS H 177 8.76 -69.17 12.53
CA LYS H 177 7.84 -70.14 11.92
C LYS H 177 8.22 -71.57 12.32
N GLU H 178 7.28 -72.30 12.89
CA GLU H 178 7.47 -73.69 13.31
C GLU H 178 7.51 -74.65 12.12
N GLN H 179 6.82 -74.28 11.00
CA GLN H 179 6.76 -75.04 9.74
C GLN H 179 7.11 -74.02 8.64
N PRO H 180 8.42 -73.73 8.37
CA PRO H 180 8.73 -72.65 7.41
C PRO H 180 8.25 -72.80 5.97
N ALA H 181 7.96 -74.02 5.51
CA ALA H 181 7.45 -74.28 4.16
C ALA H 181 5.99 -73.75 4.00
N LEU H 182 5.09 -74.11 4.95
CA LEU H 182 3.68 -73.74 4.98
C LEU H 182 3.42 -72.23 5.04
N ASN H 183 2.35 -71.80 4.36
CA ASN H 183 1.87 -70.42 4.26
C ASN H 183 1.21 -70.00 5.57
N ASP H 184 0.56 -70.95 6.27
CA ASP H 184 -0.16 -70.73 7.52
C ASP H 184 0.54 -71.32 8.73
N SER H 185 1.88 -71.30 8.70
CA SER H 185 2.73 -71.80 9.78
C SER H 185 2.41 -71.13 11.10
N ARG H 186 2.38 -71.89 12.16
CA ARG H 186 2.18 -71.34 13.49
C ARG H 186 3.55 -70.85 13.96
N TYR H 187 3.53 -70.10 15.09
CA TYR H 187 4.72 -69.43 15.58
C TYR H 187 5.18 -69.82 16.95
N ALA H 188 6.46 -69.49 17.20
CA ALA H 188 7.13 -69.69 18.47
C ALA H 188 7.88 -68.39 18.85
N LEU H 189 7.88 -68.06 20.14
CA LEU H 189 8.52 -66.89 20.67
C LEU H 189 9.22 -67.23 21.96
N SER H 190 10.46 -66.70 22.13
CA SER H 190 11.22 -66.90 23.35
C SER H 190 11.64 -65.60 24.03
N SER H 191 11.85 -65.70 25.33
CA SER H 191 12.30 -64.61 26.18
C SER H 191 13.21 -65.17 27.25
N ARG H 192 14.16 -64.36 27.67
CA ARG H 192 15.11 -64.73 28.71
C ARG H 192 14.99 -63.71 29.82
N LEU H 193 15.04 -64.18 31.07
CA LEU H 193 15.10 -63.36 32.27
C LEU H 193 16.32 -63.84 33.10
N ARG H 194 17.34 -62.98 33.21
CA ARG H 194 18.56 -63.27 33.97
C ARG H 194 18.55 -62.56 35.28
N VAL H 195 18.77 -63.34 36.33
CA VAL H 195 18.83 -62.82 37.67
C VAL H 195 20.07 -63.40 38.34
N SER H 196 20.44 -62.89 39.51
CA SER H 196 21.57 -63.44 40.25
C SER H 196 21.17 -64.82 40.82
N ALA H 197 22.17 -65.70 41.03
CA ALA H 197 21.98 -67.04 41.62
C ALA H 197 21.22 -66.84 42.92
N THR H 198 21.70 -65.93 43.80
CA THR H 198 21.11 -65.61 45.11
C THR H 198 19.60 -65.32 45.08
N PHE H 199 19.16 -64.56 44.08
CA PHE H 199 17.75 -64.24 43.87
C PHE H 199 16.97 -65.47 43.38
N TRP H 200 17.61 -66.36 42.60
CA TRP H 200 16.95 -67.59 42.20
C TRP H 200 16.96 -68.60 43.39
N GLN H 201 17.94 -68.50 44.30
CA GLN H 201 18.05 -69.37 45.48
C GLN H 201 16.92 -69.15 46.50
N ASN H 202 16.34 -67.92 46.55
CA ASN H 202 15.25 -67.56 47.47
C ASN H 202 13.93 -68.25 47.02
N PRO H 203 13.40 -69.23 47.81
CA PRO H 203 12.19 -69.94 47.37
C PRO H 203 10.86 -69.18 47.57
N ARG H 204 10.92 -67.96 48.16
CA ARG H 204 9.76 -67.09 48.39
C ARG H 204 9.49 -66.25 47.16
N ASN H 205 10.48 -66.21 46.23
CA ASN H 205 10.36 -65.49 44.96
C ASN H 205 9.56 -66.29 43.94
N HIS H 206 8.55 -65.62 43.32
CA HIS H 206 7.65 -66.14 42.31
C HIS H 206 7.97 -65.45 41.00
N PHE H 207 8.24 -66.25 39.95
CA PHE H 207 8.56 -65.75 38.62
C PHE H 207 7.47 -66.18 37.67
N ARG H 208 6.91 -65.24 36.91
CA ARG H 208 5.86 -65.58 35.97
C ARG H 208 6.07 -64.94 34.61
N CYS H 209 5.96 -65.77 33.59
CA CYS H 209 6.04 -65.34 32.20
C CYS H 209 4.62 -65.18 31.72
N GLN H 210 4.33 -63.99 31.19
CA GLN H 210 3.01 -63.60 30.72
C GLN H 210 2.98 -63.39 29.22
N VAL H 211 1.96 -63.96 28.55
CA VAL H 211 1.78 -63.76 27.11
C VAL H 211 0.36 -63.31 26.79
N GLN H 212 0.23 -62.11 26.23
CA GLN H 212 -1.04 -61.58 25.75
C GLN H 212 -1.13 -62.02 24.29
N PHE H 213 -2.24 -62.65 23.96
CA PHE H 213 -2.55 -63.09 22.59
C PHE H 213 -3.77 -62.30 22.10
N TYR H 214 -3.66 -61.76 20.90
CA TYR H 214 -4.74 -61.03 20.25
C TYR H 214 -5.35 -62.00 19.26
N GLY H 215 -6.58 -62.40 19.57
CA GLY H 215 -7.34 -63.38 18.81
C GLY H 215 -8.73 -62.90 18.41
N LEU H 216 -9.68 -63.84 18.44
CA LEU H 216 -11.08 -63.67 18.09
C LEU H 216 -11.88 -62.83 19.14
N SER H 217 -12.98 -62.20 18.69
CA SER H 217 -13.88 -61.38 19.52
C SER H 217 -15.07 -62.19 20.06
N GLU H 218 -15.99 -61.52 20.80
CA GLU H 218 -17.23 -62.15 21.28
C GLU H 218 -18.20 -62.33 20.09
N ASN H 219 -18.21 -61.34 19.16
CA ASN H 219 -19.03 -61.28 17.96
C ASN H 219 -18.73 -62.40 16.95
N ASP H 220 -17.49 -62.93 16.95
CA ASP H 220 -17.00 -63.98 16.03
C ASP H 220 -17.66 -65.34 16.29
N GLU H 221 -18.19 -65.97 15.23
CA GLU H 221 -18.85 -67.28 15.32
C GLU H 221 -17.80 -68.39 15.45
N TRP H 222 -18.11 -69.46 16.22
CA TRP H 222 -17.18 -70.57 16.39
C TRP H 222 -17.88 -71.92 16.37
N THR H 223 -17.58 -72.70 15.34
CA THR H 223 -18.19 -74.01 15.03
C THR H 223 -17.18 -75.19 15.09
N GLN H 224 -16.43 -75.31 16.21
CA GLN H 224 -15.43 -76.37 16.41
C GLN H 224 -15.41 -76.95 17.82
N ASP H 225 -14.90 -78.19 17.96
CA ASP H 225 -14.80 -78.91 19.24
C ASP H 225 -13.88 -78.20 20.23
N ARG H 226 -12.70 -77.73 19.75
CA ARG H 226 -11.74 -77.02 20.59
C ARG H 226 -12.26 -75.62 20.92
N ALA H 227 -11.86 -75.11 22.11
CA ALA H 227 -12.26 -73.79 22.63
C ALA H 227 -11.97 -72.68 21.66
N LYS H 228 -12.90 -71.70 21.63
CA LYS H 228 -12.81 -70.50 20.81
C LYS H 228 -11.47 -69.77 21.13
N PRO H 229 -10.57 -69.57 20.12
CA PRO H 229 -9.28 -68.91 20.40
C PRO H 229 -9.39 -67.39 20.47
N VAL H 230 -9.98 -66.94 21.57
CA VAL H 230 -10.25 -65.54 21.90
C VAL H 230 -9.02 -64.82 22.42
N THR H 231 -9.07 -63.47 22.42
CA THR H 231 -8.03 -62.61 22.98
C THR H 231 -7.90 -63.04 24.44
N GLN H 232 -6.68 -63.37 24.85
CA GLN H 232 -6.43 -63.90 26.20
C GLN H 232 -4.99 -63.76 26.68
N ILE H 233 -4.81 -64.03 27.99
CA ILE H 233 -3.54 -64.09 28.71
C ILE H 233 -3.22 -65.59 28.95
N VAL H 234 -2.02 -66.03 28.59
CA VAL H 234 -1.55 -67.41 28.84
C VAL H 234 -0.22 -67.26 29.58
N SER H 235 -0.15 -67.79 30.82
CA SER H 235 1.00 -67.68 31.69
C SER H 235 1.56 -69.01 32.14
N ALA H 236 2.80 -69.00 32.59
CA ALA H 236 3.54 -70.12 33.16
C ALA H 236 4.42 -69.54 34.27
N GLU H 237 4.47 -70.22 35.39
CA GLU H 237 5.20 -69.72 36.55
C GLU H 237 6.29 -70.68 37.05
N ALA H 238 7.19 -70.16 37.91
CA ALA H 238 8.31 -70.88 38.54
C ALA H 238 8.71 -70.19 39.82
N TRP H 239 8.92 -70.96 40.89
CA TRP H 239 9.35 -70.45 42.18
C TRP H 239 10.83 -70.80 42.35
N GLY H 240 11.56 -69.94 43.06
CA GLY H 240 12.98 -70.14 43.34
C GLY H 240 13.32 -71.43 44.08
N ARG H 241 14.54 -71.97 43.86
CA ARG H 241 15.03 -73.21 44.47
C ARG H 241 16.54 -73.16 44.78
C4 2LJ I . -1.72 -22.57 -7.76
C6 2LJ I . -0.81 -24.79 -9.53
C7 2LJ I . -0.28 -25.91 -10.41
C8 2LJ I . 1.23 -26.19 -10.40
N1 2LJ I . 0.34 -21.78 -6.07
N3 2LJ I . -1.80 -21.49 -6.91
N5 2LJ I . -0.10 -24.31 -8.56
C4A 2LJ I . -0.48 -23.28 -7.69
O4 2LJ I . -2.62 -22.78 -8.55
C2 2LJ I . -0.82 -21.06 -6.04
O2 2LJ I . -1.01 -20.16 -5.24
C8A 2LJ I . 0.56 -22.89 -6.84
N8 2LJ I . 1.79 -23.52 -6.92
C1' 2LJ I . 3.04 -22.93 -6.46
C2' 2LJ I . 3.52 -23.37 -5.08
O2' 2LJ I . 3.78 -24.77 -5.08
C3' 2LJ I . 2.54 -22.94 -3.97
O3' 2LJ I . 2.14 -21.59 -4.17
C4' 2LJ I . 3.13 -23.06 -2.58
O4' 2LJ I . 2.21 -22.45 -1.67
C5' 2LJ I . 4.48 -22.33 -2.49
O5' 2LJ I . 5.18 -22.67 -1.31
C4 2LJ J . -17.28 34.41 -11.77
C6 2LJ J . -17.87 36.64 -9.81
C7 2LJ J . -18.10 37.64 -8.64
C8 2LJ J . -18.31 37.08 -7.27
N1 2LJ J . -16.83 32.01 -10.38
N3 2LJ J . -17.04 33.19 -12.37
N5 2LJ J . -17.48 35.47 -9.50
C4A 2LJ J . -17.21 34.37 -10.33
O4 2LJ J . -17.62 35.37 -12.45
C2 2LJ J . -16.83 31.98 -11.75
O2 2LJ J . -16.70 30.93 -12.39
C8A 2LJ J . -16.97 33.12 -9.63
N8 2LJ J . -17.03 33.04 -8.22
C1' 2LJ J . -17.15 31.80 -7.47
C2' 2LJ J . -15.83 31.20 -6.89
O2' 2LJ J . -15.19 32.20 -6.08
C3' 2LJ J . -14.92 30.67 -7.99
O3' 2LJ J . -15.67 29.95 -8.96
C4' 2LJ J . -13.76 29.78 -7.53
O4' 2LJ J . -13.10 29.30 -8.70
C5' 2LJ J . -14.25 28.58 -6.71
O5' 2LJ J . -13.21 27.63 -6.51
#